data_1KHX
# 
_entry.id   1KHX 
# 
_audit_conform.dict_name       mmcif_pdbx.dic 
_audit_conform.dict_version    5.399 
_audit_conform.dict_location   http://mmcif.pdb.org/dictionaries/ascii/mmcif_pdbx.dic 
# 
loop_
_database_2.database_id 
_database_2.database_code 
_database_2.pdbx_database_accession 
_database_2.pdbx_DOI 
PDB   1KHX         pdb_00001khx 10.2210/pdb1khx/pdb 
RCSB  RCSB014981   ?            ?                   
WWPDB D_1000014981 ?            ?                   
# 
loop_
_pdbx_audit_revision_history.ordinal 
_pdbx_audit_revision_history.data_content_type 
_pdbx_audit_revision_history.major_revision 
_pdbx_audit_revision_history.minor_revision 
_pdbx_audit_revision_history.revision_date 
1 'Structure model' 1 0 2002-02-06 
2 'Structure model' 1 1 2008-04-27 
3 'Structure model' 1 2 2011-07-13 
4 'Structure model' 1 3 2024-11-20 
# 
_pdbx_audit_revision_details.ordinal             1 
_pdbx_audit_revision_details.revision_ordinal    1 
_pdbx_audit_revision_details.data_content_type   'Structure model' 
_pdbx_audit_revision_details.provider            repository 
_pdbx_audit_revision_details.type                'Initial release' 
_pdbx_audit_revision_details.description         ? 
_pdbx_audit_revision_details.details             ? 
# 
loop_
_pdbx_audit_revision_group.ordinal 
_pdbx_audit_revision_group.revision_ordinal 
_pdbx_audit_revision_group.data_content_type 
_pdbx_audit_revision_group.group 
1 2 'Structure model' 'Version format compliance' 
2 3 'Structure model' 'Derived calculations'      
3 3 'Structure model' 'Version format compliance' 
4 4 'Structure model' 'Data collection'           
5 4 'Structure model' 'Database references'       
6 4 'Structure model' 'Derived calculations'      
7 4 'Structure model' 'Structure summary'         
# 
loop_
_pdbx_audit_revision_category.ordinal 
_pdbx_audit_revision_category.revision_ordinal 
_pdbx_audit_revision_category.data_content_type 
_pdbx_audit_revision_category.category 
1 4 'Structure model' chem_comp_atom            
2 4 'Structure model' chem_comp_bond            
3 4 'Structure model' database_2                
4 4 'Structure model' pdbx_entry_details        
5 4 'Structure model' pdbx_modification_feature 
6 4 'Structure model' struct_conn               
7 4 'Structure model' struct_ref_seq_dif        
# 
loop_
_pdbx_audit_revision_item.ordinal 
_pdbx_audit_revision_item.revision_ordinal 
_pdbx_audit_revision_item.data_content_type 
_pdbx_audit_revision_item.item 
1 4 'Structure model' '_database_2.pdbx_DOI'                
2 4 'Structure model' '_database_2.pdbx_database_accession' 
3 4 'Structure model' '_struct_conn.pdbx_leaving_atom_flag' 
4 4 'Structure model' '_struct_ref_seq_dif.details'         
# 
_pdbx_database_status.status_code                     REL 
_pdbx_database_status.entry_id                        1KHX 
_pdbx_database_status.recvd_initial_deposition_date   2001-12-01 
_pdbx_database_status.deposit_site                    RCSB 
_pdbx_database_status.process_site                    RCSB 
_pdbx_database_status.SG_entry                        . 
_pdbx_database_status.pdb_format_compatible           Y 
_pdbx_database_status.status_code_mr                  ? 
_pdbx_database_status.status_code_sf                  ? 
_pdbx_database_status.status_code_cs                  ? 
_pdbx_database_status.status_code_nmr_data            ? 
_pdbx_database_status.methods_development_category    ? 
# 
_pdbx_database_related.db_name        PDB 
_pdbx_database_related.db_id          1DEV 
_pdbx_database_related.details        . 
_pdbx_database_related.content_type   unspecified 
# 
loop_
_audit_author.name 
_audit_author.pdbx_ordinal 
'Wu, J.-W.'    1  
'Hu, M.'       2  
'Chai, J.'     3  
'Seoane, J.'   4  
'Huse, M.'     5  
'Kyin, S.'     6  
'Muir, T.W.'   7  
'Fairman, R.'  8  
'Massague, J.' 9  
'Shi, Y.'      10 
# 
_citation.id                        primary 
_citation.title                     
;Crystal structure of a phosphorylated Smad2. Recognition of phosphoserine by the MH2 domain and insights on Smad function in TGF-beta signaling.
;
_citation.journal_abbrev            Mol.Cell 
_citation.journal_volume            8 
_citation.page_first                1277 
_citation.page_last                 1289 
_citation.year                      2001 
_citation.journal_id_ASTM           MOCEFL 
_citation.country                   US 
_citation.journal_id_ISSN           1097-2765 
_citation.journal_id_CSD            2168 
_citation.book_publisher            ? 
_citation.pdbx_database_id_PubMed   11779503 
_citation.pdbx_database_id_DOI      '10.1016/S1097-2765(01)00421-X' 
# 
loop_
_citation_author.citation_id 
_citation_author.name 
_citation_author.ordinal 
_citation_author.identifier_ORCID 
primary 'Wu, J.W.'      1  ? 
primary 'Hu, M.'        2  ? 
primary 'Chai, J.'      3  ? 
primary 'Seoane, J.'    4  ? 
primary 'Huse, M.'      5  ? 
primary 'Li, C.'        6  ? 
primary 'Rigotti, D.J.' 7  ? 
primary 'Kyin, S.'      8  ? 
primary 'Muir, T.W.'    9  ? 
primary 'Fairman, R.'   10 ? 
primary 'Massague, J.'  11 ? 
primary 'Shi, Y.'       12 ? 
# 
loop_
_entity.id 
_entity.type 
_entity.src_method 
_entity.pdbx_description 
_entity.formula_weight 
_entity.pdbx_number_of_molecules 
_entity.pdbx_ec 
_entity.pdbx_mutation 
_entity.pdbx_fragment 
_entity.details 
1 polymer man Smad2 25540.670 1   ? ? ? ? 
2 water   nat water 18.015    144 ? ? ? ? 
# 
_entity_poly.entity_id                      1 
_entity_poly.type                           'polypeptide(L)' 
_entity_poly.nstd_linkage                   no 
_entity_poly.nstd_monomer                   yes 
_entity_poly.pdbx_seq_one_letter_code       
;MDTGSPAELSPTTLSPVNHSLDLQPVTYSEPAFWCSIAYYELNQRVGETFHASQPSLTVDGFTDPSNSERFCLGLLSNVN
RNATVEMTRRHIGRGVRLYYIGGEVFAECLSDSAIFVQSPNCNQRYGWHPATVCKIPPGCNLKIFNNQEFAALLAQSVNQ
GFEAVYQLTRMCTIRMSFVKGWGAEYRRQTVTSTPCWIELHLNGPLQWLDKVLTQMGSPSVRCS(SEP)M(SEP)
;
_entity_poly.pdbx_seq_one_letter_code_can   
;MDTGSPAELSPTTLSPVNHSLDLQPVTYSEPAFWCSIAYYELNQRVGETFHASQPSLTVDGFTDPSNSERFCLGLLSNVN
RNATVEMTRRHIGRGVRLYYIGGEVFAECLSDSAIFVQSPNCNQRYGWHPATVCKIPPGCNLKIFNNQEFAALLAQSVNQ
GFEAVYQLTRMCTIRMSFVKGWGAEYRRQTVTSTPCWIELHLNGPLQWLDKVLTQMGSPSVRCSSMS
;
_entity_poly.pdbx_strand_id                 A 
_entity_poly.pdbx_target_identifier         ? 
# 
_pdbx_entity_nonpoly.entity_id   2 
_pdbx_entity_nonpoly.name        water 
_pdbx_entity_nonpoly.comp_id     HOH 
# 
loop_
_entity_poly_seq.entity_id 
_entity_poly_seq.num 
_entity_poly_seq.mon_id 
_entity_poly_seq.hetero 
1 1   MET n 
1 2   ASP n 
1 3   THR n 
1 4   GLY n 
1 5   SER n 
1 6   PRO n 
1 7   ALA n 
1 8   GLU n 
1 9   LEU n 
1 10  SER n 
1 11  PRO n 
1 12  THR n 
1 13  THR n 
1 14  LEU n 
1 15  SER n 
1 16  PRO n 
1 17  VAL n 
1 18  ASN n 
1 19  HIS n 
1 20  SER n 
1 21  LEU n 
1 22  ASP n 
1 23  LEU n 
1 24  GLN n 
1 25  PRO n 
1 26  VAL n 
1 27  THR n 
1 28  TYR n 
1 29  SER n 
1 30  GLU n 
1 31  PRO n 
1 32  ALA n 
1 33  PHE n 
1 34  TRP n 
1 35  CYS n 
1 36  SER n 
1 37  ILE n 
1 38  ALA n 
1 39  TYR n 
1 40  TYR n 
1 41  GLU n 
1 42  LEU n 
1 43  ASN n 
1 44  GLN n 
1 45  ARG n 
1 46  VAL n 
1 47  GLY n 
1 48  GLU n 
1 49  THR n 
1 50  PHE n 
1 51  HIS n 
1 52  ALA n 
1 53  SER n 
1 54  GLN n 
1 55  PRO n 
1 56  SER n 
1 57  LEU n 
1 58  THR n 
1 59  VAL n 
1 60  ASP n 
1 61  GLY n 
1 62  PHE n 
1 63  THR n 
1 64  ASP n 
1 65  PRO n 
1 66  SER n 
1 67  ASN n 
1 68  SER n 
1 69  GLU n 
1 70  ARG n 
1 71  PHE n 
1 72  CYS n 
1 73  LEU n 
1 74  GLY n 
1 75  LEU n 
1 76  LEU n 
1 77  SER n 
1 78  ASN n 
1 79  VAL n 
1 80  ASN n 
1 81  ARG n 
1 82  ASN n 
1 83  ALA n 
1 84  THR n 
1 85  VAL n 
1 86  GLU n 
1 87  MET n 
1 88  THR n 
1 89  ARG n 
1 90  ARG n 
1 91  HIS n 
1 92  ILE n 
1 93  GLY n 
1 94  ARG n 
1 95  GLY n 
1 96  VAL n 
1 97  ARG n 
1 98  LEU n 
1 99  TYR n 
1 100 TYR n 
1 101 ILE n 
1 102 GLY n 
1 103 GLY n 
1 104 GLU n 
1 105 VAL n 
1 106 PHE n 
1 107 ALA n 
1 108 GLU n 
1 109 CYS n 
1 110 LEU n 
1 111 SER n 
1 112 ASP n 
1 113 SER n 
1 114 ALA n 
1 115 ILE n 
1 116 PHE n 
1 117 VAL n 
1 118 GLN n 
1 119 SER n 
1 120 PRO n 
1 121 ASN n 
1 122 CYS n 
1 123 ASN n 
1 124 GLN n 
1 125 ARG n 
1 126 TYR n 
1 127 GLY n 
1 128 TRP n 
1 129 HIS n 
1 130 PRO n 
1 131 ALA n 
1 132 THR n 
1 133 VAL n 
1 134 CYS n 
1 135 LYS n 
1 136 ILE n 
1 137 PRO n 
1 138 PRO n 
1 139 GLY n 
1 140 CYS n 
1 141 ASN n 
1 142 LEU n 
1 143 LYS n 
1 144 ILE n 
1 145 PHE n 
1 146 ASN n 
1 147 ASN n 
1 148 GLN n 
1 149 GLU n 
1 150 PHE n 
1 151 ALA n 
1 152 ALA n 
1 153 LEU n 
1 154 LEU n 
1 155 ALA n 
1 156 GLN n 
1 157 SER n 
1 158 VAL n 
1 159 ASN n 
1 160 GLN n 
1 161 GLY n 
1 162 PHE n 
1 163 GLU n 
1 164 ALA n 
1 165 VAL n 
1 166 TYR n 
1 167 GLN n 
1 168 LEU n 
1 169 THR n 
1 170 ARG n 
1 171 MET n 
1 172 CYS n 
1 173 THR n 
1 174 ILE n 
1 175 ARG n 
1 176 MET n 
1 177 SER n 
1 178 PHE n 
1 179 VAL n 
1 180 LYS n 
1 181 GLY n 
1 182 TRP n 
1 183 GLY n 
1 184 ALA n 
1 185 GLU n 
1 186 TYR n 
1 187 ARG n 
1 188 ARG n 
1 189 GLN n 
1 190 THR n 
1 191 VAL n 
1 192 THR n 
1 193 SER n 
1 194 THR n 
1 195 PRO n 
1 196 CYS n 
1 197 TRP n 
1 198 ILE n 
1 199 GLU n 
1 200 LEU n 
1 201 HIS n 
1 202 LEU n 
1 203 ASN n 
1 204 GLY n 
1 205 PRO n 
1 206 LEU n 
1 207 GLN n 
1 208 TRP n 
1 209 LEU n 
1 210 ASP n 
1 211 LYS n 
1 212 VAL n 
1 213 LEU n 
1 214 THR n 
1 215 GLN n 
1 216 MET n 
1 217 GLY n 
1 218 SER n 
1 219 PRO n 
1 220 SER n 
1 221 VAL n 
1 222 ARG n 
1 223 CYS n 
1 224 SER n 
1 225 SEP n 
1 226 MET n 
1 227 SEP n 
# 
_entity_src_gen.entity_id                          1 
_entity_src_gen.pdbx_src_id                        1 
_entity_src_gen.pdbx_alt_source_flag               sample 
_entity_src_gen.pdbx_seq_type                      ? 
_entity_src_gen.pdbx_beg_seq_num                   ? 
_entity_src_gen.pdbx_end_seq_num                   ? 
_entity_src_gen.gene_src_common_name               human 
_entity_src_gen.gene_src_genus                     Homo 
_entity_src_gen.pdbx_gene_src_gene                 ? 
_entity_src_gen.gene_src_species                   ? 
_entity_src_gen.gene_src_strain                    ? 
_entity_src_gen.gene_src_tissue                    ? 
_entity_src_gen.gene_src_tissue_fraction           ? 
_entity_src_gen.gene_src_details                   ? 
_entity_src_gen.pdbx_gene_src_fragment             ? 
_entity_src_gen.pdbx_gene_src_scientific_name      'Homo sapiens' 
_entity_src_gen.pdbx_gene_src_ncbi_taxonomy_id     9606 
_entity_src_gen.pdbx_gene_src_variant              ? 
_entity_src_gen.pdbx_gene_src_cell_line            ? 
_entity_src_gen.pdbx_gene_src_atcc                 ? 
_entity_src_gen.pdbx_gene_src_organ                ? 
_entity_src_gen.pdbx_gene_src_organelle            ? 
_entity_src_gen.pdbx_gene_src_cell                 ? 
_entity_src_gen.pdbx_gene_src_cellular_location    ? 
_entity_src_gen.host_org_common_name               ? 
_entity_src_gen.pdbx_host_org_scientific_name      'Escherichia coli' 
_entity_src_gen.pdbx_host_org_ncbi_taxonomy_id     562 
_entity_src_gen.host_org_genus                     Escherichia 
_entity_src_gen.pdbx_host_org_gene                 ? 
_entity_src_gen.pdbx_host_org_organ                ? 
_entity_src_gen.host_org_species                   ? 
_entity_src_gen.pdbx_host_org_tissue               ? 
_entity_src_gen.pdbx_host_org_tissue_fraction      ? 
_entity_src_gen.pdbx_host_org_strain               ? 
_entity_src_gen.pdbx_host_org_variant              ? 
_entity_src_gen.pdbx_host_org_cell_line            ? 
_entity_src_gen.pdbx_host_org_atcc                 ? 
_entity_src_gen.pdbx_host_org_culture_collection   ? 
_entity_src_gen.pdbx_host_org_cell                 ? 
_entity_src_gen.pdbx_host_org_organelle            ? 
_entity_src_gen.pdbx_host_org_cellular_location    ? 
_entity_src_gen.pdbx_host_org_vector_type          ? 
_entity_src_gen.pdbx_host_org_vector               ? 
_entity_src_gen.host_org_details                   ? 
_entity_src_gen.expression_system_id               ? 
_entity_src_gen.plasmid_name                       ? 
_entity_src_gen.plasmid_details                    ? 
_entity_src_gen.pdbx_description                   ? 
# 
loop_
_chem_comp.id 
_chem_comp.type 
_chem_comp.mon_nstd_flag 
_chem_comp.name 
_chem_comp.pdbx_synonyms 
_chem_comp.formula 
_chem_comp.formula_weight 
ALA 'L-peptide linking' y ALANINE         ?               'C3 H7 N O2'     89.093  
ARG 'L-peptide linking' y ARGININE        ?               'C6 H15 N4 O2 1' 175.209 
ASN 'L-peptide linking' y ASPARAGINE      ?               'C4 H8 N2 O3'    132.118 
ASP 'L-peptide linking' y 'ASPARTIC ACID' ?               'C4 H7 N O4'     133.103 
CYS 'L-peptide linking' y CYSTEINE        ?               'C3 H7 N O2 S'   121.158 
GLN 'L-peptide linking' y GLUTAMINE       ?               'C5 H10 N2 O3'   146.144 
GLU 'L-peptide linking' y 'GLUTAMIC ACID' ?               'C5 H9 N O4'     147.129 
GLY 'peptide linking'   y GLYCINE         ?               'C2 H5 N O2'     75.067  
HIS 'L-peptide linking' y HISTIDINE       ?               'C6 H10 N3 O2 1' 156.162 
HOH non-polymer         . WATER           ?               'H2 O'           18.015  
ILE 'L-peptide linking' y ISOLEUCINE      ?               'C6 H13 N O2'    131.173 
LEU 'L-peptide linking' y LEUCINE         ?               'C6 H13 N O2'    131.173 
LYS 'L-peptide linking' y LYSINE          ?               'C6 H15 N2 O2 1' 147.195 
MET 'L-peptide linking' y METHIONINE      ?               'C5 H11 N O2 S'  149.211 
PHE 'L-peptide linking' y PHENYLALANINE   ?               'C9 H11 N O2'    165.189 
PRO 'L-peptide linking' y PROLINE         ?               'C5 H9 N O2'     115.130 
SEP 'L-peptide linking' n PHOSPHOSERINE   PHOSPHONOSERINE 'C3 H8 N O6 P'   185.072 
SER 'L-peptide linking' y SERINE          ?               'C3 H7 N O3'     105.093 
THR 'L-peptide linking' y THREONINE       ?               'C4 H9 N O3'     119.119 
TRP 'L-peptide linking' y TRYPTOPHAN      ?               'C11 H12 N2 O2'  204.225 
TYR 'L-peptide linking' y TYROSINE        ?               'C9 H11 N O3'    181.189 
VAL 'L-peptide linking' y VALINE          ?               'C5 H11 N O2'    117.146 
# 
loop_
_pdbx_poly_seq_scheme.asym_id 
_pdbx_poly_seq_scheme.entity_id 
_pdbx_poly_seq_scheme.seq_id 
_pdbx_poly_seq_scheme.mon_id 
_pdbx_poly_seq_scheme.ndb_seq_num 
_pdbx_poly_seq_scheme.pdb_seq_num 
_pdbx_poly_seq_scheme.auth_seq_num 
_pdbx_poly_seq_scheme.pdb_mon_id 
_pdbx_poly_seq_scheme.auth_mon_id 
_pdbx_poly_seq_scheme.pdb_strand_id 
_pdbx_poly_seq_scheme.pdb_ins_code 
_pdbx_poly_seq_scheme.hetero 
A 1 1   MET 1   241 ?   ?   ?   A . n 
A 1 2   ASP 2   242 ?   ?   ?   A . n 
A 1 3   THR 3   243 ?   ?   ?   A . n 
A 1 4   GLY 4   244 ?   ?   ?   A . n 
A 1 5   SER 5   245 ?   ?   ?   A . n 
A 1 6   PRO 6   246 ?   ?   ?   A . n 
A 1 7   ALA 7   247 ?   ?   ?   A . n 
A 1 8   GLU 8   248 ?   ?   ?   A . n 
A 1 9   LEU 9   249 ?   ?   ?   A . n 
A 1 10  SER 10  250 ?   ?   ?   A . n 
A 1 11  PRO 11  251 ?   ?   ?   A . n 
A 1 12  THR 12  252 ?   ?   ?   A . n 
A 1 13  THR 13  253 ?   ?   ?   A . n 
A 1 14  LEU 14  254 ?   ?   ?   A . n 
A 1 15  SER 15  255 ?   ?   ?   A . n 
A 1 16  PRO 16  256 ?   ?   ?   A . n 
A 1 17  VAL 17  257 ?   ?   ?   A . n 
A 1 18  ASN 18  258 ?   ?   ?   A . n 
A 1 19  HIS 19  259 ?   ?   ?   A . n 
A 1 20  SER 20  260 ?   ?   ?   A . n 
A 1 21  LEU 21  261 ?   ?   ?   A . n 
A 1 22  ASP 22  262 ?   ?   ?   A . n 
A 1 23  LEU 23  263 ?   ?   ?   A . n 
A 1 24  GLN 24  264 ?   ?   ?   A . n 
A 1 25  PRO 25  265 265 PRO PRO A . n 
A 1 26  VAL 26  266 266 VAL VAL A . n 
A 1 27  THR 27  267 267 THR THR A . n 
A 1 28  TYR 28  268 268 TYR TYR A . n 
A 1 29  SER 29  269 269 SER SER A . n 
A 1 30  GLU 30  270 270 GLU GLU A . n 
A 1 31  PRO 31  271 271 PRO PRO A . n 
A 1 32  ALA 32  272 272 ALA ALA A . n 
A 1 33  PHE 33  273 273 PHE PHE A . n 
A 1 34  TRP 34  274 274 TRP TRP A . n 
A 1 35  CYS 35  275 275 CYS CYS A . n 
A 1 36  SER 36  276 276 SER SER A . n 
A 1 37  ILE 37  277 277 ILE ILE A . n 
A 1 38  ALA 38  278 278 ALA ALA A . n 
A 1 39  TYR 39  279 279 TYR TYR A . n 
A 1 40  TYR 40  280 280 TYR TYR A . n 
A 1 41  GLU 41  281 281 GLU GLU A . n 
A 1 42  LEU 42  282 282 LEU LEU A . n 
A 1 43  ASN 43  283 283 ASN ASN A . n 
A 1 44  GLN 44  284 284 GLN GLN A . n 
A 1 45  ARG 45  285 285 ARG ARG A . n 
A 1 46  VAL 46  286 286 VAL VAL A . n 
A 1 47  GLY 47  287 287 GLY GLY A . n 
A 1 48  GLU 48  288 288 GLU GLU A . n 
A 1 49  THR 49  289 289 THR THR A . n 
A 1 50  PHE 50  290 290 PHE PHE A . n 
A 1 51  HIS 51  291 291 HIS HIS A . n 
A 1 52  ALA 52  292 292 ALA ALA A . n 
A 1 53  SER 53  293 293 SER SER A . n 
A 1 54  GLN 54  294 294 GLN GLN A . n 
A 1 55  PRO 55  295 295 PRO PRO A . n 
A 1 56  SER 56  296 296 SER SER A . n 
A 1 57  LEU 57  297 297 LEU LEU A . n 
A 1 58  THR 58  298 298 THR THR A . n 
A 1 59  VAL 59  299 299 VAL VAL A . n 
A 1 60  ASP 60  300 300 ASP ASP A . n 
A 1 61  GLY 61  301 301 GLY GLY A . n 
A 1 62  PHE 62  302 302 PHE PHE A . n 
A 1 63  THR 63  303 303 THR THR A . n 
A 1 64  ASP 64  304 304 ASP ASP A . n 
A 1 65  PRO 65  305 305 PRO PRO A . n 
A 1 66  SER 66  306 306 SER SER A . n 
A 1 67  ASN 67  307 307 ASN ASN A . n 
A 1 68  SER 68  308 308 SER SER A . n 
A 1 69  GLU 69  309 309 GLU GLU A . n 
A 1 70  ARG 70  310 310 ARG ARG A . n 
A 1 71  PHE 71  311 311 PHE PHE A . n 
A 1 72  CYS 72  312 312 CYS CYS A . n 
A 1 73  LEU 73  313 313 LEU LEU A . n 
A 1 74  GLY 74  314 314 GLY GLY A . n 
A 1 75  LEU 75  315 315 LEU LEU A . n 
A 1 76  LEU 76  316 316 LEU LEU A . n 
A 1 77  SER 77  317 317 SER SER A . n 
A 1 78  ASN 78  318 318 ASN ASN A . n 
A 1 79  VAL 79  319 319 VAL VAL A . n 
A 1 80  ASN 80  320 320 ASN ASN A . n 
A 1 81  ARG 81  321 321 ARG ARG A . n 
A 1 82  ASN 82  322 322 ASN ASN A . n 
A 1 83  ALA 83  323 323 ALA ALA A . n 
A 1 84  THR 84  324 324 THR THR A . n 
A 1 85  VAL 85  325 325 VAL VAL A . n 
A 1 86  GLU 86  326 326 GLU GLU A . n 
A 1 87  MET 87  327 327 MET MET A . n 
A 1 88  THR 88  328 328 THR THR A . n 
A 1 89  ARG 89  329 329 ARG ARG A . n 
A 1 90  ARG 90  330 330 ARG ARG A . n 
A 1 91  HIS 91  331 331 HIS HIS A . n 
A 1 92  ILE 92  332 332 ILE ILE A . n 
A 1 93  GLY 93  333 333 GLY GLY A . n 
A 1 94  ARG 94  334 334 ARG ARG A . n 
A 1 95  GLY 95  335 335 GLY GLY A . n 
A 1 96  VAL 96  336 336 VAL VAL A . n 
A 1 97  ARG 97  337 337 ARG ARG A . n 
A 1 98  LEU 98  338 338 LEU LEU A . n 
A 1 99  TYR 99  339 339 TYR TYR A . n 
A 1 100 TYR 100 340 340 TYR TYR A . n 
A 1 101 ILE 101 341 341 ILE ILE A . n 
A 1 102 GLY 102 342 342 GLY GLY A . n 
A 1 103 GLY 103 343 343 GLY GLY A . n 
A 1 104 GLU 104 344 344 GLU GLU A . n 
A 1 105 VAL 105 345 345 VAL VAL A . n 
A 1 106 PHE 106 346 346 PHE PHE A . n 
A 1 107 ALA 107 347 347 ALA ALA A . n 
A 1 108 GLU 108 348 348 GLU GLU A . n 
A 1 109 CYS 109 349 349 CYS CYS A . n 
A 1 110 LEU 110 350 350 LEU LEU A . n 
A 1 111 SER 111 351 351 SER SER A . n 
A 1 112 ASP 112 352 352 ASP ASP A . n 
A 1 113 SER 113 353 353 SER SER A . n 
A 1 114 ALA 114 354 354 ALA ALA A . n 
A 1 115 ILE 115 355 355 ILE ILE A . n 
A 1 116 PHE 116 356 356 PHE PHE A . n 
A 1 117 VAL 117 357 357 VAL VAL A . n 
A 1 118 GLN 118 358 358 GLN GLN A . n 
A 1 119 SER 119 359 359 SER SER A . n 
A 1 120 PRO 120 360 360 PRO PRO A . n 
A 1 121 ASN 121 361 361 ASN ASN A . n 
A 1 122 CYS 122 362 362 CYS CYS A . n 
A 1 123 ASN 123 363 363 ASN ASN A . n 
A 1 124 GLN 124 364 364 GLN GLN A . n 
A 1 125 ARG 125 365 365 ARG ARG A . n 
A 1 126 TYR 126 366 366 TYR TYR A . n 
A 1 127 GLY 127 367 367 GLY GLY A . n 
A 1 128 TRP 128 368 368 TRP TRP A . n 
A 1 129 HIS 129 369 369 HIS HIS A . n 
A 1 130 PRO 130 370 370 PRO PRO A . n 
A 1 131 ALA 131 371 371 ALA ALA A . n 
A 1 132 THR 132 372 372 THR THR A . n 
A 1 133 VAL 133 373 373 VAL VAL A . n 
A 1 134 CYS 134 374 374 CYS CYS A . n 
A 1 135 LYS 135 375 375 LYS LYS A . n 
A 1 136 ILE 136 376 376 ILE ILE A . n 
A 1 137 PRO 137 377 377 PRO PRO A . n 
A 1 138 PRO 138 378 378 PRO PRO A . n 
A 1 139 GLY 139 379 379 GLY GLY A . n 
A 1 140 CYS 140 380 380 CYS CYS A . n 
A 1 141 ASN 141 381 381 ASN ASN A . n 
A 1 142 LEU 142 382 382 LEU LEU A . n 
A 1 143 LYS 143 383 383 LYS LYS A . n 
A 1 144 ILE 144 384 384 ILE ILE A . n 
A 1 145 PHE 145 385 385 PHE PHE A . n 
A 1 146 ASN 146 386 386 ASN ASN A . n 
A 1 147 ASN 147 387 387 ASN ASN A . n 
A 1 148 GLN 148 388 388 GLN GLN A . n 
A 1 149 GLU 149 389 389 GLU GLU A . n 
A 1 150 PHE 150 390 390 PHE PHE A . n 
A 1 151 ALA 151 391 391 ALA ALA A . n 
A 1 152 ALA 152 392 392 ALA ALA A . n 
A 1 153 LEU 153 393 393 LEU LEU A . n 
A 1 154 LEU 154 394 394 LEU LEU A . n 
A 1 155 ALA 155 395 395 ALA ALA A . n 
A 1 156 GLN 156 396 396 GLN GLN A . n 
A 1 157 SER 157 397 397 SER SER A . n 
A 1 158 VAL 158 398 398 VAL VAL A . n 
A 1 159 ASN 159 399 399 ASN ASN A . n 
A 1 160 GLN 160 400 400 GLN GLN A . n 
A 1 161 GLY 161 401 401 GLY GLY A . n 
A 1 162 PHE 162 402 402 PHE PHE A . n 
A 1 163 GLU 163 403 403 GLU GLU A . n 
A 1 164 ALA 164 404 404 ALA ALA A . n 
A 1 165 VAL 165 405 405 VAL VAL A . n 
A 1 166 TYR 166 406 406 TYR TYR A . n 
A 1 167 GLN 167 407 407 GLN GLN A . n 
A 1 168 LEU 168 408 408 LEU LEU A . n 
A 1 169 THR 169 409 409 THR THR A . n 
A 1 170 ARG 170 410 410 ARG ARG A . n 
A 1 171 MET 171 411 411 MET MET A . n 
A 1 172 CYS 172 412 412 CYS CYS A . n 
A 1 173 THR 173 413 413 THR THR A . n 
A 1 174 ILE 174 414 414 ILE ILE A . n 
A 1 175 ARG 175 415 415 ARG ARG A . n 
A 1 176 MET 176 416 416 MET MET A . n 
A 1 177 SER 177 417 417 SER SER A . n 
A 1 178 PHE 178 418 418 PHE PHE A . n 
A 1 179 VAL 179 419 419 VAL VAL A . n 
A 1 180 LYS 180 420 420 LYS LYS A . n 
A 1 181 GLY 181 421 421 GLY GLY A . n 
A 1 182 TRP 182 422 422 TRP TRP A . n 
A 1 183 GLY 183 423 423 GLY GLY A . n 
A 1 184 ALA 184 424 424 ALA ALA A . n 
A 1 185 GLU 185 425 425 GLU GLU A . n 
A 1 186 TYR 186 426 426 TYR TYR A . n 
A 1 187 ARG 187 427 427 ARG ARG A . n 
A 1 188 ARG 188 428 428 ARG ARG A . n 
A 1 189 GLN 189 429 429 GLN GLN A . n 
A 1 190 THR 190 430 430 THR THR A . n 
A 1 191 VAL 191 431 431 VAL VAL A . n 
A 1 192 THR 192 432 432 THR THR A . n 
A 1 193 SER 193 433 433 SER SER A . n 
A 1 194 THR 194 434 434 THR THR A . n 
A 1 195 PRO 195 435 435 PRO PRO A . n 
A 1 196 CYS 196 436 436 CYS CYS A . n 
A 1 197 TRP 197 437 437 TRP TRP A . n 
A 1 198 ILE 198 438 438 ILE ILE A . n 
A 1 199 GLU 199 439 439 GLU GLU A . n 
A 1 200 LEU 200 440 440 LEU LEU A . n 
A 1 201 HIS 201 441 441 HIS HIS A . n 
A 1 202 LEU 202 442 442 LEU LEU A . n 
A 1 203 ASN 203 443 443 ASN ASN A . n 
A 1 204 GLY 204 444 444 GLY GLY A . n 
A 1 205 PRO 205 445 445 PRO PRO A . n 
A 1 206 LEU 206 446 446 LEU LEU A . n 
A 1 207 GLN 207 447 447 GLN GLN A . n 
A 1 208 TRP 208 448 448 TRP TRP A . n 
A 1 209 LEU 209 449 449 LEU LEU A . n 
A 1 210 ASP 210 450 450 ASP ASP A . n 
A 1 211 LYS 211 451 451 LYS LYS A . n 
A 1 212 VAL 212 452 452 VAL VAL A . n 
A 1 213 LEU 213 453 453 LEU LEU A . n 
A 1 214 THR 214 454 454 THR THR A . n 
A 1 215 GLN 215 455 455 GLN GLN A . n 
A 1 216 MET 216 456 456 MET MET A . n 
A 1 217 GLY 217 457 457 GLY GLY A . n 
A 1 218 SER 218 458 458 SER SER A . n 
A 1 219 PRO 219 459 459 PRO PRO A . n 
A 1 220 SER 220 460 460 SER SER A . n 
A 1 221 VAL 221 461 461 VAL VAL A . n 
A 1 222 ARG 222 462 462 ARG ARG A . n 
A 1 223 CYS 223 463 463 CYS CYS A . n 
A 1 224 SER 224 464 464 SER SER A . n 
A 1 225 SEP 225 465 465 SEP SEP A . n 
A 1 226 MET 226 466 466 MET MET A . n 
A 1 227 SEP 227 467 467 SEP SEP A . n 
# 
loop_
_pdbx_nonpoly_scheme.asym_id 
_pdbx_nonpoly_scheme.entity_id 
_pdbx_nonpoly_scheme.mon_id 
_pdbx_nonpoly_scheme.ndb_seq_num 
_pdbx_nonpoly_scheme.pdb_seq_num 
_pdbx_nonpoly_scheme.auth_seq_num 
_pdbx_nonpoly_scheme.pdb_mon_id 
_pdbx_nonpoly_scheme.auth_mon_id 
_pdbx_nonpoly_scheme.pdb_strand_id 
_pdbx_nonpoly_scheme.pdb_ins_code 
B 2 HOH 1   501 501 HOH WAT A . 
B 2 HOH 2   502 502 HOH WAT A . 
B 2 HOH 3   503 503 HOH WAT A . 
B 2 HOH 4   504 504 HOH WAT A . 
B 2 HOH 5   505 505 HOH WAT A . 
B 2 HOH 6   506 506 HOH WAT A . 
B 2 HOH 7   507 507 HOH WAT A . 
B 2 HOH 8   508 508 HOH WAT A . 
B 2 HOH 9   509 509 HOH WAT A . 
B 2 HOH 10  510 510 HOH WAT A . 
B 2 HOH 11  511 511 HOH WAT A . 
B 2 HOH 12  512 512 HOH WAT A . 
B 2 HOH 13  513 513 HOH WAT A . 
B 2 HOH 14  514 514 HOH WAT A . 
B 2 HOH 15  515 515 HOH WAT A . 
B 2 HOH 16  516 516 HOH WAT A . 
B 2 HOH 17  517 517 HOH WAT A . 
B 2 HOH 18  518 518 HOH WAT A . 
B 2 HOH 19  519 519 HOH WAT A . 
B 2 HOH 20  520 520 HOH WAT A . 
B 2 HOH 21  521 521 HOH WAT A . 
B 2 HOH 22  522 522 HOH WAT A . 
B 2 HOH 23  523 523 HOH WAT A . 
B 2 HOH 24  524 524 HOH WAT A . 
B 2 HOH 25  525 525 HOH WAT A . 
B 2 HOH 26  526 526 HOH WAT A . 
B 2 HOH 27  527 527 HOH WAT A . 
B 2 HOH 28  528 528 HOH WAT A . 
B 2 HOH 29  529 529 HOH WAT A . 
B 2 HOH 30  530 530 HOH WAT A . 
B 2 HOH 31  531 531 HOH WAT A . 
B 2 HOH 32  532 532 HOH WAT A . 
B 2 HOH 33  533 533 HOH WAT A . 
B 2 HOH 34  534 534 HOH WAT A . 
B 2 HOH 35  535 535 HOH WAT A . 
B 2 HOH 36  536 536 HOH WAT A . 
B 2 HOH 37  537 537 HOH WAT A . 
B 2 HOH 38  538 538 HOH WAT A . 
B 2 HOH 39  539 539 HOH WAT A . 
B 2 HOH 40  540 540 HOH WAT A . 
B 2 HOH 41  541 541 HOH WAT A . 
B 2 HOH 42  542 542 HOH WAT A . 
B 2 HOH 43  543 543 HOH WAT A . 
B 2 HOH 44  544 544 HOH WAT A . 
B 2 HOH 45  545 545 HOH WAT A . 
B 2 HOH 46  546 546 HOH WAT A . 
B 2 HOH 47  547 547 HOH WAT A . 
B 2 HOH 48  548 548 HOH WAT A . 
B 2 HOH 49  549 549 HOH WAT A . 
B 2 HOH 50  550 550 HOH WAT A . 
B 2 HOH 51  551 551 HOH WAT A . 
B 2 HOH 52  552 552 HOH WAT A . 
B 2 HOH 53  553 553 HOH WAT A . 
B 2 HOH 54  554 554 HOH WAT A . 
B 2 HOH 55  555 555 HOH WAT A . 
B 2 HOH 56  556 556 HOH WAT A . 
B 2 HOH 57  557 557 HOH WAT A . 
B 2 HOH 58  558 558 HOH WAT A . 
B 2 HOH 59  559 559 HOH WAT A . 
B 2 HOH 60  560 560 HOH WAT A . 
B 2 HOH 61  561 561 HOH WAT A . 
B 2 HOH 62  562 562 HOH WAT A . 
B 2 HOH 63  563 563 HOH WAT A . 
B 2 HOH 64  564 564 HOH WAT A . 
B 2 HOH 65  565 565 HOH WAT A . 
B 2 HOH 66  566 566 HOH WAT A . 
B 2 HOH 67  567 567 HOH WAT A . 
B 2 HOH 68  568 568 HOH WAT A . 
B 2 HOH 69  569 569 HOH WAT A . 
B 2 HOH 70  570 570 HOH WAT A . 
B 2 HOH 71  571 571 HOH WAT A . 
B 2 HOH 72  572 572 HOH WAT A . 
B 2 HOH 73  573 573 HOH WAT A . 
B 2 HOH 74  574 574 HOH WAT A . 
B 2 HOH 75  575 575 HOH WAT A . 
B 2 HOH 76  576 576 HOH WAT A . 
B 2 HOH 77  577 577 HOH WAT A . 
B 2 HOH 78  578 578 HOH WAT A . 
B 2 HOH 79  579 579 HOH WAT A . 
B 2 HOH 80  580 580 HOH WAT A . 
B 2 HOH 81  581 581 HOH WAT A . 
B 2 HOH 82  582 582 HOH WAT A . 
B 2 HOH 83  583 583 HOH WAT A . 
B 2 HOH 84  584 584 HOH WAT A . 
B 2 HOH 85  585 585 HOH WAT A . 
B 2 HOH 86  586 586 HOH WAT A . 
B 2 HOH 87  587 587 HOH WAT A . 
B 2 HOH 88  588 588 HOH WAT A . 
B 2 HOH 89  589 589 HOH WAT A . 
B 2 HOH 90  590 590 HOH WAT A . 
B 2 HOH 91  591 591 HOH WAT A . 
B 2 HOH 92  592 592 HOH WAT A . 
B 2 HOH 93  593 593 HOH WAT A . 
B 2 HOH 94  594 594 HOH WAT A . 
B 2 HOH 95  595 595 HOH WAT A . 
B 2 HOH 96  596 596 HOH WAT A . 
B 2 HOH 97  597 597 HOH WAT A . 
B 2 HOH 98  598 598 HOH WAT A . 
B 2 HOH 99  599 599 HOH WAT A . 
B 2 HOH 100 600 600 HOH WAT A . 
B 2 HOH 101 601 601 HOH WAT A . 
B 2 HOH 102 602 602 HOH WAT A . 
B 2 HOH 103 603 603 HOH WAT A . 
B 2 HOH 104 604 604 HOH WAT A . 
B 2 HOH 105 605 605 HOH WAT A . 
B 2 HOH 106 606 606 HOH WAT A . 
B 2 HOH 107 607 607 HOH WAT A . 
B 2 HOH 108 608 608 HOH WAT A . 
B 2 HOH 109 609 609 HOH WAT A . 
B 2 HOH 110 610 610 HOH WAT A . 
B 2 HOH 111 611 611 HOH WAT A . 
B 2 HOH 112 612 612 HOH WAT A . 
B 2 HOH 113 613 613 HOH WAT A . 
B 2 HOH 114 614 614 HOH WAT A . 
B 2 HOH 115 615 615 HOH WAT A . 
B 2 HOH 116 616 616 HOH WAT A . 
B 2 HOH 117 617 617 HOH WAT A . 
B 2 HOH 118 618 618 HOH WAT A . 
B 2 HOH 119 619 619 HOH WAT A . 
B 2 HOH 120 620 620 HOH WAT A . 
B 2 HOH 121 621 621 HOH WAT A . 
B 2 HOH 122 622 622 HOH WAT A . 
B 2 HOH 123 623 623 HOH WAT A . 
B 2 HOH 124 624 624 HOH WAT A . 
B 2 HOH 125 625 625 HOH WAT A . 
B 2 HOH 126 626 626 HOH WAT A . 
B 2 HOH 127 627 627 HOH WAT A . 
B 2 HOH 128 628 628 HOH WAT A . 
B 2 HOH 129 629 629 HOH WAT A . 
B 2 HOH 130 630 630 HOH WAT A . 
B 2 HOH 131 631 631 HOH WAT A . 
B 2 HOH 132 632 632 HOH WAT A . 
B 2 HOH 133 633 633 HOH WAT A . 
B 2 HOH 134 634 634 HOH WAT A . 
B 2 HOH 135 635 635 HOH WAT A . 
B 2 HOH 136 636 636 HOH WAT A . 
B 2 HOH 137 637 637 HOH WAT A . 
B 2 HOH 138 638 638 HOH WAT A . 
B 2 HOH 139 639 639 HOH WAT A . 
B 2 HOH 140 640 640 HOH WAT A . 
B 2 HOH 141 641 641 HOH WAT A . 
B 2 HOH 142 642 642 HOH WAT A . 
B 2 HOH 143 643 643 HOH WAT A . 
B 2 HOH 144 644 644 HOH WAT A . 
# 
loop_
_software.name 
_software.classification 
_software.version 
_software.citation_id 
_software.pdbx_ordinal 
AMoRE     phasing          . ? 1 
CNS       refinement       . ? 2 
DENZO     'data reduction' . ? 3 
SCALEPACK 'data scaling'   . ? 4 
# 
_cell.entry_id           1KHX 
_cell.length_a           113.7 
_cell.length_b           113.7 
_cell.length_c           113.7 
_cell.angle_alpha        90 
_cell.angle_beta         90 
_cell.angle_gamma        90 
_cell.Z_PDB              24 
_cell.pdbx_unique_axis   ? 
# 
_symmetry.entry_id                         1KHX 
_symmetry.space_group_name_H-M             'I 21 3' 
_symmetry.pdbx_full_space_group_name_H-M   ? 
_symmetry.cell_setting                     ? 
_symmetry.Int_Tables_number                199 
# 
_exptl.entry_id          1KHX 
_exptl.method            'X-RAY DIFFRACTION' 
_exptl.crystals_number   1 
# 
_exptl_crystal.id                    1 
_exptl_crystal.density_meas          ? 
_exptl_crystal.density_percent_sol   48.68 
_exptl_crystal.density_Matthews      2.40 
_exptl_crystal.description           ? 
# 
_exptl_crystal_grow.crystal_id      1 
_exptl_crystal_grow.method          'VAPOR DIFFUSION, HANGING DROP' 
_exptl_crystal_grow.temp            293 
_exptl_crystal_grow.temp_details    ? 
_exptl_crystal_grow.pH              7.5 
_exptl_crystal_grow.pdbx_details    'dioxane, potassium phosphate, pH 7.5, VAPOR DIFFUSION, HANGING DROP, temperature 293K' 
_exptl_crystal_grow.pdbx_pH_range   . 
# 
_diffrn.id                     1 
_diffrn.ambient_temp           100 
_diffrn.ambient_temp_details   ? 
_diffrn.crystal_id             1 
# 
_diffrn_detector.diffrn_id              1 
_diffrn_detector.detector               'IMAGE PLATE' 
_diffrn_detector.type                   FUJI 
_diffrn_detector.pdbx_collection_date   2001-05-18 
_diffrn_detector.details                ? 
# 
_diffrn_radiation.diffrn_id                        1 
_diffrn_radiation.wavelength_id                    1 
_diffrn_radiation.pdbx_monochromatic_or_laue_m_l   M 
_diffrn_radiation.monochromator                    GRAPHITE 
_diffrn_radiation.pdbx_diffrn_protocol             'SINGLE WAVELENGTH' 
_diffrn_radiation.pdbx_scattering_type             x-ray 
# 
_diffrn_radiation_wavelength.id           1 
_diffrn_radiation_wavelength.wavelength   1.1 
_diffrn_radiation_wavelength.wt           1.0 
# 
_diffrn_source.diffrn_id                   1 
_diffrn_source.source                      SYNCHROTRON 
_diffrn_source.type                        'CHESS BEAMLINE F2' 
_diffrn_source.pdbx_synchrotron_site       CHESS 
_diffrn_source.pdbx_synchrotron_beamline   F2 
_diffrn_source.pdbx_wavelength             ? 
_diffrn_source.pdbx_wavelength_list        1.1 
# 
_reflns.entry_id                     1KHX 
_reflns.observed_criterion_sigma_I   2.0 
_reflns.observed_criterion_sigma_F   2.0 
_reflns.d_resolution_low             99 
_reflns.d_resolution_high            1.8 
_reflns.number_obs                   22718 
_reflns.number_all                   22832 
_reflns.percent_possible_obs         99.5 
_reflns.pdbx_Rmerge_I_obs            ? 
_reflns.pdbx_Rsym_value              ? 
_reflns.pdbx_netI_over_sigmaI        ? 
_reflns.B_iso_Wilson_estimate        ? 
_reflns.pdbx_redundancy              ? 
_reflns.R_free_details               ? 
_reflns.limit_h_max                  ? 
_reflns.limit_h_min                  ? 
_reflns.limit_k_max                  ? 
_reflns.limit_k_min                  ? 
_reflns.limit_l_max                  ? 
_reflns.limit_l_min                  ? 
_reflns.observed_criterion_F_max     ? 
_reflns.observed_criterion_F_min     ? 
_reflns.pdbx_ordinal                 1 
_reflns.pdbx_diffrn_id               1 
# 
_reflns_shell.d_res_high             1.8 
_reflns_shell.d_res_low              1.86 
_reflns_shell.percent_possible_all   99.2 
_reflns_shell.Rmerge_I_obs           ? 
_reflns_shell.pdbx_Rsym_value        ? 
_reflns_shell.meanI_over_sigI_obs    ? 
_reflns_shell.pdbx_redundancy        ? 
_reflns_shell.percent_possible_obs   ? 
_reflns_shell.number_unique_all      ? 
_reflns_shell.pdbx_ordinal           1 
_reflns_shell.pdbx_diffrn_id         1 
# 
_refine.entry_id                                 1KHX 
_refine.ls_number_reflns_obs                     22260 
_refine.ls_number_reflns_all                     22774 
_refine.pdbx_ls_sigma_I                          ? 
_refine.pdbx_ls_sigma_F                          1.0 
_refine.pdbx_data_cutoff_high_absF               ? 
_refine.pdbx_data_cutoff_low_absF                ? 
_refine.ls_d_res_low                             20 
_refine.ls_d_res_high                            1.8 
_refine.ls_percent_reflns_obs                    ? 
_refine.ls_R_factor_obs                          0.2200000 
_refine.ls_R_factor_all                          0.2300000 
_refine.ls_R_factor_R_work                       0.2150000 
_refine.ls_R_factor_R_free                       0.2410000 
_refine.ls_R_factor_R_free_error                 ? 
_refine.ls_R_factor_R_free_error_details         ? 
_refine.ls_percent_reflns_R_free                 ? 
_refine.ls_number_reflns_R_free                  1081 
_refine.ls_number_parameters                     ? 
_refine.ls_number_restraints                     ? 
_refine.occupancy_min                            ? 
_refine.occupancy_max                            ? 
_refine.B_iso_mean                               ? 
_refine.aniso_B[1][1]                            ? 
_refine.aniso_B[2][2]                            ? 
_refine.aniso_B[3][3]                            ? 
_refine.aniso_B[1][2]                            ? 
_refine.aniso_B[1][3]                            ? 
_refine.aniso_B[2][3]                            ? 
_refine.solvent_model_details                    ? 
_refine.solvent_model_param_ksol                 ? 
_refine.solvent_model_param_bsol                 ? 
_refine.pdbx_ls_cross_valid_method               ? 
_refine.details                                  ? 
_refine.pdbx_starting_model                      ? 
_refine.pdbx_method_to_determine_struct          'MOLECULAR REPLACEMENT' 
_refine.pdbx_isotropic_thermal_model             ? 
_refine.pdbx_stereochemistry_target_values       'Engh & Huber' 
_refine.pdbx_stereochem_target_val_spec_case     ? 
_refine.pdbx_R_Free_selection_details            random 
_refine.pdbx_overall_ESU_R_Free                  ? 
_refine.overall_SU_B                             ? 
_refine.ls_redundancy_reflns_obs                 ? 
_refine.B_iso_min                                ? 
_refine.B_iso_max                                ? 
_refine.correlation_coeff_Fo_to_Fc               ? 
_refine.overall_SU_R_Cruickshank_DPI             ? 
_refine.overall_SU_R_free                        ? 
_refine.overall_SU_ML                            ? 
_refine.pdbx_overall_ESU_R                       ? 
_refine.pdbx_data_cutoff_high_rms_absF           ? 
_refine.correlation_coeff_Fo_to_Fc_free          ? 
_refine.pdbx_solvent_vdw_probe_radii             ? 
_refine.pdbx_solvent_ion_probe_radii             ? 
_refine.pdbx_solvent_shrinkage_radii             ? 
_refine.pdbx_refine_id                           'X-RAY DIFFRACTION' 
_refine.pdbx_diffrn_id                           1 
_refine.pdbx_TLS_residual_ADP_flag               ? 
_refine.pdbx_overall_phase_error                 ? 
_refine.pdbx_overall_SU_R_free_Cruickshank_DPI   ? 
_refine.pdbx_overall_SU_R_Blow_DPI               ? 
_refine.pdbx_overall_SU_R_free_Blow_DPI          ? 
# 
_refine_hist.pdbx_refine_id                   'X-RAY DIFFRACTION' 
_refine_hist.cycle_id                         LAST 
_refine_hist.pdbx_number_atoms_protein        1613 
_refine_hist.pdbx_number_atoms_nucleic_acid   0 
_refine_hist.pdbx_number_atoms_ligand         0 
_refine_hist.number_atoms_solvent             144 
_refine_hist.number_atoms_total               1757 
_refine_hist.d_res_high                       1.8 
_refine_hist.d_res_low                        20 
# 
loop_
_refine_ls_restr.type 
_refine_ls_restr.dev_ideal 
_refine_ls_restr.dev_ideal_target 
_refine_ls_restr.weight 
_refine_ls_restr.number 
_refine_ls_restr.pdbx_refine_id 
_refine_ls_restr.pdbx_restraint_function 
c_bond_d  0.007 ? ? ? 'X-RAY DIFFRACTION' ? 
c_angle_d 1.497 ? ? ? 'X-RAY DIFFRACTION' ? 
# 
_struct.entry_id                  1KHX 
_struct.title                     'Crystal structure of a phosphorylated Smad2' 
_struct.pdbx_model_details        ? 
_struct.pdbx_CASP_flag            ? 
_struct.pdbx_model_type_details   ? 
# 
_struct_keywords.entry_id        1KHX 
_struct_keywords.pdbx_keywords   TRANSCRIPTION 
_struct_keywords.text            'TGF-beta signaling, Smad2, phosphorylation, receptor kinase signaling, cancer, TRANSCRIPTION' 
# 
loop_
_struct_asym.id 
_struct_asym.pdbx_blank_PDB_chainid_flag 
_struct_asym.pdbx_modified 
_struct_asym.entity_id 
_struct_asym.details 
A N N 1 ? 
B N N 2 ? 
# 
_struct_ref.id                         1 
_struct_ref.db_name                    UNP 
_struct_ref.db_code                    SMAD2_HUMAN 
_struct_ref.entity_id                  1 
_struct_ref.pdbx_seq_one_letter_code   
;MDTGSPAELSPTTLSPVNHSLDLQPVTYSEPAFWCSIAYYELNQRVGETFHASQPSLTVDGFTDPSNSERFCLGLLSNVN
RNATVEMTRRHIGRGVRLYYIGGEVFAECLSDSAIFVQSPNCNQRYGWHPATVCKIPPGCNLKIFNNQEFAALLAQSVNQ
GFEAVYQLTRMCTIRMSFVKGWGAEYRRQTVTSTPCWIELHLNGPLQWLDKVLTQMGSPSVRCSSMS
;
_struct_ref.pdbx_align_begin           241 
_struct_ref.pdbx_db_accession          Q15796 
_struct_ref.pdbx_db_isoform            ? 
# 
_struct_ref_seq.align_id                      1 
_struct_ref_seq.ref_id                        1 
_struct_ref_seq.pdbx_PDB_id_code              1KHX 
_struct_ref_seq.pdbx_strand_id                A 
_struct_ref_seq.seq_align_beg                 1 
_struct_ref_seq.pdbx_seq_align_beg_ins_code   ? 
_struct_ref_seq.seq_align_end                 227 
_struct_ref_seq.pdbx_seq_align_end_ins_code   ? 
_struct_ref_seq.pdbx_db_accession             Q15796 
_struct_ref_seq.db_align_beg                  241 
_struct_ref_seq.pdbx_db_align_beg_ins_code    ? 
_struct_ref_seq.db_align_end                  467 
_struct_ref_seq.pdbx_db_align_end_ins_code    ? 
_struct_ref_seq.pdbx_auth_seq_align_beg       241 
_struct_ref_seq.pdbx_auth_seq_align_end       467 
# 
loop_
_struct_ref_seq_dif.align_id 
_struct_ref_seq_dif.pdbx_pdb_id_code 
_struct_ref_seq_dif.mon_id 
_struct_ref_seq_dif.pdbx_pdb_strand_id 
_struct_ref_seq_dif.seq_num 
_struct_ref_seq_dif.pdbx_pdb_ins_code 
_struct_ref_seq_dif.pdbx_seq_db_name 
_struct_ref_seq_dif.pdbx_seq_db_accession_code 
_struct_ref_seq_dif.db_mon_id 
_struct_ref_seq_dif.pdbx_seq_db_seq_num 
_struct_ref_seq_dif.details 
_struct_ref_seq_dif.pdbx_auth_seq_num 
_struct_ref_seq_dif.pdbx_ordinal 
1 1KHX SEP A 225 ? UNP Q15796 SER 465 'modified residue' 465 1 
1 1KHX SEP A 227 ? UNP Q15796 SER 467 'modified residue' 467 2 
# 
_pdbx_struct_assembly.id                   1 
_pdbx_struct_assembly.details              author_and_software_defined_assembly 
_pdbx_struct_assembly.method_details       PISA,PQS 
_pdbx_struct_assembly.oligomeric_details   trimeric 
_pdbx_struct_assembly.oligomeric_count     3 
# 
loop_
_pdbx_struct_assembly_prop.biol_id 
_pdbx_struct_assembly_prop.type 
_pdbx_struct_assembly_prop.value 
_pdbx_struct_assembly_prop.details 
1 'ABSA (A^2)' 7700  ? 
1 MORE         -29   ? 
1 'SSA (A^2)'  25700 ? 
# 
_pdbx_struct_assembly_gen.assembly_id       1 
_pdbx_struct_assembly_gen.oper_expression   1,2,3 
_pdbx_struct_assembly_gen.asym_id_list      A,B 
# 
loop_
_pdbx_struct_oper_list.id 
_pdbx_struct_oper_list.type 
_pdbx_struct_oper_list.name 
_pdbx_struct_oper_list.symmetry_operation 
_pdbx_struct_oper_list.matrix[1][1] 
_pdbx_struct_oper_list.matrix[1][2] 
_pdbx_struct_oper_list.matrix[1][3] 
_pdbx_struct_oper_list.vector[1] 
_pdbx_struct_oper_list.matrix[2][1] 
_pdbx_struct_oper_list.matrix[2][2] 
_pdbx_struct_oper_list.matrix[2][3] 
_pdbx_struct_oper_list.vector[2] 
_pdbx_struct_oper_list.matrix[3][1] 
_pdbx_struct_oper_list.matrix[3][2] 
_pdbx_struct_oper_list.matrix[3][3] 
_pdbx_struct_oper_list.vector[3] 
1 'identity operation'         1_555  x,y,z             1.0000000000  0.0000000000 0.0000000000  0.0000000000   0.0000000000 1.0000000000 0.0000000000  0.0000000000  0.0000000000  0.0000000000  1.0000000000  0.0000000000   
2 'crystal symmetry operation' 6_566  z+1/2,-x+3/2,-y+1 -0.1684493480 0.7102391439 0.6835094554  9.5535677231   0.5254634632 0.6513783219 -0.5473521997 -8.4668847443 -0.8339741998 0.2669581244  -0.4829289739 -27.4321293963 
3 'crystal symmetry operation' 12_664 -y+3/2,-z+1,x-1/2 -0.1684493480 0.5254634632 -0.8339741998 -16.8193573277 0.7102391439 0.6513783219 0.2669581244  6.0530572285  0.6835094554  -0.5473521997 -0.4829289739 -24.4120919628 
# 
_struct_biol.id                    1 
_struct_biol.pdbx_parent_biol_id   ? 
_struct_biol.details               ? 
# 
loop_
_struct_conf.conf_type_id 
_struct_conf.id 
_struct_conf.pdbx_PDB_helix_id 
_struct_conf.beg_label_comp_id 
_struct_conf.beg_label_asym_id 
_struct_conf.beg_label_seq_id 
_struct_conf.pdbx_beg_PDB_ins_code 
_struct_conf.end_label_comp_id 
_struct_conf.end_label_asym_id 
_struct_conf.end_label_seq_id 
_struct_conf.pdbx_end_PDB_ins_code 
_struct_conf.beg_auth_comp_id 
_struct_conf.beg_auth_asym_id 
_struct_conf.beg_auth_seq_id 
_struct_conf.end_auth_comp_id 
_struct_conf.end_auth_asym_id 
_struct_conf.end_auth_seq_id 
_struct_conf.pdbx_PDB_helix_class 
_struct_conf.details 
_struct_conf.pdbx_PDB_helix_length 
HELX_P HELX_P1 1 GLY A 74  ? LEU A 76  ? GLY A 314 LEU A 316 5 ? 3  
HELX_P HELX_P2 2 ASN A 82  ? ARG A 90  ? ASN A 322 ARG A 330 1 ? 9  
HELX_P HELX_P3 3 SER A 119 ? TYR A 126 ? SER A 359 TYR A 366 1 ? 8  
HELX_P HELX_P4 4 ASN A 147 ? VAL A 158 ? ASN A 387 VAL A 398 1 ? 12 
HELX_P HELX_P5 5 GLY A 161 ? GLN A 167 ? GLY A 401 GLN A 407 1 ? 7  
HELX_P HELX_P6 6 LEU A 168 ? MET A 171 ? LEU A 408 MET A 411 5 ? 4  
HELX_P HELX_P7 7 THR A 190 ? THR A 194 ? THR A 430 THR A 434 5 ? 5  
HELX_P HELX_P8 8 ASN A 203 ? THR A 214 ? ASN A 443 THR A 454 1 ? 12 
# 
_struct_conf_type.id          HELX_P 
_struct_conf_type.criteria    ? 
_struct_conf_type.reference   ? 
# 
loop_
_struct_conn.id 
_struct_conn.conn_type_id 
_struct_conn.pdbx_leaving_atom_flag 
_struct_conn.pdbx_PDB_id 
_struct_conn.ptnr1_label_asym_id 
_struct_conn.ptnr1_label_comp_id 
_struct_conn.ptnr1_label_seq_id 
_struct_conn.ptnr1_label_atom_id 
_struct_conn.pdbx_ptnr1_label_alt_id 
_struct_conn.pdbx_ptnr1_PDB_ins_code 
_struct_conn.pdbx_ptnr1_standard_comp_id 
_struct_conn.ptnr1_symmetry 
_struct_conn.ptnr2_label_asym_id 
_struct_conn.ptnr2_label_comp_id 
_struct_conn.ptnr2_label_seq_id 
_struct_conn.ptnr2_label_atom_id 
_struct_conn.pdbx_ptnr2_label_alt_id 
_struct_conn.pdbx_ptnr2_PDB_ins_code 
_struct_conn.ptnr1_auth_asym_id 
_struct_conn.ptnr1_auth_comp_id 
_struct_conn.ptnr1_auth_seq_id 
_struct_conn.ptnr2_auth_asym_id 
_struct_conn.ptnr2_auth_comp_id 
_struct_conn.ptnr2_auth_seq_id 
_struct_conn.ptnr2_symmetry 
_struct_conn.pdbx_ptnr3_label_atom_id 
_struct_conn.pdbx_ptnr3_label_seq_id 
_struct_conn.pdbx_ptnr3_label_comp_id 
_struct_conn.pdbx_ptnr3_label_asym_id 
_struct_conn.pdbx_ptnr3_label_alt_id 
_struct_conn.pdbx_ptnr3_PDB_ins_code 
_struct_conn.details 
_struct_conn.pdbx_dist_value 
_struct_conn.pdbx_value_order 
_struct_conn.pdbx_role 
covale1 covale both ? A SER 224 C ? ? ? 1_555 A SEP 225 N ? ? A SER 464 A SEP 465 1_555 ? ? ? ? ? ? ? 1.321 ? ? 
covale2 covale both ? A SEP 225 C ? ? ? 1_555 A MET 226 N ? ? A SEP 465 A MET 466 1_555 ? ? ? ? ? ? ? 1.323 ? ? 
covale3 covale both ? A MET 226 C ? ? ? 1_555 A SEP 227 N ? ? A MET 466 A SEP 467 1_555 ? ? ? ? ? ? ? 1.324 ? ? 
# 
_struct_conn_type.id          covale 
_struct_conn_type.criteria    ? 
_struct_conn_type.reference   ? 
# 
loop_
_pdbx_modification_feature.ordinal 
_pdbx_modification_feature.label_comp_id 
_pdbx_modification_feature.label_asym_id 
_pdbx_modification_feature.label_seq_id 
_pdbx_modification_feature.label_alt_id 
_pdbx_modification_feature.modified_residue_label_comp_id 
_pdbx_modification_feature.modified_residue_label_asym_id 
_pdbx_modification_feature.modified_residue_label_seq_id 
_pdbx_modification_feature.modified_residue_label_alt_id 
_pdbx_modification_feature.auth_comp_id 
_pdbx_modification_feature.auth_asym_id 
_pdbx_modification_feature.auth_seq_id 
_pdbx_modification_feature.PDB_ins_code 
_pdbx_modification_feature.symmetry 
_pdbx_modification_feature.modified_residue_auth_comp_id 
_pdbx_modification_feature.modified_residue_auth_asym_id 
_pdbx_modification_feature.modified_residue_auth_seq_id 
_pdbx_modification_feature.modified_residue_PDB_ins_code 
_pdbx_modification_feature.modified_residue_symmetry 
_pdbx_modification_feature.comp_id_linking_atom 
_pdbx_modification_feature.modified_residue_id_linking_atom 
_pdbx_modification_feature.modified_residue_id 
_pdbx_modification_feature.ref_pcm_id 
_pdbx_modification_feature.ref_comp_id 
_pdbx_modification_feature.type 
_pdbx_modification_feature.category 
1 SEP A 225 ? . . . . SEP A 465 ? 1_555 . . . . . . . SER 1 SEP Phosphorylation 'Named protein modification' 
2 SEP A 227 ? . . . . SEP A 467 ? 1_555 . . . . . . . SER 1 SEP Phosphorylation 'Named protein modification' 
# 
loop_
_struct_sheet.id 
_struct_sheet.type 
_struct_sheet.number_strands 
_struct_sheet.details 
A ? 6 ? 
B ? 6 ? 
C ? 5 ? 
# 
loop_
_struct_sheet_order.sheet_id 
_struct_sheet_order.range_id_1 
_struct_sheet_order.range_id_2 
_struct_sheet_order.offset 
_struct_sheet_order.sense 
A 1 2 ? anti-parallel 
A 2 3 ? anti-parallel 
A 3 4 ? anti-parallel 
A 4 5 ? anti-parallel 
A 5 6 ? anti-parallel 
B 1 2 ? anti-parallel 
B 2 3 ? anti-parallel 
B 3 4 ? anti-parallel 
B 4 5 ? anti-parallel 
B 5 6 ? anti-parallel 
C 1 2 ? parallel      
C 2 3 ? anti-parallel 
C 3 4 ? anti-parallel 
C 4 5 ? anti-parallel 
# 
loop_
_struct_sheet_range.sheet_id 
_struct_sheet_range.id 
_struct_sheet_range.beg_label_comp_id 
_struct_sheet_range.beg_label_asym_id 
_struct_sheet_range.beg_label_seq_id 
_struct_sheet_range.pdbx_beg_PDB_ins_code 
_struct_sheet_range.end_label_comp_id 
_struct_sheet_range.end_label_asym_id 
_struct_sheet_range.end_label_seq_id 
_struct_sheet_range.pdbx_end_PDB_ins_code 
_struct_sheet_range.beg_auth_comp_id 
_struct_sheet_range.beg_auth_asym_id 
_struct_sheet_range.beg_auth_seq_id 
_struct_sheet_range.end_auth_comp_id 
_struct_sheet_range.end_auth_asym_id 
_struct_sheet_range.end_auth_seq_id 
A 1 CYS A 134 ? ILE A 136 ? CYS A 374 ILE A 376 
A 2 ILE A 115 ? GLN A 118 ? ILE A 355 GLN A 358 
A 3 THR A 173 ? PHE A 178 ? THR A 413 PHE A 418 
A 4 TRP A 197 ? LEU A 202 ? TRP A 437 LEU A 442 
A 5 CYS A 35  ? GLU A 41  ? CYS A 275 GLU A 281 
A 6 GLN A 44  ? ARG A 45  ? GLN A 284 ARG A 285 
B 1 CYS A 134 ? ILE A 136 ? CYS A 374 ILE A 376 
B 2 ILE A 115 ? GLN A 118 ? ILE A 355 GLN A 358 
B 3 THR A 173 ? PHE A 178 ? THR A 413 PHE A 418 
B 4 TRP A 197 ? LEU A 202 ? TRP A 437 LEU A 442 
B 5 CYS A 35  ? GLU A 41  ? CYS A 275 GLU A 281 
B 6 PHE A 50  ? ALA A 52  ? PHE A 290 ALA A 292 
C 1 ARG A 70  ? CYS A 72  ? ARG A 310 CYS A 312 
C 2 SER A 56  ? ASP A 60  ? SER A 296 ASP A 300 
C 3 VAL A 96  ? ILE A 101 ? VAL A 336 ILE A 341 
C 4 GLU A 104 ? CYS A 109 ? GLU A 344 CYS A 349 
C 5 ASN A 141 ? ASN A 146 ? ASN A 381 ASN A 386 
# 
loop_
_pdbx_struct_sheet_hbond.sheet_id 
_pdbx_struct_sheet_hbond.range_id_1 
_pdbx_struct_sheet_hbond.range_id_2 
_pdbx_struct_sheet_hbond.range_1_label_atom_id 
_pdbx_struct_sheet_hbond.range_1_label_comp_id 
_pdbx_struct_sheet_hbond.range_1_label_asym_id 
_pdbx_struct_sheet_hbond.range_1_label_seq_id 
_pdbx_struct_sheet_hbond.range_1_PDB_ins_code 
_pdbx_struct_sheet_hbond.range_1_auth_atom_id 
_pdbx_struct_sheet_hbond.range_1_auth_comp_id 
_pdbx_struct_sheet_hbond.range_1_auth_asym_id 
_pdbx_struct_sheet_hbond.range_1_auth_seq_id 
_pdbx_struct_sheet_hbond.range_2_label_atom_id 
_pdbx_struct_sheet_hbond.range_2_label_comp_id 
_pdbx_struct_sheet_hbond.range_2_label_asym_id 
_pdbx_struct_sheet_hbond.range_2_label_seq_id 
_pdbx_struct_sheet_hbond.range_2_PDB_ins_code 
_pdbx_struct_sheet_hbond.range_2_auth_atom_id 
_pdbx_struct_sheet_hbond.range_2_auth_comp_id 
_pdbx_struct_sheet_hbond.range_2_auth_asym_id 
_pdbx_struct_sheet_hbond.range_2_auth_seq_id 
A 1 2 O CYS A 134 ? O CYS A 374 N VAL A 117 ? N VAL A 357 
A 2 3 N GLN A 118 ? N GLN A 358 O ARG A 175 ? O ARG A 415 
A 3 4 N ILE A 174 ? N ILE A 414 O LEU A 200 ? O LEU A 440 
A 4 5 O TRP A 197 ? O TRP A 437 N TYR A 40  ? N TYR A 280 
A 5 6 N GLU A 41  ? N GLU A 281 O GLN A 44  ? O GLN A 284 
B 1 2 O CYS A 134 ? O CYS A 374 N VAL A 117 ? N VAL A 357 
B 2 3 N GLN A 118 ? N GLN A 358 O ARG A 175 ? O ARG A 415 
B 3 4 N ILE A 174 ? N ILE A 414 O LEU A 200 ? O LEU A 440 
B 4 5 O TRP A 197 ? O TRP A 437 N TYR A 40  ? N TYR A 280 
B 5 6 N ILE A 37  ? N ILE A 277 O PHE A 50  ? O PHE A 290 
C 1 2 O PHE A 71  ? O PHE A 311 N THR A 58  ? N THR A 298 
C 2 3 N LEU A 57  ? N LEU A 297 O LEU A 98  ? O LEU A 338 
C 3 4 N TYR A 99  ? N TYR A 339 O PHE A 106 ? O PHE A 346 
C 4 5 N VAL A 105 ? N VAL A 345 O PHE A 145 ? O PHE A 385 
# 
_pdbx_entry_details.entry_id                   1KHX 
_pdbx_entry_details.compound_details           ? 
_pdbx_entry_details.source_details             ? 
_pdbx_entry_details.nonpolymer_details         ? 
_pdbx_entry_details.sequence_details           ? 
_pdbx_entry_details.has_ligand_of_interest     ? 
_pdbx_entry_details.has_protein_modification   Y 
# 
loop_
_pdbx_validate_symm_contact.id 
_pdbx_validate_symm_contact.PDB_model_num 
_pdbx_validate_symm_contact.auth_atom_id_1 
_pdbx_validate_symm_contact.auth_asym_id_1 
_pdbx_validate_symm_contact.auth_comp_id_1 
_pdbx_validate_symm_contact.auth_seq_id_1 
_pdbx_validate_symm_contact.PDB_ins_code_1 
_pdbx_validate_symm_contact.label_alt_id_1 
_pdbx_validate_symm_contact.site_symmetry_1 
_pdbx_validate_symm_contact.auth_atom_id_2 
_pdbx_validate_symm_contact.auth_asym_id_2 
_pdbx_validate_symm_contact.auth_comp_id_2 
_pdbx_validate_symm_contact.auth_seq_id_2 
_pdbx_validate_symm_contact.PDB_ins_code_2 
_pdbx_validate_symm_contact.label_alt_id_2 
_pdbx_validate_symm_contact.site_symmetry_2 
_pdbx_validate_symm_contact.dist 
1 1 CD1 A ILE 341 ? ? 1_555 CD1 A ILE 341 ? ? 15_656 1.82 
2 1 O   A HOH 563 ? ? 1_555 O   A HOH 563 ? ? 16_575 2.06 
# 
loop_
_pdbx_validate_rmsd_angle.id 
_pdbx_validate_rmsd_angle.PDB_model_num 
_pdbx_validate_rmsd_angle.auth_atom_id_1 
_pdbx_validate_rmsd_angle.auth_asym_id_1 
_pdbx_validate_rmsd_angle.auth_comp_id_1 
_pdbx_validate_rmsd_angle.auth_seq_id_1 
_pdbx_validate_rmsd_angle.PDB_ins_code_1 
_pdbx_validate_rmsd_angle.label_alt_id_1 
_pdbx_validate_rmsd_angle.auth_atom_id_2 
_pdbx_validate_rmsd_angle.auth_asym_id_2 
_pdbx_validate_rmsd_angle.auth_comp_id_2 
_pdbx_validate_rmsd_angle.auth_seq_id_2 
_pdbx_validate_rmsd_angle.PDB_ins_code_2 
_pdbx_validate_rmsd_angle.label_alt_id_2 
_pdbx_validate_rmsd_angle.auth_atom_id_3 
_pdbx_validate_rmsd_angle.auth_asym_id_3 
_pdbx_validate_rmsd_angle.auth_comp_id_3 
_pdbx_validate_rmsd_angle.auth_seq_id_3 
_pdbx_validate_rmsd_angle.PDB_ins_code_3 
_pdbx_validate_rmsd_angle.label_alt_id_3 
_pdbx_validate_rmsd_angle.angle_value 
_pdbx_validate_rmsd_angle.angle_target_value 
_pdbx_validate_rmsd_angle.angle_deviation 
_pdbx_validate_rmsd_angle.angle_standard_deviation 
_pdbx_validate_rmsd_angle.linker_flag 
1 1 N  A VAL 266 ? ? CA A VAL 266 ? ? C A VAL 266 ? ? 130.95 111.00 19.95  2.70 N 
2 1 CA A VAL 266 ? ? C  A VAL 266 ? ? N A THR 267 ? ? 100.32 117.20 -16.88 2.20 Y 
# 
loop_
_pdbx_validate_torsion.id 
_pdbx_validate_torsion.PDB_model_num 
_pdbx_validate_torsion.auth_comp_id 
_pdbx_validate_torsion.auth_asym_id 
_pdbx_validate_torsion.auth_seq_id 
_pdbx_validate_torsion.PDB_ins_code 
_pdbx_validate_torsion.label_alt_id 
_pdbx_validate_torsion.phi 
_pdbx_validate_torsion.psi 
1 1 LEU A 282 ? ? 61.53   -123.01 
2 1 PHE A 302 ? ? -90.13  -159.04 
3 1 ASN A 318 ? ? -163.50 95.04   
4 1 VAL A 419 ? ? 68.94   -55.54  
5 1 GLU A 425 ? ? 91.24   -57.58  
# 
loop_
_pdbx_struct_mod_residue.id 
_pdbx_struct_mod_residue.label_asym_id 
_pdbx_struct_mod_residue.label_comp_id 
_pdbx_struct_mod_residue.label_seq_id 
_pdbx_struct_mod_residue.auth_asym_id 
_pdbx_struct_mod_residue.auth_comp_id 
_pdbx_struct_mod_residue.auth_seq_id 
_pdbx_struct_mod_residue.PDB_ins_code 
_pdbx_struct_mod_residue.parent_comp_id 
_pdbx_struct_mod_residue.details 
1 A SEP 225 A SEP 465 ? SER PHOSPHOSERINE 
2 A SEP 227 A SEP 467 ? SER PHOSPHOSERINE 
# 
loop_
_pdbx_unobs_or_zero_occ_residues.id 
_pdbx_unobs_or_zero_occ_residues.PDB_model_num 
_pdbx_unobs_or_zero_occ_residues.polymer_flag 
_pdbx_unobs_or_zero_occ_residues.occupancy_flag 
_pdbx_unobs_or_zero_occ_residues.auth_asym_id 
_pdbx_unobs_or_zero_occ_residues.auth_comp_id 
_pdbx_unobs_or_zero_occ_residues.auth_seq_id 
_pdbx_unobs_or_zero_occ_residues.PDB_ins_code 
_pdbx_unobs_or_zero_occ_residues.label_asym_id 
_pdbx_unobs_or_zero_occ_residues.label_comp_id 
_pdbx_unobs_or_zero_occ_residues.label_seq_id 
1  1 Y 1 A MET 241 ? A MET 1  
2  1 Y 1 A ASP 242 ? A ASP 2  
3  1 Y 1 A THR 243 ? A THR 3  
4  1 Y 1 A GLY 244 ? A GLY 4  
5  1 Y 1 A SER 245 ? A SER 5  
6  1 Y 1 A PRO 246 ? A PRO 6  
7  1 Y 1 A ALA 247 ? A ALA 7  
8  1 Y 1 A GLU 248 ? A GLU 8  
9  1 Y 1 A LEU 249 ? A LEU 9  
10 1 Y 1 A SER 250 ? A SER 10 
11 1 Y 1 A PRO 251 ? A PRO 11 
12 1 Y 1 A THR 252 ? A THR 12 
13 1 Y 1 A THR 253 ? A THR 13 
14 1 Y 1 A LEU 254 ? A LEU 14 
15 1 Y 1 A SER 255 ? A SER 15 
16 1 Y 1 A PRO 256 ? A PRO 16 
17 1 Y 1 A VAL 257 ? A VAL 17 
18 1 Y 1 A ASN 258 ? A ASN 18 
19 1 Y 1 A HIS 259 ? A HIS 19 
20 1 Y 1 A SER 260 ? A SER 20 
21 1 Y 1 A LEU 261 ? A LEU 21 
22 1 Y 1 A ASP 262 ? A ASP 22 
23 1 Y 1 A LEU 263 ? A LEU 23 
24 1 Y 1 A GLN 264 ? A GLN 24 
# 
loop_
_chem_comp_atom.comp_id 
_chem_comp_atom.atom_id 
_chem_comp_atom.type_symbol 
_chem_comp_atom.pdbx_aromatic_flag 
_chem_comp_atom.pdbx_stereo_config 
_chem_comp_atom.pdbx_ordinal 
ALA N    N N N 1   
ALA CA   C N S 2   
ALA C    C N N 3   
ALA O    O N N 4   
ALA CB   C N N 5   
ALA OXT  O N N 6   
ALA H    H N N 7   
ALA H2   H N N 8   
ALA HA   H N N 9   
ALA HB1  H N N 10  
ALA HB2  H N N 11  
ALA HB3  H N N 12  
ALA HXT  H N N 13  
ARG N    N N N 14  
ARG CA   C N S 15  
ARG C    C N N 16  
ARG O    O N N 17  
ARG CB   C N N 18  
ARG CG   C N N 19  
ARG CD   C N N 20  
ARG NE   N N N 21  
ARG CZ   C N N 22  
ARG NH1  N N N 23  
ARG NH2  N N N 24  
ARG OXT  O N N 25  
ARG H    H N N 26  
ARG H2   H N N 27  
ARG HA   H N N 28  
ARG HB2  H N N 29  
ARG HB3  H N N 30  
ARG HG2  H N N 31  
ARG HG3  H N N 32  
ARG HD2  H N N 33  
ARG HD3  H N N 34  
ARG HE   H N N 35  
ARG HH11 H N N 36  
ARG HH12 H N N 37  
ARG HH21 H N N 38  
ARG HH22 H N N 39  
ARG HXT  H N N 40  
ASN N    N N N 41  
ASN CA   C N S 42  
ASN C    C N N 43  
ASN O    O N N 44  
ASN CB   C N N 45  
ASN CG   C N N 46  
ASN OD1  O N N 47  
ASN ND2  N N N 48  
ASN OXT  O N N 49  
ASN H    H N N 50  
ASN H2   H N N 51  
ASN HA   H N N 52  
ASN HB2  H N N 53  
ASN HB3  H N N 54  
ASN HD21 H N N 55  
ASN HD22 H N N 56  
ASN HXT  H N N 57  
ASP N    N N N 58  
ASP CA   C N S 59  
ASP C    C N N 60  
ASP O    O N N 61  
ASP CB   C N N 62  
ASP CG   C N N 63  
ASP OD1  O N N 64  
ASP OD2  O N N 65  
ASP OXT  O N N 66  
ASP H    H N N 67  
ASP H2   H N N 68  
ASP HA   H N N 69  
ASP HB2  H N N 70  
ASP HB3  H N N 71  
ASP HD2  H N N 72  
ASP HXT  H N N 73  
CYS N    N N N 74  
CYS CA   C N R 75  
CYS C    C N N 76  
CYS O    O N N 77  
CYS CB   C N N 78  
CYS SG   S N N 79  
CYS OXT  O N N 80  
CYS H    H N N 81  
CYS H2   H N N 82  
CYS HA   H N N 83  
CYS HB2  H N N 84  
CYS HB3  H N N 85  
CYS HG   H N N 86  
CYS HXT  H N N 87  
GLN N    N N N 88  
GLN CA   C N S 89  
GLN C    C N N 90  
GLN O    O N N 91  
GLN CB   C N N 92  
GLN CG   C N N 93  
GLN CD   C N N 94  
GLN OE1  O N N 95  
GLN NE2  N N N 96  
GLN OXT  O N N 97  
GLN H    H N N 98  
GLN H2   H N N 99  
GLN HA   H N N 100 
GLN HB2  H N N 101 
GLN HB3  H N N 102 
GLN HG2  H N N 103 
GLN HG3  H N N 104 
GLN HE21 H N N 105 
GLN HE22 H N N 106 
GLN HXT  H N N 107 
GLU N    N N N 108 
GLU CA   C N S 109 
GLU C    C N N 110 
GLU O    O N N 111 
GLU CB   C N N 112 
GLU CG   C N N 113 
GLU CD   C N N 114 
GLU OE1  O N N 115 
GLU OE2  O N N 116 
GLU OXT  O N N 117 
GLU H    H N N 118 
GLU H2   H N N 119 
GLU HA   H N N 120 
GLU HB2  H N N 121 
GLU HB3  H N N 122 
GLU HG2  H N N 123 
GLU HG3  H N N 124 
GLU HE2  H N N 125 
GLU HXT  H N N 126 
GLY N    N N N 127 
GLY CA   C N N 128 
GLY C    C N N 129 
GLY O    O N N 130 
GLY OXT  O N N 131 
GLY H    H N N 132 
GLY H2   H N N 133 
GLY HA2  H N N 134 
GLY HA3  H N N 135 
GLY HXT  H N N 136 
HIS N    N N N 137 
HIS CA   C N S 138 
HIS C    C N N 139 
HIS O    O N N 140 
HIS CB   C N N 141 
HIS CG   C Y N 142 
HIS ND1  N Y N 143 
HIS CD2  C Y N 144 
HIS CE1  C Y N 145 
HIS NE2  N Y N 146 
HIS OXT  O N N 147 
HIS H    H N N 148 
HIS H2   H N N 149 
HIS HA   H N N 150 
HIS HB2  H N N 151 
HIS HB3  H N N 152 
HIS HD1  H N N 153 
HIS HD2  H N N 154 
HIS HE1  H N N 155 
HIS HE2  H N N 156 
HIS HXT  H N N 157 
HOH O    O N N 158 
HOH H1   H N N 159 
HOH H2   H N N 160 
ILE N    N N N 161 
ILE CA   C N S 162 
ILE C    C N N 163 
ILE O    O N N 164 
ILE CB   C N S 165 
ILE CG1  C N N 166 
ILE CG2  C N N 167 
ILE CD1  C N N 168 
ILE OXT  O N N 169 
ILE H    H N N 170 
ILE H2   H N N 171 
ILE HA   H N N 172 
ILE HB   H N N 173 
ILE HG12 H N N 174 
ILE HG13 H N N 175 
ILE HG21 H N N 176 
ILE HG22 H N N 177 
ILE HG23 H N N 178 
ILE HD11 H N N 179 
ILE HD12 H N N 180 
ILE HD13 H N N 181 
ILE HXT  H N N 182 
LEU N    N N N 183 
LEU CA   C N S 184 
LEU C    C N N 185 
LEU O    O N N 186 
LEU CB   C N N 187 
LEU CG   C N N 188 
LEU CD1  C N N 189 
LEU CD2  C N N 190 
LEU OXT  O N N 191 
LEU H    H N N 192 
LEU H2   H N N 193 
LEU HA   H N N 194 
LEU HB2  H N N 195 
LEU HB3  H N N 196 
LEU HG   H N N 197 
LEU HD11 H N N 198 
LEU HD12 H N N 199 
LEU HD13 H N N 200 
LEU HD21 H N N 201 
LEU HD22 H N N 202 
LEU HD23 H N N 203 
LEU HXT  H N N 204 
LYS N    N N N 205 
LYS CA   C N S 206 
LYS C    C N N 207 
LYS O    O N N 208 
LYS CB   C N N 209 
LYS CG   C N N 210 
LYS CD   C N N 211 
LYS CE   C N N 212 
LYS NZ   N N N 213 
LYS OXT  O N N 214 
LYS H    H N N 215 
LYS H2   H N N 216 
LYS HA   H N N 217 
LYS HB2  H N N 218 
LYS HB3  H N N 219 
LYS HG2  H N N 220 
LYS HG3  H N N 221 
LYS HD2  H N N 222 
LYS HD3  H N N 223 
LYS HE2  H N N 224 
LYS HE3  H N N 225 
LYS HZ1  H N N 226 
LYS HZ2  H N N 227 
LYS HZ3  H N N 228 
LYS HXT  H N N 229 
MET N    N N N 230 
MET CA   C N S 231 
MET C    C N N 232 
MET O    O N N 233 
MET CB   C N N 234 
MET CG   C N N 235 
MET SD   S N N 236 
MET CE   C N N 237 
MET OXT  O N N 238 
MET H    H N N 239 
MET H2   H N N 240 
MET HA   H N N 241 
MET HB2  H N N 242 
MET HB3  H N N 243 
MET HG2  H N N 244 
MET HG3  H N N 245 
MET HE1  H N N 246 
MET HE2  H N N 247 
MET HE3  H N N 248 
MET HXT  H N N 249 
PHE N    N N N 250 
PHE CA   C N S 251 
PHE C    C N N 252 
PHE O    O N N 253 
PHE CB   C N N 254 
PHE CG   C Y N 255 
PHE CD1  C Y N 256 
PHE CD2  C Y N 257 
PHE CE1  C Y N 258 
PHE CE2  C Y N 259 
PHE CZ   C Y N 260 
PHE OXT  O N N 261 
PHE H    H N N 262 
PHE H2   H N N 263 
PHE HA   H N N 264 
PHE HB2  H N N 265 
PHE HB3  H N N 266 
PHE HD1  H N N 267 
PHE HD2  H N N 268 
PHE HE1  H N N 269 
PHE HE2  H N N 270 
PHE HZ   H N N 271 
PHE HXT  H N N 272 
PRO N    N N N 273 
PRO CA   C N S 274 
PRO C    C N N 275 
PRO O    O N N 276 
PRO CB   C N N 277 
PRO CG   C N N 278 
PRO CD   C N N 279 
PRO OXT  O N N 280 
PRO H    H N N 281 
PRO HA   H N N 282 
PRO HB2  H N N 283 
PRO HB3  H N N 284 
PRO HG2  H N N 285 
PRO HG3  H N N 286 
PRO HD2  H N N 287 
PRO HD3  H N N 288 
PRO HXT  H N N 289 
SEP N    N N N 290 
SEP CA   C N S 291 
SEP CB   C N N 292 
SEP OG   O N N 293 
SEP C    C N N 294 
SEP O    O N N 295 
SEP OXT  O N N 296 
SEP P    P N N 297 
SEP O1P  O N N 298 
SEP O2P  O N N 299 
SEP O3P  O N N 300 
SEP H    H N N 301 
SEP H2   H N N 302 
SEP HA   H N N 303 
SEP HB2  H N N 304 
SEP HB3  H N N 305 
SEP HXT  H N N 306 
SEP HOP2 H N N 307 
SEP HOP3 H N N 308 
SER N    N N N 309 
SER CA   C N S 310 
SER C    C N N 311 
SER O    O N N 312 
SER CB   C N N 313 
SER OG   O N N 314 
SER OXT  O N N 315 
SER H    H N N 316 
SER H2   H N N 317 
SER HA   H N N 318 
SER HB2  H N N 319 
SER HB3  H N N 320 
SER HG   H N N 321 
SER HXT  H N N 322 
THR N    N N N 323 
THR CA   C N S 324 
THR C    C N N 325 
THR O    O N N 326 
THR CB   C N R 327 
THR OG1  O N N 328 
THR CG2  C N N 329 
THR OXT  O N N 330 
THR H    H N N 331 
THR H2   H N N 332 
THR HA   H N N 333 
THR HB   H N N 334 
THR HG1  H N N 335 
THR HG21 H N N 336 
THR HG22 H N N 337 
THR HG23 H N N 338 
THR HXT  H N N 339 
TRP N    N N N 340 
TRP CA   C N S 341 
TRP C    C N N 342 
TRP O    O N N 343 
TRP CB   C N N 344 
TRP CG   C Y N 345 
TRP CD1  C Y N 346 
TRP CD2  C Y N 347 
TRP NE1  N Y N 348 
TRP CE2  C Y N 349 
TRP CE3  C Y N 350 
TRP CZ2  C Y N 351 
TRP CZ3  C Y N 352 
TRP CH2  C Y N 353 
TRP OXT  O N N 354 
TRP H    H N N 355 
TRP H2   H N N 356 
TRP HA   H N N 357 
TRP HB2  H N N 358 
TRP HB3  H N N 359 
TRP HD1  H N N 360 
TRP HE1  H N N 361 
TRP HE3  H N N 362 
TRP HZ2  H N N 363 
TRP HZ3  H N N 364 
TRP HH2  H N N 365 
TRP HXT  H N N 366 
TYR N    N N N 367 
TYR CA   C N S 368 
TYR C    C N N 369 
TYR O    O N N 370 
TYR CB   C N N 371 
TYR CG   C Y N 372 
TYR CD1  C Y N 373 
TYR CD2  C Y N 374 
TYR CE1  C Y N 375 
TYR CE2  C Y N 376 
TYR CZ   C Y N 377 
TYR OH   O N N 378 
TYR OXT  O N N 379 
TYR H    H N N 380 
TYR H2   H N N 381 
TYR HA   H N N 382 
TYR HB2  H N N 383 
TYR HB3  H N N 384 
TYR HD1  H N N 385 
TYR HD2  H N N 386 
TYR HE1  H N N 387 
TYR HE2  H N N 388 
TYR HH   H N N 389 
TYR HXT  H N N 390 
VAL N    N N N 391 
VAL CA   C N S 392 
VAL C    C N N 393 
VAL O    O N N 394 
VAL CB   C N N 395 
VAL CG1  C N N 396 
VAL CG2  C N N 397 
VAL OXT  O N N 398 
VAL H    H N N 399 
VAL H2   H N N 400 
VAL HA   H N N 401 
VAL HB   H N N 402 
VAL HG11 H N N 403 
VAL HG12 H N N 404 
VAL HG13 H N N 405 
VAL HG21 H N N 406 
VAL HG22 H N N 407 
VAL HG23 H N N 408 
VAL HXT  H N N 409 
# 
loop_
_chem_comp_bond.comp_id 
_chem_comp_bond.atom_id_1 
_chem_comp_bond.atom_id_2 
_chem_comp_bond.value_order 
_chem_comp_bond.pdbx_aromatic_flag 
_chem_comp_bond.pdbx_stereo_config 
_chem_comp_bond.pdbx_ordinal 
ALA N   CA   sing N N 1   
ALA N   H    sing N N 2   
ALA N   H2   sing N N 3   
ALA CA  C    sing N N 4   
ALA CA  CB   sing N N 5   
ALA CA  HA   sing N N 6   
ALA C   O    doub N N 7   
ALA C   OXT  sing N N 8   
ALA CB  HB1  sing N N 9   
ALA CB  HB2  sing N N 10  
ALA CB  HB3  sing N N 11  
ALA OXT HXT  sing N N 12  
ARG N   CA   sing N N 13  
ARG N   H    sing N N 14  
ARG N   H2   sing N N 15  
ARG CA  C    sing N N 16  
ARG CA  CB   sing N N 17  
ARG CA  HA   sing N N 18  
ARG C   O    doub N N 19  
ARG C   OXT  sing N N 20  
ARG CB  CG   sing N N 21  
ARG CB  HB2  sing N N 22  
ARG CB  HB3  sing N N 23  
ARG CG  CD   sing N N 24  
ARG CG  HG2  sing N N 25  
ARG CG  HG3  sing N N 26  
ARG CD  NE   sing N N 27  
ARG CD  HD2  sing N N 28  
ARG CD  HD3  sing N N 29  
ARG NE  CZ   sing N N 30  
ARG NE  HE   sing N N 31  
ARG CZ  NH1  sing N N 32  
ARG CZ  NH2  doub N N 33  
ARG NH1 HH11 sing N N 34  
ARG NH1 HH12 sing N N 35  
ARG NH2 HH21 sing N N 36  
ARG NH2 HH22 sing N N 37  
ARG OXT HXT  sing N N 38  
ASN N   CA   sing N N 39  
ASN N   H    sing N N 40  
ASN N   H2   sing N N 41  
ASN CA  C    sing N N 42  
ASN CA  CB   sing N N 43  
ASN CA  HA   sing N N 44  
ASN C   O    doub N N 45  
ASN C   OXT  sing N N 46  
ASN CB  CG   sing N N 47  
ASN CB  HB2  sing N N 48  
ASN CB  HB3  sing N N 49  
ASN CG  OD1  doub N N 50  
ASN CG  ND2  sing N N 51  
ASN ND2 HD21 sing N N 52  
ASN ND2 HD22 sing N N 53  
ASN OXT HXT  sing N N 54  
ASP N   CA   sing N N 55  
ASP N   H    sing N N 56  
ASP N   H2   sing N N 57  
ASP CA  C    sing N N 58  
ASP CA  CB   sing N N 59  
ASP CA  HA   sing N N 60  
ASP C   O    doub N N 61  
ASP C   OXT  sing N N 62  
ASP CB  CG   sing N N 63  
ASP CB  HB2  sing N N 64  
ASP CB  HB3  sing N N 65  
ASP CG  OD1  doub N N 66  
ASP CG  OD2  sing N N 67  
ASP OD2 HD2  sing N N 68  
ASP OXT HXT  sing N N 69  
CYS N   CA   sing N N 70  
CYS N   H    sing N N 71  
CYS N   H2   sing N N 72  
CYS CA  C    sing N N 73  
CYS CA  CB   sing N N 74  
CYS CA  HA   sing N N 75  
CYS C   O    doub N N 76  
CYS C   OXT  sing N N 77  
CYS CB  SG   sing N N 78  
CYS CB  HB2  sing N N 79  
CYS CB  HB3  sing N N 80  
CYS SG  HG   sing N N 81  
CYS OXT HXT  sing N N 82  
GLN N   CA   sing N N 83  
GLN N   H    sing N N 84  
GLN N   H2   sing N N 85  
GLN CA  C    sing N N 86  
GLN CA  CB   sing N N 87  
GLN CA  HA   sing N N 88  
GLN C   O    doub N N 89  
GLN C   OXT  sing N N 90  
GLN CB  CG   sing N N 91  
GLN CB  HB2  sing N N 92  
GLN CB  HB3  sing N N 93  
GLN CG  CD   sing N N 94  
GLN CG  HG2  sing N N 95  
GLN CG  HG3  sing N N 96  
GLN CD  OE1  doub N N 97  
GLN CD  NE2  sing N N 98  
GLN NE2 HE21 sing N N 99  
GLN NE2 HE22 sing N N 100 
GLN OXT HXT  sing N N 101 
GLU N   CA   sing N N 102 
GLU N   H    sing N N 103 
GLU N   H2   sing N N 104 
GLU CA  C    sing N N 105 
GLU CA  CB   sing N N 106 
GLU CA  HA   sing N N 107 
GLU C   O    doub N N 108 
GLU C   OXT  sing N N 109 
GLU CB  CG   sing N N 110 
GLU CB  HB2  sing N N 111 
GLU CB  HB3  sing N N 112 
GLU CG  CD   sing N N 113 
GLU CG  HG2  sing N N 114 
GLU CG  HG3  sing N N 115 
GLU CD  OE1  doub N N 116 
GLU CD  OE2  sing N N 117 
GLU OE2 HE2  sing N N 118 
GLU OXT HXT  sing N N 119 
GLY N   CA   sing N N 120 
GLY N   H    sing N N 121 
GLY N   H2   sing N N 122 
GLY CA  C    sing N N 123 
GLY CA  HA2  sing N N 124 
GLY CA  HA3  sing N N 125 
GLY C   O    doub N N 126 
GLY C   OXT  sing N N 127 
GLY OXT HXT  sing N N 128 
HIS N   CA   sing N N 129 
HIS N   H    sing N N 130 
HIS N   H2   sing N N 131 
HIS CA  C    sing N N 132 
HIS CA  CB   sing N N 133 
HIS CA  HA   sing N N 134 
HIS C   O    doub N N 135 
HIS C   OXT  sing N N 136 
HIS CB  CG   sing N N 137 
HIS CB  HB2  sing N N 138 
HIS CB  HB3  sing N N 139 
HIS CG  ND1  sing Y N 140 
HIS CG  CD2  doub Y N 141 
HIS ND1 CE1  doub Y N 142 
HIS ND1 HD1  sing N N 143 
HIS CD2 NE2  sing Y N 144 
HIS CD2 HD2  sing N N 145 
HIS CE1 NE2  sing Y N 146 
HIS CE1 HE1  sing N N 147 
HIS NE2 HE2  sing N N 148 
HIS OXT HXT  sing N N 149 
HOH O   H1   sing N N 150 
HOH O   H2   sing N N 151 
ILE N   CA   sing N N 152 
ILE N   H    sing N N 153 
ILE N   H2   sing N N 154 
ILE CA  C    sing N N 155 
ILE CA  CB   sing N N 156 
ILE CA  HA   sing N N 157 
ILE C   O    doub N N 158 
ILE C   OXT  sing N N 159 
ILE CB  CG1  sing N N 160 
ILE CB  CG2  sing N N 161 
ILE CB  HB   sing N N 162 
ILE CG1 CD1  sing N N 163 
ILE CG1 HG12 sing N N 164 
ILE CG1 HG13 sing N N 165 
ILE CG2 HG21 sing N N 166 
ILE CG2 HG22 sing N N 167 
ILE CG2 HG23 sing N N 168 
ILE CD1 HD11 sing N N 169 
ILE CD1 HD12 sing N N 170 
ILE CD1 HD13 sing N N 171 
ILE OXT HXT  sing N N 172 
LEU N   CA   sing N N 173 
LEU N   H    sing N N 174 
LEU N   H2   sing N N 175 
LEU CA  C    sing N N 176 
LEU CA  CB   sing N N 177 
LEU CA  HA   sing N N 178 
LEU C   O    doub N N 179 
LEU C   OXT  sing N N 180 
LEU CB  CG   sing N N 181 
LEU CB  HB2  sing N N 182 
LEU CB  HB3  sing N N 183 
LEU CG  CD1  sing N N 184 
LEU CG  CD2  sing N N 185 
LEU CG  HG   sing N N 186 
LEU CD1 HD11 sing N N 187 
LEU CD1 HD12 sing N N 188 
LEU CD1 HD13 sing N N 189 
LEU CD2 HD21 sing N N 190 
LEU CD2 HD22 sing N N 191 
LEU CD2 HD23 sing N N 192 
LEU OXT HXT  sing N N 193 
LYS N   CA   sing N N 194 
LYS N   H    sing N N 195 
LYS N   H2   sing N N 196 
LYS CA  C    sing N N 197 
LYS CA  CB   sing N N 198 
LYS CA  HA   sing N N 199 
LYS C   O    doub N N 200 
LYS C   OXT  sing N N 201 
LYS CB  CG   sing N N 202 
LYS CB  HB2  sing N N 203 
LYS CB  HB3  sing N N 204 
LYS CG  CD   sing N N 205 
LYS CG  HG2  sing N N 206 
LYS CG  HG3  sing N N 207 
LYS CD  CE   sing N N 208 
LYS CD  HD2  sing N N 209 
LYS CD  HD3  sing N N 210 
LYS CE  NZ   sing N N 211 
LYS CE  HE2  sing N N 212 
LYS CE  HE3  sing N N 213 
LYS NZ  HZ1  sing N N 214 
LYS NZ  HZ2  sing N N 215 
LYS NZ  HZ3  sing N N 216 
LYS OXT HXT  sing N N 217 
MET N   CA   sing N N 218 
MET N   H    sing N N 219 
MET N   H2   sing N N 220 
MET CA  C    sing N N 221 
MET CA  CB   sing N N 222 
MET CA  HA   sing N N 223 
MET C   O    doub N N 224 
MET C   OXT  sing N N 225 
MET CB  CG   sing N N 226 
MET CB  HB2  sing N N 227 
MET CB  HB3  sing N N 228 
MET CG  SD   sing N N 229 
MET CG  HG2  sing N N 230 
MET CG  HG3  sing N N 231 
MET SD  CE   sing N N 232 
MET CE  HE1  sing N N 233 
MET CE  HE2  sing N N 234 
MET CE  HE3  sing N N 235 
MET OXT HXT  sing N N 236 
PHE N   CA   sing N N 237 
PHE N   H    sing N N 238 
PHE N   H2   sing N N 239 
PHE CA  C    sing N N 240 
PHE CA  CB   sing N N 241 
PHE CA  HA   sing N N 242 
PHE C   O    doub N N 243 
PHE C   OXT  sing N N 244 
PHE CB  CG   sing N N 245 
PHE CB  HB2  sing N N 246 
PHE CB  HB3  sing N N 247 
PHE CG  CD1  doub Y N 248 
PHE CG  CD2  sing Y N 249 
PHE CD1 CE1  sing Y N 250 
PHE CD1 HD1  sing N N 251 
PHE CD2 CE2  doub Y N 252 
PHE CD2 HD2  sing N N 253 
PHE CE1 CZ   doub Y N 254 
PHE CE1 HE1  sing N N 255 
PHE CE2 CZ   sing Y N 256 
PHE CE2 HE2  sing N N 257 
PHE CZ  HZ   sing N N 258 
PHE OXT HXT  sing N N 259 
PRO N   CA   sing N N 260 
PRO N   CD   sing N N 261 
PRO N   H    sing N N 262 
PRO CA  C    sing N N 263 
PRO CA  CB   sing N N 264 
PRO CA  HA   sing N N 265 
PRO C   O    doub N N 266 
PRO C   OXT  sing N N 267 
PRO CB  CG   sing N N 268 
PRO CB  HB2  sing N N 269 
PRO CB  HB3  sing N N 270 
PRO CG  CD   sing N N 271 
PRO CG  HG2  sing N N 272 
PRO CG  HG3  sing N N 273 
PRO CD  HD2  sing N N 274 
PRO CD  HD3  sing N N 275 
PRO OXT HXT  sing N N 276 
SEP N   CA   sing N N 277 
SEP N   H    sing N N 278 
SEP N   H2   sing N N 279 
SEP CA  CB   sing N N 280 
SEP CA  C    sing N N 281 
SEP CA  HA   sing N N 282 
SEP CB  OG   sing N N 283 
SEP CB  HB2  sing N N 284 
SEP CB  HB3  sing N N 285 
SEP OG  P    sing N N 286 
SEP C   O    doub N N 287 
SEP C   OXT  sing N N 288 
SEP OXT HXT  sing N N 289 
SEP P   O1P  doub N N 290 
SEP P   O2P  sing N N 291 
SEP P   O3P  sing N N 292 
SEP O2P HOP2 sing N N 293 
SEP O3P HOP3 sing N N 294 
SER N   CA   sing N N 295 
SER N   H    sing N N 296 
SER N   H2   sing N N 297 
SER CA  C    sing N N 298 
SER CA  CB   sing N N 299 
SER CA  HA   sing N N 300 
SER C   O    doub N N 301 
SER C   OXT  sing N N 302 
SER CB  OG   sing N N 303 
SER CB  HB2  sing N N 304 
SER CB  HB3  sing N N 305 
SER OG  HG   sing N N 306 
SER OXT HXT  sing N N 307 
THR N   CA   sing N N 308 
THR N   H    sing N N 309 
THR N   H2   sing N N 310 
THR CA  C    sing N N 311 
THR CA  CB   sing N N 312 
THR CA  HA   sing N N 313 
THR C   O    doub N N 314 
THR C   OXT  sing N N 315 
THR CB  OG1  sing N N 316 
THR CB  CG2  sing N N 317 
THR CB  HB   sing N N 318 
THR OG1 HG1  sing N N 319 
THR CG2 HG21 sing N N 320 
THR CG2 HG22 sing N N 321 
THR CG2 HG23 sing N N 322 
THR OXT HXT  sing N N 323 
TRP N   CA   sing N N 324 
TRP N   H    sing N N 325 
TRP N   H2   sing N N 326 
TRP CA  C    sing N N 327 
TRP CA  CB   sing N N 328 
TRP CA  HA   sing N N 329 
TRP C   O    doub N N 330 
TRP C   OXT  sing N N 331 
TRP CB  CG   sing N N 332 
TRP CB  HB2  sing N N 333 
TRP CB  HB3  sing N N 334 
TRP CG  CD1  doub Y N 335 
TRP CG  CD2  sing Y N 336 
TRP CD1 NE1  sing Y N 337 
TRP CD1 HD1  sing N N 338 
TRP CD2 CE2  doub Y N 339 
TRP CD2 CE3  sing Y N 340 
TRP NE1 CE2  sing Y N 341 
TRP NE1 HE1  sing N N 342 
TRP CE2 CZ2  sing Y N 343 
TRP CE3 CZ3  doub Y N 344 
TRP CE3 HE3  sing N N 345 
TRP CZ2 CH2  doub Y N 346 
TRP CZ2 HZ2  sing N N 347 
TRP CZ3 CH2  sing Y N 348 
TRP CZ3 HZ3  sing N N 349 
TRP CH2 HH2  sing N N 350 
TRP OXT HXT  sing N N 351 
TYR N   CA   sing N N 352 
TYR N   H    sing N N 353 
TYR N   H2   sing N N 354 
TYR CA  C    sing N N 355 
TYR CA  CB   sing N N 356 
TYR CA  HA   sing N N 357 
TYR C   O    doub N N 358 
TYR C   OXT  sing N N 359 
TYR CB  CG   sing N N 360 
TYR CB  HB2  sing N N 361 
TYR CB  HB3  sing N N 362 
TYR CG  CD1  doub Y N 363 
TYR CG  CD2  sing Y N 364 
TYR CD1 CE1  sing Y N 365 
TYR CD1 HD1  sing N N 366 
TYR CD2 CE2  doub Y N 367 
TYR CD2 HD2  sing N N 368 
TYR CE1 CZ   doub Y N 369 
TYR CE1 HE1  sing N N 370 
TYR CE2 CZ   sing Y N 371 
TYR CE2 HE2  sing N N 372 
TYR CZ  OH   sing N N 373 
TYR OH  HH   sing N N 374 
TYR OXT HXT  sing N N 375 
VAL N   CA   sing N N 376 
VAL N   H    sing N N 377 
VAL N   H2   sing N N 378 
VAL CA  C    sing N N 379 
VAL CA  CB   sing N N 380 
VAL CA  HA   sing N N 381 
VAL C   O    doub N N 382 
VAL C   OXT  sing N N 383 
VAL CB  CG1  sing N N 384 
VAL CB  CG2  sing N N 385 
VAL CB  HB   sing N N 386 
VAL CG1 HG11 sing N N 387 
VAL CG1 HG12 sing N N 388 
VAL CG1 HG13 sing N N 389 
VAL CG2 HG21 sing N N 390 
VAL CG2 HG22 sing N N 391 
VAL CG2 HG23 sing N N 392 
VAL OXT HXT  sing N N 393 
# 
_atom_sites.entry_id                    1KHX 
_atom_sites.fract_transf_matrix[1][1]   0.00232599 
_atom_sites.fract_transf_matrix[1][2]   -0.00752134 
_atom_sites.fract_transf_matrix[1][3]   -0.00392062 
_atom_sites.fract_transf_matrix[2][1]   0.00841354 
_atom_sites.fract_transf_matrix[2][2]   0.00153106 
_atom_sites.fract_transf_matrix[2][3]   0.00205432 
_atom_sites.fract_transf_matrix[3][1]   -0.00107431 
_atom_sites.fract_transf_matrix[3][2]   -0.00429387 
_atom_sites.fract_transf_matrix[3][3]   0.00760004 
_atom_sites.fract_transf_vector[1]      0.669801 
_atom_sites.fract_transf_vector[2]      0.819125 
_atom_sites.fract_transf_vector[3]      0.363260 
# 
loop_
_atom_type.symbol 
C 
N 
O 
P 
S 
# 
loop_
_atom_site.group_PDB 
_atom_site.id 
_atom_site.type_symbol 
_atom_site.label_atom_id 
_atom_site.label_alt_id 
_atom_site.label_comp_id 
_atom_site.label_asym_id 
_atom_site.label_entity_id 
_atom_site.label_seq_id 
_atom_site.pdbx_PDB_ins_code 
_atom_site.Cartn_x 
_atom_site.Cartn_y 
_atom_site.Cartn_z 
_atom_site.occupancy 
_atom_site.B_iso_or_equiv 
_atom_site.pdbx_formal_charge 
_atom_site.auth_seq_id 
_atom_site.auth_comp_id 
_atom_site.auth_asym_id 
_atom_site.auth_atom_id 
_atom_site.pdbx_PDB_model_num 
ATOM   1    N N   . PRO A 1 25  ? -31.375 -1.576  -1.567  1.00 51.47 ? 265 PRO A N   1 
ATOM   2    C CA  . PRO A 1 25  ? -29.943 -1.479  -1.526  1.00 51.05 ? 265 PRO A CA  1 
ATOM   3    C C   . PRO A 1 25  ? -29.026 -2.629  -1.766  1.00 49.63 ? 265 PRO A C   1 
ATOM   4    O O   . PRO A 1 25  ? -29.295 -3.798  -1.453  1.00 51.11 ? 265 PRO A O   1 
ATOM   5    C CB  . PRO A 1 25  ? -29.613 -0.783  -0.241  1.00 51.95 ? 265 PRO A CB  1 
ATOM   6    C CG  . PRO A 1 25  ? -30.621 0.349   -0.368  1.00 52.97 ? 265 PRO A CG  1 
ATOM   7    C CD  . PRO A 1 25  ? -31.897 -0.301  -1.062  1.00 53.30 ? 265 PRO A CD  1 
ATOM   8    N N   . VAL A 1 26  ? -27.868 -2.240  -2.267  1.00 47.71 ? 266 VAL A N   1 
ATOM   9    C CA  . VAL A 1 26  ? -26.892 -3.193  -2.661  1.00 45.69 ? 266 VAL A CA  1 
ATOM   10   C C   . VAL A 1 26  ? -26.023 -4.102  -1.849  1.00 44.70 ? 266 VAL A C   1 
ATOM   11   O O   . VAL A 1 26  ? -25.307 -3.803  -0.843  1.00 45.90 ? 266 VAL A O   1 
ATOM   12   C CB  . VAL A 1 26  ? -25.965 -2.597  -3.705  1.00 46.09 ? 266 VAL A CB  1 
ATOM   13   C CG1 . VAL A 1 26  ? -25.558 -3.678  -4.664  1.00 44.95 ? 266 VAL A CG1 1 
ATOM   14   C CG2 . VAL A 1 26  ? -26.642 -1.465  -4.379  1.00 45.64 ? 266 VAL A CG2 1 
ATOM   15   N N   . THR A 1 27  ? -25.966 -5.143  -2.642  1.00 43.17 ? 267 THR A N   1 
ATOM   16   C CA  . THR A 1 27  ? -25.315 -6.394  -2.600  1.00 41.81 ? 267 THR A CA  1 
ATOM   17   C C   . THR A 1 27  ? -23.811 -6.309  -2.723  1.00 39.09 ? 267 THR A C   1 
ATOM   18   O O   . THR A 1 27  ? -23.257 -5.624  -3.605  1.00 38.55 ? 267 THR A O   1 
ATOM   19   C CB  . THR A 1 27  ? -25.824 -7.051  -3.807  1.00 40.87 ? 267 THR A CB  1 
ATOM   20   O OG1 . THR A 1 27  ? -27.241 -6.878  -3.830  1.00 46.53 ? 267 THR A OG1 1 
ATOM   21   C CG2 . THR A 1 27  ? -25.397 -8.416  -3.930  1.00 43.74 ? 267 THR A CG2 1 
ATOM   22   N N   . TYR A 1 28  ? -23.172 -7.094  -1.874  1.00 36.61 ? 268 TYR A N   1 
ATOM   23   C CA  . TYR A 1 28  ? -21.738 -7.220  -1.848  1.00 34.26 ? 268 TYR A CA  1 
ATOM   24   C C   . TYR A 1 28  ? -21.405 -8.707  -1.911  1.00 33.49 ? 268 TYR A C   1 
ATOM   25   O O   . TYR A 1 28  ? -22.178 -9.578  -1.466  1.00 32.36 ? 268 TYR A O   1 
ATOM   26   C CB  . TYR A 1 28  ? -21.198 -6.625  -0.564  1.00 31.39 ? 268 TYR A CB  1 
ATOM   27   C CG  . TYR A 1 28  ? -21.392 -5.138  -0.498  1.00 29.43 ? 268 TYR A CG  1 
ATOM   28   C CD1 . TYR A 1 28  ? -22.574 -4.577  -0.006  1.00 27.65 ? 268 TYR A CD1 1 
ATOM   29   C CD2 . TYR A 1 28  ? -20.375 -4.282  -0.904  1.00 25.38 ? 268 TYR A CD2 1 
ATOM   30   C CE1 . TYR A 1 28  ? -22.724 -3.184  0.089   1.00 27.76 ? 268 TYR A CE1 1 
ATOM   31   C CE2 . TYR A 1 28  ? -20.514 -2.895  -0.817  1.00 26.03 ? 268 TYR A CE2 1 
ATOM   32   C CZ  . TYR A 1 28  ? -21.691 -2.354  -0.318  1.00 28.23 ? 268 TYR A CZ  1 
ATOM   33   O OH  . TYR A 1 28  ? -21.841 -0.988  -0.220  1.00 26.21 ? 268 TYR A OH  1 
ATOM   34   N N   . SER A 1 29  ? -20.251 -8.979  -2.501  1.00 31.87 ? 269 SER A N   1 
ATOM   35   C CA  . SER A 1 29  ? -19.736 -10.325 -2.624  1.00 32.44 ? 269 SER A CA  1 
ATOM   36   C C   . SER A 1 29  ? -18.305 -10.262 -2.097  1.00 31.49 ? 269 SER A C   1 
ATOM   37   O O   . SER A 1 29  ? -17.590 -9.286  -2.338  1.00 29.84 ? 269 SER A O   1 
ATOM   38   C CB  . SER A 1 29  ? -19.745 -10.780 -4.085  1.00 33.38 ? 269 SER A CB  1 
ATOM   39   O OG  . SER A 1 29  ? -18.868 -10.001 -4.877  1.00 39.57 ? 269 SER A OG  1 
ATOM   40   N N   . GLU A 1 30  ? -17.899 -11.290 -1.361  1.00 30.91 ? 270 GLU A N   1 
ATOM   41   C CA  . GLU A 1 30  ? -16.555 -11.337 -0.801  1.00 31.44 ? 270 GLU A CA  1 
ATOM   42   C C   . GLU A 1 30  ? -15.504 -11.189 -1.895  1.00 29.79 ? 270 GLU A C   1 
ATOM   43   O O   . GLU A 1 30  ? -15.554 -11.875 -2.914  1.00 28.31 ? 270 GLU A O   1 
ATOM   44   C CB  . GLU A 1 30  ? -16.334 -12.651 -0.047  1.00 35.70 ? 270 GLU A CB  1 
ATOM   45   C CG  . GLU A 1 30  ? -14.919 -12.817 0.485   1.00 39.28 ? 270 GLU A CG  1 
ATOM   46   C CD  . GLU A 1 30  ? -14.778 -14.003 1.417   1.00 44.89 ? 270 GLU A CD  1 
ATOM   47   O OE1 . GLU A 1 30  ? -15.175 -15.123 1.029   1.00 45.19 ? 270 GLU A OE1 1 
ATOM   48   O OE2 . GLU A 1 30  ? -14.263 -13.812 2.539   1.00 45.73 ? 270 GLU A OE2 1 
ATOM   49   N N   . PRO A 1 31  ? -14.534 -10.284 -1.693  1.00 29.22 ? 271 PRO A N   1 
ATOM   50   C CA  . PRO A 1 31  ? -13.481 -10.073 -2.692  1.00 27.53 ? 271 PRO A CA  1 
ATOM   51   C C   . PRO A 1 31  ? -12.700 -11.356 -2.963  1.00 26.15 ? 271 PRO A C   1 
ATOM   52   O O   . PRO A 1 31  ? -12.316 -12.061 -2.033  1.00 27.99 ? 271 PRO A O   1 
ATOM   53   C CB  . PRO A 1 31  ? -12.607 -8.998  -2.050  1.00 26.36 ? 271 PRO A CB  1 
ATOM   54   C CG  . PRO A 1 31  ? -13.573 -8.243  -1.178  1.00 27.67 ? 271 PRO A CG  1 
ATOM   55   C CD  . PRO A 1 31  ? -14.378 -9.356  -0.560  1.00 26.96 ? 271 PRO A CD  1 
ATOM   56   N N   . ALA A 1 32  ? -12.474 -11.657 -4.236  1.00 25.98 ? 272 ALA A N   1 
ATOM   57   C CA  . ALA A 1 32  ? -11.721 -12.851 -4.608  1.00 24.59 ? 272 ALA A CA  1 
ATOM   58   C C   . ALA A 1 32  ? -10.242 -12.611 -4.322  1.00 23.08 ? 272 ALA A C   1 
ATOM   59   O O   . ALA A 1 32  ? -9.467  -13.553 -4.158  1.00 22.25 ? 272 ALA A O   1 
ATOM   60   C CB  . ALA A 1 32  ? -11.926 -13.161 -6.080  1.00 27.57 ? 272 ALA A CB  1 
ATOM   61   N N   . PHE A 1 33  ? -9.863  -11.338 -4.267  1.00 20.77 ? 273 PHE A N   1 
ATOM   62   C CA  . PHE A 1 33  ? -8.481  -10.951 -3.997  1.00 18.80 ? 273 PHE A CA  1 
ATOM   63   C C   . PHE A 1 33  ? -8.433  -10.066 -2.755  1.00 17.34 ? 273 PHE A C   1 
ATOM   64   O O   . PHE A 1 33  ? -9.092  -9.030  -2.704  1.00 18.42 ? 273 PHE A O   1 
ATOM   65   C CB  . PHE A 1 33  ? -7.906  -10.190 -5.195  1.00 18.40 ? 273 PHE A CB  1 
ATOM   66   C CG  . PHE A 1 33  ? -7.990  -10.945 -6.491  1.00 19.35 ? 273 PHE A CG  1 
ATOM   67   C CD1 . PHE A 1 33  ? -9.004  -10.672 -7.405  1.00 22.39 ? 273 PHE A CD1 1 
ATOM   68   C CD2 . PHE A 1 33  ? -7.057  -11.930 -6.799  1.00 17.61 ? 273 PHE A CD2 1 
ATOM   69   C CE1 . PHE A 1 33  ? -9.086  -11.369 -8.609  1.00 25.84 ? 273 PHE A CE1 1 
ATOM   70   C CE2 . PHE A 1 33  ? -7.129  -12.634 -7.999  1.00 21.96 ? 273 PHE A CE2 1 
ATOM   71   C CZ  . PHE A 1 33  ? -8.147  -12.353 -8.907  1.00 23.55 ? 273 PHE A CZ  1 
ATOM   72   N N   . TRP A 1 34  ? -7.653  -10.465 -1.752  1.00 15.40 ? 274 TRP A N   1 
ATOM   73   C CA  . TRP A 1 34  ? -7.578  -9.671  -0.528  1.00 15.18 ? 274 TRP A CA  1 
ATOM   74   C C   . TRP A 1 34  ? -6.844  -8.348  -0.706  1.00 12.97 ? 274 TRP A C   1 
ATOM   75   O O   . TRP A 1 34  ? -7.019  -7.429  0.094   1.00 12.93 ? 274 TRP A O   1 
ATOM   76   C CB  . TRP A 1 34  ? -6.950  -10.472 0.623   1.00 13.12 ? 274 TRP A CB  1 
ATOM   77   C CG  . TRP A 1 34  ? -5.473  -10.757 0.538   1.00 13.72 ? 274 TRP A CG  1 
ATOM   78   C CD1 . TRP A 1 34  ? -4.865  -11.787 -0.133  1.00 13.44 ? 274 TRP A CD1 1 
ATOM   79   C CD2 . TRP A 1 34  ? -4.431  -10.067 1.237   1.00 13.89 ? 274 TRP A CD2 1 
ATOM   80   N NE1 . TRP A 1 34  ? -3.514  -11.783 0.120   1.00 11.81 ? 274 TRP A NE1 1 
ATOM   81   C CE2 . TRP A 1 34  ? -3.221  -10.739 0.957   1.00 11.38 ? 274 TRP A CE2 1 
ATOM   82   C CE3 . TRP A 1 34  ? -4.404  -8.945  2.080   1.00 13.56 ? 274 TRP A CE3 1 
ATOM   83   C CZ2 . TRP A 1 34  ? -1.993  -10.326 1.493   1.00 13.21 ? 274 TRP A CZ2 1 
ATOM   84   C CZ3 . TRP A 1 34  ? -3.183  -8.536  2.611   1.00 15.06 ? 274 TRP A CZ3 1 
ATOM   85   C CH2 . TRP A 1 34  ? -1.995  -9.227  2.315   1.00 12.20 ? 274 TRP A CH2 1 
ATOM   86   N N   . CYS A 1 35  ? -6.030  -8.247  -1.752  1.00 12.25 ? 275 CYS A N   1 
ATOM   87   C CA  . CYS A 1 35  ? -5.313  -7.007  -2.010  1.00 12.57 ? 275 CYS A CA  1 
ATOM   88   C C   . CYS A 1 35  ? -4.867  -6.899  -3.457  1.00 12.56 ? 275 CYS A C   1 
ATOM   89   O O   . CYS A 1 35  ? -4.860  -7.886  -4.203  1.00 14.08 ? 275 CYS A O   1 
ATOM   90   C CB  . CYS A 1 35  ? -4.083  -6.887  -1.100  1.00 13.71 ? 275 CYS A CB  1 
ATOM   91   S SG  . CYS A 1 35  ? -2.690  -7.972  -1.526  1.00 16.83 ? 275 CYS A SG  1 
ATOM   92   N N   . SER A 1 36  ? -4.513  -5.679  -3.850  1.00 12.20 ? 276 SER A N   1 
ATOM   93   C CA  . SER A 1 36  ? -4.009  -5.413  -5.189  1.00 12.45 ? 276 SER A CA  1 
ATOM   94   C C   . SER A 1 36  ? -2.716  -4.636  -4.973  1.00 12.51 ? 276 SER A C   1 
ATOM   95   O O   . SER A 1 36  ? -2.597  -3.865  -4.018  1.00 13.07 ? 276 SER A O   1 
ATOM   96   C CB  . SER A 1 36  ? -5.003  -4.574  -6.002  1.00 13.06 ? 276 SER A CB  1 
ATOM   97   O OG  . SER A 1 36  ? -5.054  -3.243  -5.530  1.00 17.91 ? 276 SER A OG  1 
ATOM   98   N N   . ILE A 1 37  ? -1.736  -4.841  -5.842  1.00 12.45 ? 277 ILE A N   1 
ATOM   99   C CA  . ILE A 1 37  ? -0.465  -4.152  -5.681  1.00 11.10 ? 277 ILE A CA  1 
ATOM   100  C C   . ILE A 1 37  ? -0.032  -3.523  -6.989  1.00 11.75 ? 277 ILE A C   1 
ATOM   101  O O   . ILE A 1 37  ? -0.045  -4.178  -8.031  1.00 12.57 ? 277 ILE A O   1 
ATOM   102  C CB  . ILE A 1 37  ? 0.634   -5.128  -5.212  1.00 12.19 ? 277 ILE A CB  1 
ATOM   103  C CG1 . ILE A 1 37  ? 0.167   -5.867  -3.956  1.00 12.72 ? 277 ILE A CG1 1 
ATOM   104  C CG2 . ILE A 1 37  ? 1.929   -4.365  -4.920  1.00 9.56  ? 277 ILE A CG2 1 
ATOM   105  C CD1 . ILE A 1 37  ? 1.149   -6.928  -3.469  1.00 18.44 ? 277 ILE A CD1 1 
ATOM   106  N N   . ALA A 1 38  ? 0.341   -2.247  -6.919  1.00 13.07 ? 278 ALA A N   1 
ATOM   107  C CA  . ALA A 1 38  ? 0.802   -1.499  -8.083  1.00 12.97 ? 278 ALA A CA  1 
ATOM   108  C C   . ALA A 1 38  ? 2.261   -1.110  -7.870  1.00 13.13 ? 278 ALA A C   1 
ATOM   109  O O   . ALA A 1 38  ? 2.632   -0.604  -6.813  1.00 12.80 ? 278 ALA A O   1 
ATOM   110  C CB  . ALA A 1 38  ? -0.050  -0.239  -8.277  1.00 16.08 ? 278 ALA A CB  1 
ATOM   111  N N   . TYR A 1 39  ? 3.082   -1.342  -8.885  1.00 12.86 ? 279 TYR A N   1 
ATOM   112  C CA  . TYR A 1 39  ? 4.501   -1.021  -8.811  1.00 11.49 ? 279 TYR A CA  1 
ATOM   113  C C   . TYR A 1 39  ? 4.781   0.303   -9.520  1.00 12.72 ? 279 TYR A C   1 
ATOM   114  O O   . TYR A 1 39  ? 4.148   0.616   -10.535 1.00 12.81 ? 279 TYR A O   1 
ATOM   115  C CB  . TYR A 1 39  ? 5.297   -2.158  -9.454  1.00 11.22 ? 279 TYR A CB  1 
ATOM   116  C CG  . TYR A 1 39  ? 6.765   -1.865  -9.697  1.00 12.20 ? 279 TYR A CG  1 
ATOM   117  C CD1 . TYR A 1 39  ? 7.653   -1.671  -8.636  1.00 11.72 ? 279 TYR A CD1 1 
ATOM   118  C CD2 . TYR A 1 39  ? 7.271   -1.829  -10.995 1.00 10.49 ? 279 TYR A CD2 1 
ATOM   119  C CE1 . TYR A 1 39  ? 9.018   -1.453  -8.869  1.00 13.00 ? 279 TYR A CE1 1 
ATOM   120  C CE2 . TYR A 1 39  ? 8.627   -1.611  -11.238 1.00 13.17 ? 279 TYR A CE2 1 
ATOM   121  C CZ  . TYR A 1 39  ? 9.494   -1.427  -10.175 1.00 12.18 ? 279 TYR A CZ  1 
ATOM   122  O OH  . TYR A 1 39  ? 10.833  -1.235  -10.429 1.00 14.19 ? 279 TYR A OH  1 
ATOM   123  N N   . TYR A 1 40  ? 5.720   1.072   -8.972  1.00 11.20 ? 280 TYR A N   1 
ATOM   124  C CA  . TYR A 1 40  ? 6.111   2.364   -9.531  1.00 12.57 ? 280 TYR A CA  1 
ATOM   125  C C   . TYR A 1 40  ? 7.618   2.544   -9.529  1.00 12.79 ? 280 TYR A C   1 
ATOM   126  O O   . TYR A 1 40  ? 8.320   1.978   -8.694  1.00 13.94 ? 280 TYR A O   1 
ATOM   127  C CB  . TYR A 1 40  ? 5.578   3.528   -8.698  1.00 12.39 ? 280 TYR A CB  1 
ATOM   128  C CG  . TYR A 1 40  ? 4.088   3.712   -8.696  1.00 15.50 ? 280 TYR A CG  1 
ATOM   129  C CD1 . TYR A 1 40  ? 3.259   2.801   -8.055  1.00 18.19 ? 280 TYR A CD1 1 
ATOM   130  C CD2 . TYR A 1 40  ? 3.507   4.819   -9.316  1.00 21.29 ? 280 TYR A CD2 1 
ATOM   131  C CE1 . TYR A 1 40  ? 1.877   2.984   -8.028  1.00 20.59 ? 280 TYR A CE1 1 
ATOM   132  C CE2 . TYR A 1 40  ? 2.128   5.011   -9.295  1.00 19.61 ? 280 TYR A CE2 1 
ATOM   133  C CZ  . TYR A 1 40  ? 1.322   4.088   -8.649  1.00 22.85 ? 280 TYR A CZ  1 
ATOM   134  O OH  . TYR A 1 40  ? -0.045  4.263   -8.624  1.00 25.75 ? 280 TYR A OH  1 
ATOM   135  N N   . GLU A 1 41  ? 8.091   3.367   -10.459 1.00 13.28 ? 281 GLU A N   1 
ATOM   136  C CA  . GLU A 1 41  ? 9.497   3.742   -10.540 1.00 10.44 ? 281 GLU A CA  1 
ATOM   137  C C   . GLU A 1 41  ? 9.396   5.261   -10.568 1.00 13.24 ? 281 GLU A C   1 
ATOM   138  O O   . GLU A 1 41  ? 8.886   5.839   -11.529 1.00 13.56 ? 281 GLU A O   1 
ATOM   139  C CB  . GLU A 1 41  ? 10.146  3.175   -11.802 1.00 12.75 ? 281 GLU A CB  1 
ATOM   140  C CG  . GLU A 1 41  ? 10.306  1.667   -11.687 1.00 11.72 ? 281 GLU A CG  1 
ATOM   141  C CD  . GLU A 1 41  ? 10.933  1.001   -12.891 1.00 12.91 ? 281 GLU A CD  1 
ATOM   142  O OE1 . GLU A 1 41  ? 11.105  -0.229  -12.824 1.00 12.19 ? 281 GLU A OE1 1 
ATOM   143  O OE2 . GLU A 1 41  ? 11.251  1.686   -13.886 1.00 15.57 ? 281 GLU A OE2 1 
ATOM   144  N N   . LEU A 1 42  ? 9.849   5.891   -9.485  1.00 13.14 ? 282 LEU A N   1 
ATOM   145  C CA  . LEU A 1 42  ? 9.767   7.340   -9.336  1.00 15.16 ? 282 LEU A CA  1 
ATOM   146  C C   . LEU A 1 42  ? 8.283   7.710   -9.361  1.00 14.93 ? 282 LEU A C   1 
ATOM   147  O O   . LEU A 1 42  ? 7.516   7.187   -8.555  1.00 15.08 ? 282 LEU A O   1 
ATOM   148  C CB  . LEU A 1 42  ? 10.553  8.045   -10.449 1.00 14.26 ? 282 LEU A CB  1 
ATOM   149  C CG  . LEU A 1 42  ? 12.058  7.738   -10.391 1.00 15.85 ? 282 LEU A CG  1 
ATOM   150  C CD1 . LEU A 1 42  ? 12.763  8.405   -11.559 1.00 17.61 ? 282 LEU A CD1 1 
ATOM   151  C CD2 . LEU A 1 42  ? 12.638  8.222   -9.063  1.00 17.89 ? 282 LEU A CD2 1 
ATOM   152  N N   . ASN A 1 43  ? 7.857   8.580   -10.272 1.00 16.15 ? 283 ASN A N   1 
ATOM   153  C CA  . ASN A 1 43  ? 6.439   8.947   -10.310 1.00 17.67 ? 283 ASN A CA  1 
ATOM   154  C C   . ASN A 1 43  ? 5.678   8.252   -11.440 1.00 18.02 ? 283 ASN A C   1 
ATOM   155  O O   . ASN A 1 43  ? 4.565   8.650   -11.789 1.00 19.12 ? 283 ASN A O   1 
ATOM   156  C CB  . ASN A 1 43  ? 6.292   10.462  -10.458 1.00 21.53 ? 283 ASN A CB  1 
ATOM   157  C CG  . ASN A 1 43  ? 6.583   10.935  -11.865 1.00 25.54 ? 283 ASN A CG  1 
ATOM   158  O OD1 . ASN A 1 43  ? 7.514   10.458  -12.510 1.00 27.78 ? 283 ASN A OD1 1 
ATOM   159  N ND2 . ASN A 1 43  ? 5.790   11.887  -12.347 1.00 31.84 ? 283 ASN A ND2 1 
ATOM   160  N N   . GLN A 1 44  ? 6.268   7.201   -12.000 1.00 18.55 ? 284 GLN A N   1 
ATOM   161  C CA  . GLN A 1 44  ? 5.635   6.487   -13.101 1.00 18.94 ? 284 GLN A CA  1 
ATOM   162  C C   . GLN A 1 44  ? 5.218   5.060   -12.765 1.00 18.81 ? 284 GLN A C   1 
ATOM   163  O O   . GLN A 1 44  ? 5.979   4.291   -12.187 1.00 15.96 ? 284 GLN A O   1 
ATOM   164  C CB  . GLN A 1 44  ? 6.578   6.464   -14.308 1.00 22.57 ? 284 GLN A CB  1 
ATOM   165  C CG  . GLN A 1 44  ? 6.057   7.194   -15.540 1.00 37.55 ? 284 GLN A CG  1 
ATOM   166  C CD  . GLN A 1 44  ? 5.386   6.265   -16.541 1.00 40.05 ? 284 GLN A CD  1 
ATOM   167  O OE1 . GLN A 1 44  ? 4.317   5.706   -16.279 1.00 43.69 ? 284 GLN A OE1 1 
ATOM   168  N NE2 . GLN A 1 44  ? 6.020   6.095   -17.698 1.00 44.67 ? 284 GLN A NE2 1 
ATOM   169  N N   . ARG A 1 45  ? 3.993   4.719   -13.142 1.00 18.68 ? 285 ARG A N   1 
ATOM   170  C CA  . ARG A 1 45  ? 3.468   3.386   -12.916 1.00 17.46 ? 285 ARG A CA  1 
ATOM   171  C C   . ARG A 1 45  ? 4.153   2.444   -13.908 1.00 17.32 ? 285 ARG A C   1 
ATOM   172  O O   . ARG A 1 45  ? 4.296   2.776   -15.082 1.00 17.45 ? 285 ARG A O   1 
ATOM   173  C CB  . ARG A 1 45  ? 1.953   3.395   -13.153 1.00 20.17 ? 285 ARG A CB  1 
ATOM   174  C CG  . ARG A 1 45  ? 1.296   2.055   -13.018 1.00 28.94 ? 285 ARG A CG  1 
ATOM   175  C CD  . ARG A 1 45  ? 1.470   1.487   -11.620 1.00 33.07 ? 285 ARG A CD  1 
ATOM   176  N NE  . ARG A 1 45  ? 0.991   0.112   -11.579 1.00 36.34 ? 285 ARG A NE  1 
ATOM   177  C CZ  . ARG A 1 45  ? -0.277  -0.233  -11.753 1.00 35.97 ? 285 ARG A CZ  1 
ATOM   178  N NH1 . ARG A 1 45  ? -1.195  0.701   -11.971 1.00 41.54 ? 285 ARG A NH1 1 
ATOM   179  N NH2 . ARG A 1 45  ? -0.627  -1.510  -11.729 1.00 40.27 ? 285 ARG A NH2 1 
ATOM   180  N N   . VAL A 1 46  ? 4.589   1.281   -13.437 1.00 15.06 ? 286 VAL A N   1 
ATOM   181  C CA  . VAL A 1 46  ? 5.243   0.310   -14.306 1.00 14.03 ? 286 VAL A CA  1 
ATOM   182  C C   . VAL A 1 46  ? 4.612   -1.063  -14.125 1.00 16.13 ? 286 VAL A C   1 
ATOM   183  O O   . VAL A 1 46  ? 4.464   -1.530  -13.002 1.00 14.73 ? 286 VAL A O   1 
ATOM   184  C CB  . VAL A 1 46  ? 6.752   0.208   -13.999 1.00 13.21 ? 286 VAL A CB  1 
ATOM   185  C CG1 . VAL A 1 46  ? 7.380   -0.920  -14.811 1.00 13.87 ? 286 VAL A CG1 1 
ATOM   186  C CG2 . VAL A 1 46  ? 7.423   1.532   -14.313 1.00 13.52 ? 286 VAL A CG2 1 
ATOM   187  N N   . GLY A 1 47  ? 4.233   -1.699  -15.233 1.00 15.85 ? 287 GLY A N   1 
ATOM   188  C CA  . GLY A 1 47  ? 3.635   -3.021  -15.155 1.00 18.09 ? 287 GLY A CA  1 
ATOM   189  C C   . GLY A 1 47  ? 2.159   -3.039  -14.806 1.00 17.12 ? 287 GLY A C   1 
ATOM   190  O O   . GLY A 1 47  ? 1.574   -2.008  -14.469 1.00 17.74 ? 287 GLY A O   1 
ATOM   191  N N   . GLU A 1 48  ? 1.555   -4.222  -14.888 1.00 17.36 ? 288 GLU A N   1 
ATOM   192  C CA  . GLU A 1 48  ? 0.141   -4.392  -14.586 1.00 17.73 ? 288 GLU A CA  1 
ATOM   193  C C   . GLU A 1 48  ? -0.032  -4.520  -13.081 1.00 15.77 ? 288 GLU A C   1 
ATOM   194  O O   . GLU A 1 48  ? 0.919   -4.812  -12.360 1.00 16.15 ? 288 GLU A O   1 
ATOM   195  C CB  . GLU A 1 48  ? -0.404  -5.662  -15.245 1.00 22.70 ? 288 GLU A CB  1 
ATOM   196  C CG  . GLU A 1 48  ? -0.053  -5.824  -16.709 1.00 26.29 ? 288 GLU A CG  1 
ATOM   197  C CD  . GLU A 1 48  ? -0.422  -7.203  -17.227 1.00 31.36 ? 288 GLU A CD  1 
ATOM   198  O OE1 . GLU A 1 48  ? -1.629  -7.478  -17.387 1.00 31.33 ? 288 GLU A OE1 1 
ATOM   199  O OE2 . GLU A 1 48  ? 0.499   -8.015  -17.458 1.00 33.85 ? 288 GLU A OE2 1 
ATOM   200  N N   . THR A 1 49  ? -1.254  -4.299  -12.619 1.00 14.98 ? 289 THR A N   1 
ATOM   201  C CA  . THR A 1 49  ? -1.570  -4.419  -11.200 1.00 14.86 ? 289 THR A CA  1 
ATOM   202  C C   . THR A 1 49  ? -1.587  -5.899  -10.850 1.00 15.18 ? 289 THR A C   1 
ATOM   203  O O   . THR A 1 49  ? -2.042  -6.728  -11.637 1.00 15.38 ? 289 THR A O   1 
ATOM   204  C CB  . THR A 1 49  ? -2.949  -3.808  -10.891 1.00 15.52 ? 289 THR A CB  1 
ATOM   205  O OG1 . THR A 1 49  ? -2.922  -2.408  -11.198 1.00 17.51 ? 289 THR A OG1 1 
ATOM   206  C CG2 . THR A 1 49  ? -3.313  -4.000  -9.421  1.00 16.71 ? 289 THR A CG2 1 
ATOM   207  N N   . PHE A 1 50  ? -1.067  -6.231  -9.675  1.00 13.12 ? 290 PHE A N   1 
ATOM   208  C CA  . PHE A 1 50  ? -1.036  -7.609  -9.217  1.00 13.89 ? 290 PHE A CA  1 
ATOM   209  C C   . PHE A 1 50  ? -2.179  -7.784  -8.227  1.00 13.62 ? 290 PHE A C   1 
ATOM   210  O O   . PHE A 1 50  ? -2.398  -6.926  -7.370  1.00 13.54 ? 290 PHE A O   1 
ATOM   211  C CB  . PHE A 1 50  ? 0.312   -7.900  -8.538  1.00 13.42 ? 290 PHE A CB  1 
ATOM   212  C CG  . PHE A 1 50  ? 0.431   -9.290  -7.985  1.00 12.78 ? 290 PHE A CG  1 
ATOM   213  C CD1 . PHE A 1 50  ? 0.039   -9.573  -6.679  1.00 17.66 ? 290 PHE A CD1 1 
ATOM   214  C CD2 . PHE A 1 50  ? 0.921   -10.323 -8.777  1.00 18.48 ? 290 PHE A CD2 1 
ATOM   215  C CE1 . PHE A 1 50  ? 0.138   -10.869 -6.172  1.00 20.42 ? 290 PHE A CE1 1 
ATOM   216  C CE2 . PHE A 1 50  ? 1.023   -11.620 -8.278  1.00 19.78 ? 290 PHE A CE2 1 
ATOM   217  C CZ  . PHE A 1 50  ? 0.630   -11.892 -6.973  1.00 18.36 ? 290 PHE A CZ  1 
ATOM   218  N N   . HIS A 1 51  ? -2.923  -8.876  -8.370  1.00 12.53 ? 291 HIS A N   1 
ATOM   219  C CA  . HIS A 1 51  ? -4.037  -9.172  -7.473  1.00 11.74 ? 291 HIS A CA  1 
ATOM   220  C C   . HIS A 1 51  ? -3.736  -10.481 -6.757  1.00 12.57 ? 291 HIS A C   1 
ATOM   221  O O   . HIS A 1 51  ? -3.465  -11.496 -7.397  1.00 12.11 ? 291 HIS A O   1 
ATOM   222  C CB  . HIS A 1 51  ? -5.343  -9.281  -8.259  1.00 14.86 ? 291 HIS A CB  1 
ATOM   223  C CG  . HIS A 1 51  ? -5.720  -8.016  -8.965  1.00 16.47 ? 291 HIS A CG  1 
ATOM   224  N ND1 . HIS A 1 51  ? -5.336  -7.742  -10.260 1.00 19.30 ? 291 HIS A ND1 1 
ATOM   225  C CD2 . HIS A 1 51  ? -6.392  -6.925  -8.532  1.00 14.30 ? 291 HIS A CD2 1 
ATOM   226  C CE1 . HIS A 1 51  ? -5.757  -6.534  -10.595 1.00 14.37 ? 291 HIS A CE1 1 
ATOM   227  N NE2 . HIS A 1 51  ? -6.399  -6.017  -9.565  1.00 20.99 ? 291 HIS A NE2 1 
ATOM   228  N N   . ALA A 1 52  ? -3.780  -10.434 -5.430  1.00 13.68 ? 292 ALA A N   1 
ATOM   229  C CA  . ALA A 1 52  ? -3.471  -11.590 -4.591  1.00 14.61 ? 292 ALA A CA  1 
ATOM   230  C C   . ALA A 1 52  ? -4.694  -12.376 -4.159  1.00 16.15 ? 292 ALA A C   1 
ATOM   231  O O   . ALA A 1 52  ? -5.609  -11.833 -3.533  1.00 16.76 ? 292 ALA A O   1 
ATOM   232  C CB  . ALA A 1 52  ? -2.686  -11.132 -3.361  1.00 14.27 ? 292 ALA A CB  1 
ATOM   233  N N   . SER A 1 53  ? -4.688  -13.664 -4.485  1.00 16.74 ? 293 SER A N   1 
ATOM   234  C CA  . SER A 1 53  ? -5.785  -14.553 -4.135  1.00 20.04 ? 293 SER A CA  1 
ATOM   235  C C   . SER A 1 53  ? -5.412  -15.450 -2.958  1.00 20.22 ? 293 SER A C   1 
ATOM   236  O O   . SER A 1 53  ? -6.274  -16.125 -2.395  1.00 22.93 ? 293 SER A O   1 
ATOM   237  C CB  . SER A 1 53  ? -6.157  -15.417 -5.341  1.00 20.21 ? 293 SER A CB  1 
ATOM   238  O OG  . SER A 1 53  ? -5.034  -16.137 -5.808  1.00 22.72 ? 293 SER A OG  1 
ATOM   239  N N   . GLN A 1 54  ? -4.129  -15.455 -2.599  1.00 19.37 ? 294 GLN A N   1 
ATOM   240  C CA  . GLN A 1 54  ? -3.629  -16.268 -1.485  1.00 20.55 ? 294 GLN A CA  1 
ATOM   241  C C   . GLN A 1 54  ? -3.241  -15.359 -0.317  1.00 17.43 ? 294 GLN A C   1 
ATOM   242  O O   . GLN A 1 54  ? -2.736  -14.259 -0.531  1.00 16.46 ? 294 GLN A O   1 
ATOM   243  C CB  . GLN A 1 54  ? -2.397  -17.065 -1.923  1.00 22.29 ? 294 GLN A CB  1 
ATOM   244  C CG  . GLN A 1 54  ? -2.586  -17.888 -3.179  1.00 30.41 ? 294 GLN A CG  1 
ATOM   245  C CD  . GLN A 1 54  ? -3.815  -18.764 -3.114  1.00 32.08 ? 294 GLN A CD  1 
ATOM   246  O OE1 . GLN A 1 54  ? -4.049  -19.450 -2.121  1.00 37.01 ? 294 GLN A OE1 1 
ATOM   247  N NE2 . GLN A 1 54  ? -4.608  -18.749 -4.179  1.00 37.80 ? 294 GLN A NE2 1 
ATOM   248  N N   . PRO A 1 55  ? -3.449  -15.822 0.930   1.00 17.00 ? 295 PRO A N   1 
ATOM   249  C CA  . PRO A 1 55  ? -3.146  -15.092 2.168   1.00 16.45 ? 295 PRO A CA  1 
ATOM   250  C C   . PRO A 1 55  ? -1.685  -14.703 2.360   1.00 15.57 ? 295 PRO A C   1 
ATOM   251  O O   . PRO A 1 55  ? -1.360  -13.926 3.252   1.00 14.97 ? 295 PRO A O   1 
ATOM   252  C CB  . PRO A 1 55  ? -3.619  -16.053 3.264   1.00 18.25 ? 295 PRO A CB  1 
ATOM   253  C CG  . PRO A 1 55  ? -4.670  -16.860 2.587   1.00 22.36 ? 295 PRO A CG  1 
ATOM   254  C CD  . PRO A 1 55  ? -4.066  -17.121 1.241   1.00 18.96 ? 295 PRO A CD  1 
ATOM   255  N N   . SER A 1 56  ? -0.798  -15.264 1.550   1.00 15.51 ? 296 SER A N   1 
ATOM   256  C CA  . SER A 1 56  ? 0.615   -14.926 1.654   1.00 15.09 ? 296 SER A CA  1 
ATOM   257  C C   . SER A 1 56  ? 1.211   -14.803 0.258   1.00 16.16 ? 296 SER A C   1 
ATOM   258  O O   . SER A 1 56  ? 0.967   -15.638 -0.612  1.00 17.35 ? 296 SER A O   1 
ATOM   259  C CB  . SER A 1 56  ? 1.372   -15.996 2.452   1.00 14.93 ? 296 SER A CB  1 
ATOM   260  O OG  . SER A 1 56  ? 2.727   -15.621 2.656   1.00 16.03 ? 296 SER A OG  1 
ATOM   261  N N   . LEU A 1 57  ? 1.977   -13.744 0.040   1.00 16.09 ? 297 LEU A N   1 
ATOM   262  C CA  . LEU A 1 57  ? 2.612   -13.545 -1.251  1.00 17.13 ? 297 LEU A CA  1 
ATOM   263  C C   . LEU A 1 57  ? 3.911   -12.794 -1.045  1.00 16.57 ? 297 LEU A C   1 
ATOM   264  O O   . LEU A 1 57  ? 4.144   -12.210 0.013   1.00 16.43 ? 297 LEU A O   1 
ATOM   265  C CB  . LEU A 1 57  ? 1.709   -12.744 -2.194  1.00 19.37 ? 297 LEU A CB  1 
ATOM   266  C CG  . LEU A 1 57  ? 1.481   -11.264 -1.863  1.00 18.36 ? 297 LEU A CG  1 
ATOM   267  C CD1 . LEU A 1 57  ? 1.338   -10.476 -3.152  1.00 28.22 ? 297 LEU A CD1 1 
ATOM   268  C CD2 . LEU A 1 57  ? 0.250   -11.103 -0.994  1.00 25.17 ? 297 LEU A CD2 1 
ATOM   269  N N   . THR A 1 58  ? 4.768   -12.825 -2.051  1.00 15.63 ? 298 THR A N   1 
ATOM   270  C CA  . THR A 1 58  ? 6.020   -12.103 -1.960  1.00 14.57 ? 298 THR A CA  1 
ATOM   271  C C   . THR A 1 58  ? 6.143   -11.214 -3.185  1.00 14.19 ? 298 THR A C   1 
ATOM   272  O O   . THR A 1 58  ? 5.731   -11.599 -4.279  1.00 14.62 ? 298 THR A O   1 
ATOM   273  C CB  . THR A 1 58  ? 7.242   -13.059 -1.908  1.00 21.09 ? 298 THR A CB  1 
ATOM   274  O OG1 . THR A 1 58  ? 7.265   -13.758 -0.653  1.00 20.06 ? 298 THR A OG1 1 
ATOM   275  C CG2 . THR A 1 58  ? 8.533   -12.271 -2.049  1.00 23.66 ? 298 THR A CG2 1 
ATOM   276  N N   . VAL A 1 59  ? 6.659   -10.008 -2.985  1.00 12.62 ? 299 VAL A N   1 
ATOM   277  C CA  . VAL A 1 59  ? 6.903   -9.092  -4.096  1.00 11.32 ? 299 VAL A CA  1 
ATOM   278  C C   . VAL A 1 59  ? 8.421   -9.100  -4.130  1.00 10.16 ? 299 VAL A C   1 
ATOM   279  O O   . VAL A 1 59  ? 9.062   -8.621  -3.193  1.00 11.62 ? 299 VAL A O   1 
ATOM   280  C CB  . VAL A 1 59  ? 6.397   -7.662  -3.797  1.00 9.62  ? 299 VAL A CB  1 
ATOM   281  C CG1 . VAL A 1 59  ? 6.676   -6.749  -4.994  1.00 11.59 ? 299 VAL A CG1 1 
ATOM   282  C CG2 . VAL A 1 59  ? 4.906   -7.692  -3.504  1.00 14.02 ? 299 VAL A CG2 1 
ATOM   283  N N   . ASP A 1 60  ? 9.000   -9.681  -5.177  1.00 12.18 ? 300 ASP A N   1 
ATOM   284  C CA  . ASP A 1 60  ? 10.453  -9.762  -5.275  1.00 13.43 ? 300 ASP A CA  1 
ATOM   285  C C   . ASP A 1 60  ? 11.007  -9.176  -6.566  1.00 11.86 ? 300 ASP A C   1 
ATOM   286  O O   . ASP A 1 60  ? 10.258  -8.727  -7.428  1.00 13.36 ? 300 ASP A O   1 
ATOM   287  C CB  . ASP A 1 60  ? 10.926  -11.217 -5.118  1.00 13.50 ? 300 ASP A CB  1 
ATOM   288  C CG  . ASP A 1 60  ? 10.413  -12.137 -6.224  1.00 19.02 ? 300 ASP A CG  1 
ATOM   289  O OD1 . ASP A 1 60  ? 10.520  -11.781 -7.415  1.00 14.58 ? 300 ASP A OD1 1 
ATOM   290  O OD2 . ASP A 1 60  ? 9.913   -13.233 -5.898  1.00 19.76 ? 300 ASP A OD2 1 
ATOM   291  N N   . GLY A 1 61  ? 12.329  -9.182  -6.696  1.00 10.72 ? 301 GLY A N   1 
ATOM   292  C CA  . GLY A 1 61  ? 12.940  -8.621  -7.886  1.00 11.40 ? 301 GLY A CA  1 
ATOM   293  C C   . GLY A 1 61  ? 13.286  -9.658  -8.935  1.00 12.86 ? 301 GLY A C   1 
ATOM   294  O O   . GLY A 1 61  ? 14.055  -9.373  -9.856  1.00 14.00 ? 301 GLY A O   1 
ATOM   295  N N   . PHE A 1 62  ? 12.700  -10.846 -8.820  1.00 11.89 ? 302 PHE A N   1 
ATOM   296  C CA  . PHE A 1 62  ? 12.995  -11.916 -9.757  1.00 12.64 ? 302 PHE A CA  1 
ATOM   297  C C   . PHE A 1 62  ? 12.112  -11.995 -11.001 1.00 13.34 ? 302 PHE A C   1 
ATOM   298  O O   . PHE A 1 62  ? 11.469  -11.004 -11.360 1.00 14.98 ? 302 PHE A O   1 
ATOM   299  C CB  . PHE A 1 62  ? 13.070  -13.232 -8.985  1.00 11.00 ? 302 PHE A CB  1 
ATOM   300  C CG  . PHE A 1 62  ? 14.108  -13.202 -7.887  1.00 14.10 ? 302 PHE A CG  1 
ATOM   301  C CD1 . PHE A 1 62  ? 15.422  -12.844 -8.176  1.00 16.17 ? 302 PHE A CD1 1 
ATOM   302  C CD2 . PHE A 1 62  ? 13.767  -13.481 -6.569  1.00 14.46 ? 302 PHE A CD2 1 
ATOM   303  C CE1 . PHE A 1 62  ? 16.388  -12.758 -7.168  1.00 22.87 ? 302 PHE A CE1 1 
ATOM   304  C CE2 . PHE A 1 62  ? 14.725  -13.401 -5.551  1.00 16.50 ? 302 PHE A CE2 1 
ATOM   305  C CZ  . PHE A 1 62  ? 16.036  -13.038 -5.851  1.00 17.13 ? 302 PHE A CZ  1 
ATOM   306  N N   . THR A 1 63  ? 12.049  -13.157 -11.652 1.00 13.28 ? 303 THR A N   1 
ATOM   307  C CA  . THR A 1 63  ? 11.336  -13.229 -12.926 1.00 14.80 ? 303 THR A CA  1 
ATOM   308  C C   . THR A 1 63  ? 10.289  -14.288 -13.252 1.00 15.44 ? 303 THR A C   1 
ATOM   309  O O   . THR A 1 63  ? 10.047  -14.545 -14.431 1.00 16.56 ? 303 THR A O   1 
ATOM   310  C CB  . THR A 1 63  ? 12.362  -13.282 -14.077 1.00 14.99 ? 303 THR A CB  1 
ATOM   311  O OG1 . THR A 1 63  ? 13.073  -14.527 -14.022 1.00 13.82 ? 303 THR A OG1 1 
ATOM   312  C CG2 . THR A 1 63  ? 13.362  -12.141 -13.950 1.00 14.67 ? 303 THR A CG2 1 
ATOM   313  N N   . ASP A 1 64  ? 9.668   -14.911 -12.261 1.00 14.10 ? 304 ASP A N   1 
ATOM   314  C CA  . ASP A 1 64  ? 8.649   -15.904 -12.582 1.00 15.22 ? 304 ASP A CA  1 
ATOM   315  C C   . ASP A 1 64  ? 7.364   -15.166 -12.944 1.00 14.67 ? 304 ASP A C   1 
ATOM   316  O O   . ASP A 1 64  ? 6.829   -14.393 -12.145 1.00 12.85 ? 304 ASP A O   1 
ATOM   317  C CB  . ASP A 1 64  ? 8.395   -16.835 -11.397 1.00 12.73 ? 304 ASP A CB  1 
ATOM   318  C CG  . ASP A 1 64  ? 7.468   -17.986 -11.752 1.00 18.08 ? 304 ASP A CG  1 
ATOM   319  O OD1 . ASP A 1 64  ? 7.242   -18.860 -10.890 1.00 18.29 ? 304 ASP A OD1 1 
ATOM   320  O OD2 . ASP A 1 64  ? 6.960   -18.017 -12.893 1.00 16.33 ? 304 ASP A OD2 1 
ATOM   321  N N   . PRO A 1 65  ? 6.854   -15.379 -14.161 1.00 15.66 ? 305 PRO A N   1 
ATOM   322  C CA  . PRO A 1 65  ? 5.623   -14.667 -14.502 1.00 17.73 ? 305 PRO A CA  1 
ATOM   323  C C   . PRO A 1 65  ? 4.360   -15.468 -14.215 1.00 19.70 ? 305 PRO A C   1 
ATOM   324  O O   . PRO A 1 65  ? 3.258   -14.978 -14.452 1.00 20.43 ? 305 PRO A O   1 
ATOM   325  C CB  . PRO A 1 65  ? 5.796   -14.408 -15.992 1.00 20.59 ? 305 PRO A CB  1 
ATOM   326  C CG  . PRO A 1 65  ? 6.428   -15.695 -16.447 1.00 18.19 ? 305 PRO A CG  1 
ATOM   327  C CD  . PRO A 1 65  ? 7.473   -15.969 -15.365 1.00 17.63 ? 305 PRO A CD  1 
ATOM   328  N N   . SER A 1 66  ? 4.501   -16.679 -13.681 1.00 19.79 ? 306 SER A N   1 
ATOM   329  C CA  . SER A 1 66  ? 3.318   -17.504 -13.456 1.00 22.03 ? 306 SER A CA  1 
ATOM   330  C C   . SER A 1 66  ? 3.053   -18.058 -12.063 1.00 21.14 ? 306 SER A C   1 
ATOM   331  O O   . SER A 1 66  ? 2.424   -19.108 -11.932 1.00 23.96 ? 306 SER A O   1 
ATOM   332  C CB  . SER A 1 66  ? 3.315   -18.672 -14.442 1.00 23.11 ? 306 SER A CB  1 
ATOM   333  O OG  . SER A 1 66  ? 4.323   -19.612 -14.109 1.00 32.68 ? 306 SER A OG  1 
ATOM   334  N N   . ASN A 1 67  ? 3.520   -17.380 -11.023 1.00 20.66 ? 307 ASN A N   1 
ATOM   335  C CA  . ASN A 1 67  ? 3.254   -17.864 -9.672  1.00 19.52 ? 307 ASN A CA  1 
ATOM   336  C C   . ASN A 1 67  ? 2.242   -16.917 -9.032  1.00 18.81 ? 307 ASN A C   1 
ATOM   337  O O   . ASN A 1 67  ? 2.536   -15.742 -8.821  1.00 16.88 ? 307 ASN A O   1 
ATOM   338  C CB  . ASN A 1 67  ? 4.532   -17.894 -8.831  1.00 19.21 ? 307 ASN A CB  1 
ATOM   339  C CG  . ASN A 1 67  ? 4.326   -18.585 -7.495  1.00 22.15 ? 307 ASN A CG  1 
ATOM   340  O OD1 . ASN A 1 67  ? 3.259   -18.474 -6.887  1.00 20.29 ? 307 ASN A OD1 1 
ATOM   341  N ND2 . ASN A 1 67  ? 5.349   -19.293 -7.025  1.00 21.43 ? 307 ASN A ND2 1 
ATOM   342  N N   . SER A 1 68  ? 1.052   -17.430 -8.728  1.00 18.64 ? 308 SER A N   1 
ATOM   343  C CA  . SER A 1 68  ? 0.002   -16.612 -8.126  1.00 20.68 ? 308 SER A CA  1 
ATOM   344  C C   . SER A 1 68  ? 0.393   -16.041 -6.767  1.00 19.31 ? 308 SER A C   1 
ATOM   345  O O   . SER A 1 68  ? -0.268  -15.134 -6.262  1.00 20.42 ? 308 SER A O   1 
ATOM   346  C CB  . SER A 1 68  ? -1.292  -17.424 -7.982  1.00 22.22 ? 308 SER A CB  1 
ATOM   347  O OG  . SER A 1 68  ? -1.106  -18.528 -7.115  1.00 23.26 ? 308 SER A OG  1 
ATOM   348  N N   . GLU A 1 69  ? 1.467   -16.563 -6.182  1.00 17.79 ? 309 GLU A N   1 
ATOM   349  C CA  . GLU A 1 69  ? 1.932   -16.102 -4.878  1.00 19.57 ? 309 GLU A CA  1 
ATOM   350  C C   . GLU A 1 69  ? 3.182   -15.227 -4.970  1.00 16.26 ? 309 GLU A C   1 
ATOM   351  O O   . GLU A 1 69  ? 3.797   -14.906 -3.950  1.00 16.77 ? 309 GLU A O   1 
ATOM   352  C CB  . GLU A 1 69  ? 2.217   -17.304 -3.973  1.00 21.98 ? 309 GLU A CB  1 
ATOM   353  C CG  . GLU A 1 69  ? 1.014   -18.212 -3.750  1.00 31.54 ? 309 GLU A CG  1 
ATOM   354  C CD  . GLU A 1 69  ? 1.355   -19.456 -2.942  1.00 31.95 ? 309 GLU A CD  1 
ATOM   355  O OE1 . GLU A 1 69  ? 2.250   -20.217 -3.363  1.00 38.85 ? 309 GLU A OE1 1 
ATOM   356  O OE2 . GLU A 1 69  ? 0.722   -19.676 -1.888  1.00 39.15 ? 309 GLU A OE2 1 
ATOM   357  N N   . ARG A 1 70  ? 3.563   -14.846 -6.186  1.00 15.26 ? 310 ARG A N   1 
ATOM   358  C CA  . ARG A 1 70  ? 4.744   -14.007 -6.374  1.00 13.48 ? 310 ARG A CA  1 
ATOM   359  C C   . ARG A 1 70  ? 4.537   -12.893 -7.399  1.00 13.19 ? 310 ARG A C   1 
ATOM   360  O O   . ARG A 1 70  ? 4.141   -13.149 -8.540  1.00 14.23 ? 310 ARG A O   1 
ATOM   361  C CB  . ARG A 1 70  ? 5.947   -14.850 -6.825  1.00 15.93 ? 310 ARG A CB  1 
ATOM   362  C CG  . ARG A 1 70  ? 6.475   -15.851 -5.806  1.00 15.80 ? 310 ARG A CG  1 
ATOM   363  C CD  . ARG A 1 70  ? 7.626   -16.664 -6.404  1.00 14.75 ? 310 ARG A CD  1 
ATOM   364  N NE  . ARG A 1 70  ? 8.799   -15.845 -6.721  1.00 16.63 ? 310 ARG A NE  1 
ATOM   365  C CZ  . ARG A 1 70  ? 9.794   -16.243 -7.511  1.00 14.19 ? 310 ARG A CZ  1 
ATOM   366  N NH1 . ARG A 1 70  ? 9.765   -17.444 -8.064  1.00 16.03 ? 310 ARG A NH1 1 
ATOM   367  N NH2 . ARG A 1 70  ? 10.821  -15.436 -7.754  1.00 13.79 ? 310 ARG A NH2 1 
ATOM   368  N N   . PHE A 1 71  ? 4.800   -11.658 -6.977  1.00 11.54 ? 311 PHE A N   1 
ATOM   369  C CA  . PHE A 1 71  ? 4.715   -10.499 -7.862  1.00 11.19 ? 311 PHE A CA  1 
ATOM   370  C C   . PHE A 1 71  ? 6.190   -10.263 -8.179  1.00 10.56 ? 311 PHE A C   1 
ATOM   371  O O   . PHE A 1 71  ? 6.927   -9.679  -7.377  1.00 10.70 ? 311 PHE A O   1 
ATOM   372  C CB  . PHE A 1 71  ? 4.117   -9.296  -7.117  1.00 12.62 ? 311 PHE A CB  1 
ATOM   373  C CG  . PHE A 1 71  ? 3.892   -8.079  -7.985  1.00 13.73 ? 311 PHE A CG  1 
ATOM   374  C CD1 . PHE A 1 71  ? 3.570   -6.856  -7.405  1.00 12.72 ? 311 PHE A CD1 1 
ATOM   375  C CD2 . PHE A 1 71  ? 3.994   -8.157  -9.375  1.00 13.90 ? 311 PHE A CD2 1 
ATOM   376  C CE1 . PHE A 1 71  ? 3.352   -5.719  -8.192  1.00 11.01 ? 311 PHE A CE1 1 
ATOM   377  C CE2 . PHE A 1 71  ? 3.779   -7.029  -10.171 1.00 11.86 ? 311 PHE A CE2 1 
ATOM   378  C CZ  . PHE A 1 71  ? 3.456   -5.805  -9.574  1.00 14.51 ? 311 PHE A CZ  1 
ATOM   379  N N   . CYS A 1 72  ? 6.627   -10.750 -9.337  1.00 12.04 ? 312 CYS A N   1 
ATOM   380  C CA  . CYS A 1 72  ? 8.029   -10.641 -9.729  1.00 11.57 ? 312 CYS A CA  1 
ATOM   381  C C   . CYS A 1 72  ? 8.333   -9.384  -10.534 1.00 12.20 ? 312 CYS A C   1 
ATOM   382  O O   . CYS A 1 72  ? 8.060   -9.311  -11.731 1.00 13.15 ? 312 CYS A O   1 
ATOM   383  C CB  . CYS A 1 72  ? 8.434   -11.899 -10.504 1.00 13.50 ? 312 CYS A CB  1 
ATOM   384  S SG  . CYS A 1 72  ? 8.346   -13.415 -9.487  1.00 14.72 ? 312 CYS A SG  1 
ATOM   385  N N   . LEU A 1 73  ? 8.923   -8.401  -9.858  1.00 11.50 ? 313 LEU A N   1 
ATOM   386  C CA  . LEU A 1 73  ? 9.240   -7.114  -10.469 1.00 11.38 ? 313 LEU A CA  1 
ATOM   387  C C   . LEU A 1 73  ? 10.402  -7.124  -11.449 1.00 13.82 ? 313 LEU A C   1 
ATOM   388  O O   . LEU A 1 73  ? 10.531  -6.213  -12.267 1.00 13.11 ? 313 LEU A O   1 
ATOM   389  C CB  . LEU A 1 73  ? 9.535   -6.090  -9.373  1.00 9.82  ? 313 LEU A CB  1 
ATOM   390  C CG  . LEU A 1 73  ? 8.472   -5.977  -8.277  1.00 9.68  ? 313 LEU A CG  1 
ATOM   391  C CD1 . LEU A 1 73  ? 8.931   -4.953  -7.244  1.00 12.22 ? 313 LEU A CD1 1 
ATOM   392  C CD2 . LEU A 1 73  ? 7.126   -5.564  -8.889  1.00 12.33 ? 313 LEU A CD2 1 
ATOM   393  N N   . GLY A 1 74  ? 11.254  -8.138  -11.347 1.00 12.34 ? 314 GLY A N   1 
ATOM   394  C CA  . GLY A 1 74  ? 12.408  -8.231  -12.220 1.00 14.29 ? 314 GLY A CA  1 
ATOM   395  C C   . GLY A 1 74  ? 12.098  -8.427  -13.693 1.00 16.74 ? 314 GLY A C   1 
ATOM   396  O O   . GLY A 1 74  ? 12.907  -8.069  -14.548 1.00 18.38 ? 314 GLY A O   1 
ATOM   397  N N   . LEU A 1 75  ? 10.937  -8.992  -14.002 1.00 16.98 ? 315 LEU A N   1 
ATOM   398  C CA  . LEU A 1 75  ? 10.582  -9.213  -15.396 1.00 17.81 ? 315 LEU A CA  1 
ATOM   399  C C   . LEU A 1 75  ? 9.873   -8.009  -16.014 1.00 19.49 ? 315 LEU A C   1 
ATOM   400  O O   . LEU A 1 75  ? 9.673   -7.963  -17.228 1.00 17.58 ? 315 LEU A O   1 
ATOM   401  C CB  . LEU A 1 75  ? 9.715   -10.472 -15.526 1.00 20.85 ? 315 LEU A CB  1 
ATOM   402  C CG  . LEU A 1 75  ? 8.387   -10.552 -14.763 1.00 17.02 ? 315 LEU A CG  1 
ATOM   403  C CD1 . LEU A 1 75  ? 7.334   -9.692  -15.448 1.00 21.90 ? 315 LEU A CD1 1 
ATOM   404  C CD2 . LEU A 1 75  ? 7.922   -11.995 -14.727 1.00 20.52 ? 315 LEU A CD2 1 
ATOM   405  N N   . LEU A 1 76  ? 9.510   -7.033  -15.182 1.00 18.14 ? 316 LEU A N   1 
ATOM   406  C CA  . LEU A 1 76  ? 8.819   -5.837  -15.664 1.00 18.59 ? 316 LEU A CA  1 
ATOM   407  C C   . LEU A 1 76  ? 9.759   -4.910  -16.423 1.00 19.79 ? 316 LEU A C   1 
ATOM   408  O O   . LEU A 1 76  ? 10.795  -4.481  -15.905 1.00 18.85 ? 316 LEU A O   1 
ATOM   409  C CB  . LEU A 1 76  ? 8.181   -5.079  -14.497 1.00 19.42 ? 316 LEU A CB  1 
ATOM   410  C CG  . LEU A 1 76  ? 7.145   -5.858  -13.682 1.00 20.58 ? 316 LEU A CG  1 
ATOM   411  C CD1 . LEU A 1 76  ? 6.627   -4.976  -12.556 1.00 20.96 ? 316 LEU A CD1 1 
ATOM   412  C CD2 . LEU A 1 76  ? 5.994   -6.310  -14.586 1.00 20.99 ? 316 LEU A CD2 1 
ATOM   413  N N   . SER A 1 77  ? 9.384   -4.597  -17.658 1.00 18.24 ? 317 SER A N   1 
ATOM   414  C CA  . SER A 1 77  ? 10.193  -3.731  -18.501 1.00 18.88 ? 317 SER A CA  1 
ATOM   415  C C   . SER A 1 77  ? 9.799   -2.263  -18.385 1.00 17.48 ? 317 SER A C   1 
ATOM   416  O O   . SER A 1 77  ? 8.694   -1.926  -17.954 1.00 16.09 ? 317 SER A O   1 
ATOM   417  C CB  . SER A 1 77  ? 10.065  -4.157  -19.972 1.00 20.01 ? 317 SER A CB  1 
ATOM   418  O OG  . SER A 1 77  ? 10.442  -5.511  -20.158 1.00 25.19 ? 317 SER A OG  1 
ATOM   419  N N   . ASN A 1 78  ? 10.731  -1.396  -18.764 1.00 17.02 ? 318 ASN A N   1 
ATOM   420  C CA  . ASN A 1 78  ? 10.520  0.044   -18.789 1.00 16.61 ? 318 ASN A CA  1 
ATOM   421  C C   . ASN A 1 78  ? 11.633  0.628   -19.652 1.00 18.48 ? 318 ASN A C   1 
ATOM   422  O O   . ASN A 1 78  ? 12.741  0.868   -19.175 1.00 15.55 ? 318 ASN A O   1 
ATOM   423  C CB  . ASN A 1 78  ? 10.571  0.662   -17.387 1.00 17.79 ? 318 ASN A CB  1 
ATOM   424  C CG  . ASN A 1 78  ? 10.241  2.153   -17.396 1.00 16.00 ? 318 ASN A CG  1 
ATOM   425  O OD1 . ASN A 1 78  ? 10.225  2.810   -16.355 1.00 17.19 ? 318 ASN A OD1 1 
ATOM   426  N ND2 . ASN A 1 78  ? 9.980   2.692   -18.582 1.00 17.49 ? 318 ASN A ND2 1 
ATOM   427  N N   . VAL A 1 79  ? 11.338  0.832   -20.932 1.00 20.41 ? 319 VAL A N   1 
ATOM   428  C CA  . VAL A 1 79  ? 12.313  1.383   -21.866 1.00 22.94 ? 319 VAL A CA  1 
ATOM   429  C C   . VAL A 1 79  ? 12.807  2.763   -21.439 1.00 22.47 ? 319 VAL A C   1 
ATOM   430  O O   . VAL A 1 79  ? 13.892  3.186   -21.835 1.00 23.25 ? 319 VAL A O   1 
ATOM   431  C CB  . VAL A 1 79  ? 11.720  1.521   -23.288 1.00 22.63 ? 319 VAL A CB  1 
ATOM   432  C CG1 . VAL A 1 79  ? 11.373  0.154   -23.840 1.00 30.26 ? 319 VAL A CG1 1 
ATOM   433  C CG2 . VAL A 1 79  ? 10.488  2.411   -23.252 1.00 25.42 ? 319 VAL A CG2 1 
ATOM   434  N N   . ASN A 1 80  ? 12.001  3.453   -20.636 1.00 21.55 ? 320 ASN A N   1 
ATOM   435  C CA  . ASN A 1 80  ? 12.323  4.796   -20.157 1.00 22.94 ? 320 ASN A CA  1 
ATOM   436  C C   . ASN A 1 80  ? 13.098  4.792   -18.837 1.00 22.37 ? 320 ASN A C   1 
ATOM   437  O O   . ASN A 1 80  ? 13.419  5.851   -18.295 1.00 22.63 ? 320 ASN A O   1 
ATOM   438  C CB  . ASN A 1 80  ? 11.031  5.595   -19.967 1.00 24.25 ? 320 ASN A CB  1 
ATOM   439  C CG  . ASN A 1 80  ? 10.219  5.721   -21.248 1.00 26.32 ? 320 ASN A CG  1 
ATOM   440  O OD1 . ASN A 1 80  ? 8.992   5.827   -21.210 1.00 30.74 ? 320 ASN A OD1 1 
ATOM   441  N ND2 . ASN A 1 80  ? 10.902  5.726   -22.387 1.00 23.86 ? 320 ASN A ND2 1 
ATOM   442  N N   . ARG A 1 81  ? 13.395  3.602   -18.330 1.00 20.11 ? 321 ARG A N   1 
ATOM   443  C CA  . ARG A 1 81  ? 14.113  3.446   -17.065 1.00 21.06 ? 321 ARG A CA  1 
ATOM   444  C C   . ARG A 1 81  ? 15.486  4.117   -17.041 1.00 20.64 ? 321 ARG A C   1 
ATOM   445  O O   . ARG A 1 81  ? 16.224  4.083   -18.022 1.00 19.79 ? 321 ARG A O   1 
ATOM   446  C CB  . ARG A 1 81  ? 14.264  1.957   -16.766 1.00 19.16 ? 321 ARG A CB  1 
ATOM   447  C CG  . ARG A 1 81  ? 14.895  1.617   -15.444 1.00 22.66 ? 321 ARG A CG  1 
ATOM   448  C CD  . ARG A 1 81  ? 14.786  0.128   -15.239 1.00 19.79 ? 321 ARG A CD  1 
ATOM   449  N NE  . ARG A 1 81  ? 13.410  -0.305  -14.986 1.00 11.93 ? 321 ARG A NE  1 
ATOM   450  C CZ  . ARG A 1 81  ? 12.922  -1.481  -15.370 1.00 18.97 ? 321 ARG A CZ  1 
ATOM   451  N NH1 . ARG A 1 81  ? 13.689  -2.332  -16.041 1.00 17.09 ? 321 ARG A NH1 1 
ATOM   452  N NH2 . ARG A 1 81  ? 11.684  -1.827  -15.049 1.00 15.92 ? 321 ARG A NH2 1 
ATOM   453  N N   . ASN A 1 82  ? 15.812  4.712   -15.898 1.00 22.67 ? 322 ASN A N   1 
ATOM   454  C CA  . ASN A 1 82  ? 17.084  5.398   -15.677 1.00 23.34 ? 322 ASN A CA  1 
ATOM   455  C C   . ASN A 1 82  ? 18.035  4.473   -14.915 1.00 21.99 ? 322 ASN A C   1 
ATOM   456  O O   . ASN A 1 82  ? 17.621  3.450   -14.374 1.00 19.86 ? 322 ASN A O   1 
ATOM   457  C CB  . ASN A 1 82  ? 16.844  6.639   -14.837 1.00 28.83 ? 322 ASN A CB  1 
ATOM   458  C CG  . ASN A 1 82  ? 16.090  6.319   -13.567 1.00 29.72 ? 322 ASN A CG  1 
ATOM   459  O OD1 . ASN A 1 82  ? 14.882  6.068   -13.596 1.00 37.74 ? 322 ASN A OD1 1 
ATOM   460  N ND2 . ASN A 1 82  ? 16.801  6.293   -12.447 1.00 29.32 ? 322 ASN A ND2 1 
ATOM   461  N N   . ALA A 1 83  ? 19.305  4.858   -14.843 1.00 21.28 ? 323 ALA A N   1 
ATOM   462  C CA  . ALA A 1 83  ? 20.309  4.046   -14.161 1.00 21.38 ? 323 ALA A CA  1 
ATOM   463  C C   . ALA A 1 83  ? 20.046  3.839   -12.669 1.00 19.86 ? 323 ALA A C   1 
ATOM   464  O O   . ALA A 1 83  ? 20.241  2.742   -12.152 1.00 20.84 ? 323 ALA A O   1 
ATOM   465  C CB  . ALA A 1 83  ? 21.693  4.657   -14.363 1.00 23.27 ? 323 ALA A CB  1 
ATOM   466  N N   . THR A 1 84  ? 19.615  4.883   -11.972 1.00 19.12 ? 324 THR A N   1 
ATOM   467  C CA  . THR A 1 84  ? 19.357  4.751   -10.540 1.00 17.79 ? 324 THR A CA  1 
ATOM   468  C C   . THR A 1 84  ? 18.324  3.666   -10.260 1.00 17.39 ? 324 THR A C   1 
ATOM   469  O O   . THR A 1 84  ? 18.501  2.842   -9.366  1.00 16.40 ? 324 THR A O   1 
ATOM   470  C CB  . THR A 1 84  ? 18.879  6.079   -9.933  1.00 20.68 ? 324 THR A CB  1 
ATOM   471  O OG1 . THR A 1 84  ? 19.928  7.049   -10.043 1.00 19.55 ? 324 THR A OG1 1 
ATOM   472  C CG2 . THR A 1 84  ? 18.525  5.896   -8.453  1.00 19.28 ? 324 THR A CG2 1 
ATOM   473  N N   . VAL A 1 85  ? 17.246  3.664   -11.031 1.00 15.00 ? 325 VAL A N   1 
ATOM   474  C CA  . VAL A 1 85  ? 16.208  2.663   -10.850 1.00 15.75 ? 325 VAL A CA  1 
ATOM   475  C C   . VAL A 1 85  ? 16.753  1.270   -11.161 1.00 14.90 ? 325 VAL A C   1 
ATOM   476  O O   . VAL A 1 85  ? 16.539  0.333   -10.393 1.00 16.03 ? 325 VAL A O   1 
ATOM   477  C CB  . VAL A 1 85  ? 14.988  2.970   -11.741 1.00 13.42 ? 325 VAL A CB  1 
ATOM   478  C CG1 . VAL A 1 85  ? 13.984  1.830   -11.669 1.00 13.61 ? 325 VAL A CG1 1 
ATOM   479  C CG2 . VAL A 1 85  ? 14.334  4.261   -11.270 1.00 16.28 ? 325 VAL A CG2 1 
ATOM   480  N N   . GLU A 1 86  ? 17.462  1.134   -12.277 1.00 14.83 ? 326 GLU A N   1 
ATOM   481  C CA  . GLU A 1 86  ? 18.035  -0.155  -12.654 1.00 17.64 ? 326 GLU A CA  1 
ATOM   482  C C   . GLU A 1 86  ? 18.912  -0.676  -11.516 1.00 18.20 ? 326 GLU A C   1 
ATOM   483  O O   . GLU A 1 86  ? 18.800  -1.829  -11.100 1.00 16.88 ? 326 GLU A O   1 
ATOM   484  C CB  . GLU A 1 86  ? 18.880  -0.018  -13.925 1.00 20.51 ? 326 GLU A CB  1 
ATOM   485  C CG  . GLU A 1 86  ? 19.610  -1.293  -14.308 1.00 27.10 ? 326 GLU A CG  1 
ATOM   486  C CD  . GLU A 1 86  ? 18.668  -2.427  -14.664 1.00 30.34 ? 326 GLU A CD  1 
ATOM   487  O OE1 . GLU A 1 86  ? 19.144  -3.574  -14.798 1.00 37.93 ? 326 GLU A OE1 1 
ATOM   488  O OE2 . GLU A 1 86  ? 17.455  -2.176  -14.817 1.00 36.82 ? 326 GLU A OE2 1 
ATOM   489  N N   . MET A 1 87  ? 19.779  0.196   -11.019 1.00 18.59 ? 327 MET A N   1 
ATOM   490  C CA  . MET A 1 87  ? 20.686  -0.135  -9.924  1.00 20.97 ? 327 MET A CA  1 
ATOM   491  C C   . MET A 1 87  ? 19.921  -0.664  -8.712  1.00 20.33 ? 327 MET A C   1 
ATOM   492  O O   . MET A 1 87  ? 20.254  -1.715  -8.165  1.00 20.98 ? 327 MET A O   1 
ATOM   493  C CB  . MET A 1 87  ? 21.487  1.116   -9.540  1.00 24.69 ? 327 MET A CB  1 
ATOM   494  C CG  . MET A 1 87  ? 22.408  0.969   -8.339  1.00 28.27 ? 327 MET A CG  1 
ATOM   495  S SD  . MET A 1 87  ? 23.169  2.563   -7.927  1.00 38.48 ? 327 MET A SD  1 
ATOM   496  C CE  . MET A 1 87  ? 21.913  3.274   -6.855  1.00 31.73 ? 327 MET A CE  1 
ATOM   497  N N   . THR A 1 88  ? 18.887  0.061   -8.302  1.00 19.30 ? 328 THR A N   1 
ATOM   498  C CA  . THR A 1 88  ? 18.092  -0.337  -7.148  1.00 17.62 ? 328 THR A CA  1 
ATOM   499  C C   . THR A 1 88  ? 17.322  -1.641  -7.371  1.00 17.63 ? 328 THR A C   1 
ATOM   500  O O   . THR A 1 88  ? 17.234  -2.480  -6.473  1.00 17.18 ? 328 THR A O   1 
ATOM   501  C CB  . THR A 1 88  ? 17.114  0.790   -6.753  1.00 20.52 ? 328 THR A CB  1 
ATOM   502  O OG1 . THR A 1 88  ? 17.844  2.013   -6.599  1.00 21.95 ? 328 THR A OG1 1 
ATOM   503  C CG2 . THR A 1 88  ? 16.414  0.461   -5.441  1.00 20.90 ? 328 THR A CG2 1 
ATOM   504  N N   . ARG A 1 89  ? 16.777  -1.823  -8.569  1.00 15.98 ? 329 ARG A N   1 
ATOM   505  C CA  . ARG A 1 89  ? 16.029  -3.042  -8.873  1.00 16.95 ? 329 ARG A CA  1 
ATOM   506  C C   . ARG A 1 89  ? 16.884  -4.287  -8.641  1.00 16.28 ? 329 ARG A C   1 
ATOM   507  O O   . ARG A 1 89  ? 16.370  -5.343  -8.283  1.00 16.21 ? 329 ARG A O   1 
ATOM   508  C CB  . ARG A 1 89  ? 15.538  -3.015  -10.324 1.00 14.05 ? 329 ARG A CB  1 
ATOM   509  C CG  . ARG A 1 89  ? 14.468  -1.973  -10.594 1.00 15.31 ? 329 ARG A CG  1 
ATOM   510  C CD  . ARG A 1 89  ? 14.185  -1.833  -12.087 1.00 15.96 ? 329 ARG A CD  1 
ATOM   511  N NE  . ARG A 1 89  ? 13.409  -2.948  -12.614 1.00 22.37 ? 329 ARG A NE  1 
ATOM   512  C CZ  . ARG A 1 89  ? 13.910  -4.024  -13.201 1.00 25.38 ? 329 ARG A CZ  1 
ATOM   513  N NH1 . ARG A 1 89  ? 15.223  -4.158  -13.359 1.00 34.74 ? 329 ARG A NH1 1 
ATOM   514  N NH2 . ARG A 1 89  ? 13.085  -4.979  -13.623 1.00 18.16 ? 329 ARG A NH2 1 
ATOM   515  N N   . ARG A 1 90  ? 18.191  -4.156  -8.829  1.00 15.81 ? 330 ARG A N   1 
ATOM   516  C CA  . ARG A 1 90  ? 19.089  -5.292  -8.636  1.00 17.19 ? 330 ARG A CA  1 
ATOM   517  C C   . ARG A 1 90  ? 19.227  -5.661  -7.165  1.00 16.93 ? 330 ARG A C   1 
ATOM   518  O O   . ARG A 1 90  ? 19.671  -6.761  -6.835  1.00 16.99 ? 330 ARG A O   1 
ATOM   519  C CB  . ARG A 1 90  ? 20.471  -4.984  -9.215  1.00 18.16 ? 330 ARG A CB  1 
ATOM   520  C CG  . ARG A 1 90  ? 20.467  -4.696  -10.704 1.00 22.39 ? 330 ARG A CG  1 
ATOM   521  C CD  . ARG A 1 90  ? 21.823  -4.173  -11.149 1.00 27.51 ? 330 ARG A CD  1 
ATOM   522  N NE  . ARG A 1 90  ? 21.821  -3.773  -12.553 1.00 35.66 ? 330 ARG A NE  1 
ATOM   523  C CZ  . ARG A 1 90  ? 21.716  -4.618  -13.573 1.00 40.43 ? 330 ARG A CZ  1 
ATOM   524  N NH1 . ARG A 1 90  ? 21.603  -5.921  -13.351 1.00 44.59 ? 330 ARG A NH1 1 
ATOM   525  N NH2 . ARG A 1 90  ? 21.734  -4.162  -14.818 1.00 43.77 ? 330 ARG A NH2 1 
ATOM   526  N N   . HIS A 1 91  ? 18.847  -4.745  -6.279  1.00 14.41 ? 331 HIS A N   1 
ATOM   527  C CA  . HIS A 1 91  ? 18.941  -5.011  -4.852  1.00 15.99 ? 331 HIS A CA  1 
ATOM   528  C C   . HIS A 1 91  ? 17.625  -5.391  -4.169  1.00 16.74 ? 331 HIS A C   1 
ATOM   529  O O   . HIS A 1 91  ? 17.594  -5.610  -2.959  1.00 16.79 ? 331 HIS A O   1 
ATOM   530  C CB  . HIS A 1 91  ? 19.582  -3.816  -4.135  1.00 16.99 ? 331 HIS A CB  1 
ATOM   531  C CG  . HIS A 1 91  ? 21.047  -3.674  -4.409  1.00 19.30 ? 331 HIS A CG  1 
ATOM   532  N ND1 . HIS A 1 91  ? 21.537  -3.023  -5.520  1.00 22.20 ? 331 HIS A ND1 1 
ATOM   533  C CD2 . HIS A 1 91  ? 22.126  -4.144  -3.739  1.00 20.16 ? 331 HIS A CD2 1 
ATOM   534  C CE1 . HIS A 1 91  ? 22.858  -3.100  -5.525  1.00 21.76 ? 331 HIS A CE1 1 
ATOM   535  N NE2 . HIS A 1 91  ? 23.240  -3.775  -4.456  1.00 23.04 ? 331 HIS A NE2 1 
ATOM   536  N N   . ILE A 1 92  ? 16.539  -5.470  -4.933  1.00 15.52 ? 332 ILE A N   1 
ATOM   537  C CA  . ILE A 1 92  ? 15.261  -5.857  -4.344  1.00 14.57 ? 332 ILE A CA  1 
ATOM   538  C C   . ILE A 1 92  ? 15.385  -7.299  -3.835  1.00 14.89 ? 332 ILE A C   1 
ATOM   539  O O   . ILE A 1 92  ? 15.007  -7.608  -2.703  1.00 14.85 ? 332 ILE A O   1 
ATOM   540  C CB  . ILE A 1 92  ? 14.115  -5.762  -5.376  1.00 15.75 ? 332 ILE A CB  1 
ATOM   541  C CG1 . ILE A 1 92  ? 13.906  -4.299  -5.783  1.00 15.52 ? 332 ILE A CG1 1 
ATOM   542  C CG2 . ILE A 1 92  ? 12.826  -6.344  -4.788  1.00 15.03 ? 332 ILE A CG2 1 
ATOM   543  C CD1 . ILE A 1 92  ? 12.798  -4.086  -6.799  1.00 16.05 ? 332 ILE A CD1 1 
ATOM   544  N N   . GLY A 1 93  ? 15.933  -8.169  -4.675  1.00 14.75 ? 333 GLY A N   1 
ATOM   545  C CA  . GLY A 1 93  ? 16.119  -9.558  -4.296  1.00 14.50 ? 333 GLY A CA  1 
ATOM   546  C C   . GLY A 1 93  ? 14.856  -10.248 -3.828  1.00 15.08 ? 333 GLY A C   1 
ATOM   547  O O   . GLY A 1 93  ? 13.820  -10.165 -4.486  1.00 13.94 ? 333 GLY A O   1 
ATOM   548  N N   . ARG A 1 94  ? 14.938  -10.927 -2.684  1.00 15.27 ? 334 ARG A N   1 
ATOM   549  C CA  . ARG A 1 94  ? 13.791  -11.646 -2.133  1.00 16.09 ? 334 ARG A CA  1 
ATOM   550  C C   . ARG A 1 94  ? 12.639  -10.708 -1.779  1.00 15.95 ? 334 ARG A C   1 
ATOM   551  O O   . ARG A 1 94  ? 11.523  -11.153 -1.509  1.00 15.85 ? 334 ARG A O   1 
ATOM   552  C CB  . ARG A 1 94  ? 14.224  -12.466 -0.913  1.00 17.84 ? 334 ARG A CB  1 
ATOM   553  C CG  . ARG A 1 94  ? 15.198  -13.582 -1.274  1.00 24.52 ? 334 ARG A CG  1 
ATOM   554  C CD  . ARG A 1 94  ? 15.840  -14.191 -0.038  1.00 29.93 ? 334 ARG A CD  1 
ATOM   555  N NE  . ARG A 1 94  ? 16.890  -15.143 -0.393  1.00 41.36 ? 334 ARG A NE  1 
ATOM   556  C CZ  . ARG A 1 94  ? 17.793  -15.615 0.461   1.00 42.55 ? 334 ARG A CZ  1 
ATOM   557  N NH1 . ARG A 1 94  ? 17.781  -15.224 1.728   1.00 44.74 ? 334 ARG A NH1 1 
ATOM   558  N NH2 . ARG A 1 94  ? 18.713  -16.478 0.044   1.00 44.71 ? 334 ARG A NH2 1 
ATOM   559  N N   . GLY A 1 95  ? 12.931  -9.410  -1.778  1.00 14.72 ? 335 GLY A N   1 
ATOM   560  C CA  . GLY A 1 95  ? 11.921  -8.399  -1.518  1.00 14.01 ? 335 GLY A CA  1 
ATOM   561  C C   . GLY A 1 95  ? 11.143  -8.444  -0.219  1.00 14.51 ? 335 GLY A C   1 
ATOM   562  O O   . GLY A 1 95  ? 11.714  -8.598  0.863   1.00 14.63 ? 335 GLY A O   1 
ATOM   563  N N   . VAL A 1 96  ? 9.825   -8.312  -0.335  1.00 12.30 ? 336 VAL A N   1 
ATOM   564  C CA  . VAL A 1 96  ? 8.957   -8.304  0.830   1.00 11.55 ? 336 VAL A CA  1 
ATOM   565  C C   . VAL A 1 96  ? 7.871   -9.370  0.809   1.00 12.86 ? 336 VAL A C   1 
ATOM   566  O O   . VAL A 1 96  ? 7.292   -9.669  -0.239  1.00 11.87 ? 336 VAL A O   1 
ATOM   567  C CB  . VAL A 1 96  ? 8.289   -6.910  0.994   1.00 12.61 ? 336 VAL A CB  1 
ATOM   568  C CG1 . VAL A 1 96  ? 7.416   -6.592  -0.231  1.00 12.10 ? 336 VAL A CG1 1 
ATOM   569  C CG2 . VAL A 1 96  ? 7.442   -6.870  2.267   1.00 11.23 ? 336 VAL A CG2 1 
ATOM   570  N N   . ARG A 1 97  ? 7.618   -9.966  1.973   1.00 12.14 ? 337 ARG A N   1 
ATOM   571  C CA  . ARG A 1 97  ? 6.555   -10.951 2.088   1.00 13.63 ? 337 ARG A CA  1 
ATOM   572  C C   . ARG A 1 97  ? 5.386   -10.222 2.741   1.00 13.45 ? 337 ARG A C   1 
ATOM   573  O O   . ARG A 1 97  ? 5.542   -9.580  3.779   1.00 12.41 ? 337 ARG A O   1 
ATOM   574  C CB  . ARG A 1 97  ? 6.974   -12.138 2.959   1.00 15.36 ? 337 ARG A CB  1 
ATOM   575  C CG  . ARG A 1 97  ? 5.898   -13.217 3.088   1.00 15.43 ? 337 ARG A CG  1 
ATOM   576  C CD  . ARG A 1 97  ? 6.354   -14.326 4.024   1.00 23.43 ? 337 ARG A CD  1 
ATOM   577  N NE  . ARG A 1 97  ? 7.502   -15.045 3.482   1.00 30.79 ? 337 ARG A NE  1 
ATOM   578  C CZ  . ARG A 1 97  ? 8.380   -15.721 4.215   1.00 33.49 ? 337 ARG A CZ  1 
ATOM   579  N NH1 . ARG A 1 97  ? 8.254   -15.775 5.535   1.00 39.01 ? 337 ARG A NH1 1 
ATOM   580  N NH2 . ARG A 1 97  ? 9.387   -16.350 3.625   1.00 36.00 ? 337 ARG A NH2 1 
ATOM   581  N N   . LEU A 1 98  ? 4.226   -10.297 2.104   1.00 12.75 ? 338 LEU A N   1 
ATOM   582  C CA  . LEU A 1 98  ? 3.025   -9.653  2.607   1.00 13.44 ? 338 LEU A CA  1 
ATOM   583  C C   . LEU A 1 98  ? 2.047   -10.766 2.915   1.00 13.61 ? 338 LEU A C   1 
ATOM   584  O O   . LEU A 1 98  ? 1.784   -11.626 2.073   1.00 12.67 ? 338 LEU A O   1 
ATOM   585  C CB  . LEU A 1 98  ? 2.451   -8.706  1.548   1.00 11.75 ? 338 LEU A CB  1 
ATOM   586  C CG  . LEU A 1 98  ? 3.391   -7.560  1.159   1.00 13.14 ? 338 LEU A CG  1 
ATOM   587  C CD1 . LEU A 1 98  ? 2.865   -6.855  -0.087  1.00 13.23 ? 338 LEU A CD1 1 
ATOM   588  C CD2 . LEU A 1 98  ? 3.514   -6.585  2.323   1.00 13.57 ? 338 LEU A CD2 1 
ATOM   589  N N   . TYR A 1 99  ? 1.519   -10.759 4.130   1.00 13.78 ? 339 TYR A N   1 
ATOM   590  C CA  . TYR A 1 99  ? 0.594   -11.803 4.538   1.00 14.57 ? 339 TYR A CA  1 
ATOM   591  C C   . TYR A 1 99  ? -0.328  -11.321 5.640   1.00 13.37 ? 339 TYR A C   1 
ATOM   592  O O   . TYR A 1 99  ? -0.045  -10.328 6.307   1.00 12.74 ? 339 TYR A O   1 
ATOM   593  C CB  . TYR A 1 99  ? 1.385   -13.019 5.027   1.00 14.81 ? 339 TYR A CB  1 
ATOM   594  C CG  . TYR A 1 99  ? 2.359   -12.710 6.146   1.00 15.53 ? 339 TYR A CG  1 
ATOM   595  C CD1 . TYR A 1 99  ? 2.031   -12.965 7.478   1.00 15.16 ? 339 TYR A CD1 1 
ATOM   596  C CD2 . TYR A 1 99  ? 3.609   -12.161 5.870   1.00 15.30 ? 339 TYR A CD2 1 
ATOM   597  C CE1 . TYR A 1 99  ? 2.928   -12.679 8.504   1.00 17.28 ? 339 TYR A CE1 1 
ATOM   598  C CE2 . TYR A 1 99  ? 4.513   -11.872 6.887   1.00 19.03 ? 339 TYR A CE2 1 
ATOM   599  C CZ  . TYR A 1 99  ? 4.166   -12.133 8.201   1.00 19.18 ? 339 TYR A CZ  1 
ATOM   600  O OH  . TYR A 1 99  ? 5.055   -11.835 9.205   1.00 17.49 ? 339 TYR A OH  1 
ATOM   601  N N   . TYR A 1 100 ? -1.443  -12.017 5.826   1.00 14.36 ? 340 TYR A N   1 
ATOM   602  C CA  . TYR A 1 100 ? -2.353  -11.631 6.887   1.00 14.57 ? 340 TYR A CA  1 
ATOM   603  C C   . TYR A 1 100 ? -2.736  -12.809 7.769   1.00 14.94 ? 340 TYR A C   1 
ATOM   604  O O   . TYR A 1 100 ? -2.878  -13.941 7.299   1.00 16.56 ? 340 TYR A O   1 
ATOM   605  C CB  . TYR A 1 100 ? -3.602  -10.942 6.319   1.00 15.57 ? 340 TYR A CB  1 
ATOM   606  C CG  . TYR A 1 100 ? -4.561  -11.819 5.550   1.00 15.23 ? 340 TYR A CG  1 
ATOM   607  C CD1 . TYR A 1 100 ? -5.592  -12.498 6.201   1.00 17.20 ? 340 TYR A CD1 1 
ATOM   608  C CD2 . TYR A 1 100 ? -4.476  -11.921 4.164   1.00 17.44 ? 340 TYR A CD2 1 
ATOM   609  C CE1 . TYR A 1 100 ? -6.521  -13.252 5.484   1.00 18.39 ? 340 TYR A CE1 1 
ATOM   610  C CE2 . TYR A 1 100 ? -5.393  -12.665 3.439   1.00 16.80 ? 340 TYR A CE2 1 
ATOM   611  C CZ  . TYR A 1 100 ? -6.415  -13.327 4.102   1.00 18.84 ? 340 TYR A CZ  1 
ATOM   612  O OH  . TYR A 1 100 ? -7.333  -14.044 3.374   1.00 21.52 ? 340 TYR A OH  1 
ATOM   613  N N   . ILE A 1 101 ? -2.862  -12.515 9.058   1.00 14.35 ? 341 ILE A N   1 
ATOM   614  C CA  . ILE A 1 101 ? -3.233  -13.483 10.091  1.00 15.82 ? 341 ILE A CA  1 
ATOM   615  C C   . ILE A 1 101 ? -4.477  -12.869 10.717  1.00 13.73 ? 341 ILE A C   1 
ATOM   616  O O   . ILE A 1 101 ? -4.393  -11.811 11.341  1.00 14.44 ? 341 ILE A O   1 
ATOM   617  C CB  . ILE A 1 101 ? -2.155  -13.579 11.202  1.00 16.72 ? 341 ILE A CB  1 
ATOM   618  C CG1 . ILE A 1 101 ? -0.787  -13.902 10.609  1.00 20.04 ? 341 ILE A CG1 1 
ATOM   619  C CG2 . ILE A 1 101 ? -2.557  -14.644 12.230  1.00 18.55 ? 341 ILE A CG2 1 
ATOM   620  C CD1 . ILE A 1 101 ? -0.725  -15.238 9.942   1.00 29.29 ? 341 ILE A CD1 1 
ATOM   621  N N   . GLY A 1 102 ? -5.624  -13.516 10.552  1.00 16.09 ? 342 GLY A N   1 
ATOM   622  C CA  . GLY A 1 102 ? -6.850  -12.965 11.096  1.00 16.12 ? 342 GLY A CA  1 
ATOM   623  C C   . GLY A 1 102 ? -7.131  -11.631 10.425  1.00 18.09 ? 342 GLY A C   1 
ATOM   624  O O   . GLY A 1 102 ? -7.180  -11.552 9.196   1.00 18.66 ? 342 GLY A O   1 
ATOM   625  N N   . GLY A 1 103 ? -7.300  -10.582 11.225  1.00 17.77 ? 343 GLY A N   1 
ATOM   626  C CA  . GLY A 1 103 ? -7.569  -9.262  10.678  1.00 18.17 ? 343 GLY A CA  1 
ATOM   627  C C   . GLY A 1 103 ? -6.344  -8.362  10.659  1.00 17.39 ? 343 GLY A C   1 
ATOM   628  O O   . GLY A 1 103 ? -6.467  -7.139  10.542  1.00 18.43 ? 343 GLY A O   1 
ATOM   629  N N   . GLU A 1 104 ? -5.159  -8.959  10.755  1.00 14.62 ? 344 GLU A N   1 
ATOM   630  C CA  . GLU A 1 104 ? -3.920  -8.188  10.758  1.00 13.93 ? 344 GLU A CA  1 
ATOM   631  C C   . GLU A 1 104 ? -3.020  -8.500  9.566   1.00 13.84 ? 344 GLU A C   1 
ATOM   632  O O   . GLU A 1 104 ? -2.858  -9.661  9.180   1.00 14.35 ? 344 GLU A O   1 
ATOM   633  C CB  . GLU A 1 104 ? -3.145  -8.442  12.056  1.00 15.08 ? 344 GLU A CB  1 
ATOM   634  C CG  . GLU A 1 104 ? -3.959  -8.177  13.309  1.00 17.09 ? 344 GLU A CG  1 
ATOM   635  C CD  . GLU A 1 104 ? -3.132  -8.274  14.569  1.00 21.83 ? 344 GLU A CD  1 
ATOM   636  O OE1 . GLU A 1 104 ? -2.402  -9.274  14.723  1.00 20.55 ? 344 GLU A OE1 1 
ATOM   637  O OE2 . GLU A 1 104 ? -3.214  -7.352  15.408  1.00 19.52 ? 344 GLU A OE2 1 
ATOM   638  N N   . VAL A 1 105 ? -2.425  -7.454  8.998   1.00 13.21 ? 345 VAL A N   1 
ATOM   639  C CA  . VAL A 1 105 ? -1.538  -7.604  7.850   1.00 12.80 ? 345 VAL A CA  1 
ATOM   640  C C   . VAL A 1 105 ? -0.104  -7.265  8.236   1.00 13.07 ? 345 VAL A C   1 
ATOM   641  O O   . VAL A 1 105 ? 0.137   -6.294  8.958   1.00 14.59 ? 345 VAL A O   1 
ATOM   642  C CB  . VAL A 1 105 ? -1.966  -6.676  6.690   1.00 10.21 ? 345 VAL A CB  1 
ATOM   643  C CG1 . VAL A 1 105 ? -1.143  -6.989  5.448   1.00 10.83 ? 345 VAL A CG1 1 
ATOM   644  C CG2 . VAL A 1 105 ? -3.443  -6.851  6.413   1.00 13.99 ? 345 VAL A CG2 1 
ATOM   645  N N   . PHE A 1 106 ? 0.844   -8.059  7.747   1.00 13.33 ? 346 PHE A N   1 
ATOM   646  C CA  . PHE A 1 106 ? 2.256   -7.849  8.055   1.00 13.03 ? 346 PHE A CA  1 
ATOM   647  C C   . PHE A 1 106 ? 3.125   -7.774  6.810   1.00 13.22 ? 346 PHE A C   1 
ATOM   648  O O   . PHE A 1 106 ? 2.770   -8.303  5.759   1.00 12.45 ? 346 PHE A O   1 
ATOM   649  C CB  . PHE A 1 106 ? 2.801   -8.990  8.928   1.00 15.35 ? 346 PHE A CB  1 
ATOM   650  C CG  . PHE A 1 106 ? 2.008   -9.235  10.177  1.00 15.88 ? 346 PHE A CG  1 
ATOM   651  C CD1 . PHE A 1 106 ? 0.815   -9.948  10.131  1.00 17.10 ? 346 PHE A CD1 1 
ATOM   652  C CD2 . PHE A 1 106 ? 2.437   -8.725  11.396  1.00 19.08 ? 346 PHE A CD2 1 
ATOM   653  C CE1 . PHE A 1 106 ? 0.052   -10.146 11.284  1.00 14.65 ? 346 PHE A CE1 1 
ATOM   654  C CE2 . PHE A 1 106 ? 1.680   -8.916  12.559  1.00 16.29 ? 346 PHE A CE2 1 
ATOM   655  C CZ  . PHE A 1 106 ? 0.489   -9.628  12.498  1.00 17.53 ? 346 PHE A CZ  1 
ATOM   656  N N   . ALA A 1 107 ? 4.271   -7.119  6.957   1.00 13.59 ? 347 ALA A N   1 
ATOM   657  C CA  . ALA A 1 107 ? 5.251   -6.993  5.889   1.00 14.24 ? 347 ALA A CA  1 
ATOM   658  C C   . ALA A 1 107 ? 6.577   -7.453  6.478   1.00 14.21 ? 347 ALA A C   1 
ATOM   659  O O   . ALA A 1 107 ? 7.018   -6.938  7.508   1.00 16.58 ? 347 ALA A O   1 
ATOM   660  C CB  . ALA A 1 107 ? 5.360   -5.547  5.421   1.00 13.84 ? 347 ALA A CB  1 
ATOM   661  N N   . GLU A 1 108 ? 7.198   -8.433  5.835   1.00 13.95 ? 348 GLU A N   1 
ATOM   662  C CA  . GLU A 1 108 ? 8.475   -8.968  6.291   1.00 15.20 ? 348 GLU A CA  1 
ATOM   663  C C   . GLU A 1 108 ? 9.547   -8.667  5.253   1.00 15.00 ? 348 GLU A C   1 
ATOM   664  O O   . GLU A 1 108 ? 9.352   -8.908  4.063   1.00 14.73 ? 348 GLU A O   1 
ATOM   665  C CB  . GLU A 1 108 ? 8.365   -10.480 6.487   1.00 17.60 ? 348 GLU A CB  1 
ATOM   666  C CG  . GLU A 1 108 ? 9.653   -11.168 6.902   1.00 15.91 ? 348 GLU A CG  1 
ATOM   667  C CD  . GLU A 1 108 ? 9.493   -12.676 6.943   1.00 24.22 ? 348 GLU A CD  1 
ATOM   668  O OE1 . GLU A 1 108 ? 10.457  -13.375 7.323   1.00 24.11 ? 348 GLU A OE1 1 
ATOM   669  O OE2 . GLU A 1 108 ? 8.395   -13.161 6.591   1.00 23.05 ? 348 GLU A OE2 1 
ATOM   670  N N   . CYS A 1 109 ? 10.685  -8.156  5.702   1.00 15.61 ? 349 CYS A N   1 
ATOM   671  C CA  . CYS A 1 109 ? 11.761  -7.828  4.772   1.00 15.91 ? 349 CYS A CA  1 
ATOM   672  C C   . CYS A 1 109 ? 12.668  -9.021  4.488   1.00 16.70 ? 349 CYS A C   1 
ATOM   673  O O   . CYS A 1 109 ? 13.576  -9.317  5.263   1.00 18.54 ? 349 CYS A O   1 
ATOM   674  C CB  . CYS A 1 109 ? 12.591  -6.668  5.325   1.00 16.41 ? 349 CYS A CB  1 
ATOM   675  S SG  . CYS A 1 109 ? 13.791  -6.006  4.156   1.00 15.87 ? 349 CYS A SG  1 
ATOM   676  N N   . LEU A 1 110 ? 12.424  -9.702  3.372   1.00 15.73 ? 350 LEU A N   1 
ATOM   677  C CA  . LEU A 1 110 ? 13.227  -10.860 2.989   1.00 15.90 ? 350 LEU A CA  1 
ATOM   678  C C   . LEU A 1 110 ? 14.490  -10.418 2.262   1.00 16.26 ? 350 LEU A C   1 
ATOM   679  O O   . LEU A 1 110 ? 15.477  -11.150 2.214   1.00 15.67 ? 350 LEU A O   1 
ATOM   680  C CB  . LEU A 1 110 ? 12.423  -11.791 2.074   1.00 14.33 ? 350 LEU A CB  1 
ATOM   681  C CG  . LEU A 1 110 ? 11.185  -12.488 2.646   1.00 17.18 ? 350 LEU A CG  1 
ATOM   682  C CD1 . LEU A 1 110 ? 10.223  -11.475 3.216   1.00 26.71 ? 350 LEU A CD1 1 
ATOM   683  C CD2 . LEU A 1 110 ? 10.502  -13.285 1.541   1.00 19.66 ? 350 LEU A CD2 1 
ATOM   684  N N   . SER A 1 111 ? 14.434  -9.216  1.695   1.00 15.22 ? 351 SER A N   1 
ATOM   685  C CA  . SER A 1 111 ? 15.537  -8.619  0.946   1.00 17.80 ? 351 SER A CA  1 
ATOM   686  C C   . SER A 1 111 ? 16.771  -8.382  1.812   1.00 17.07 ? 351 SER A C   1 
ATOM   687  O O   . SER A 1 111 ? 16.655  -8.254  3.030   1.00 16.68 ? 351 SER A O   1 
ATOM   688  C CB  . SER A 1 111 ? 15.081  -7.276  0.358   1.00 15.16 ? 351 SER A CB  1 
ATOM   689  O OG  . SER A 1 111 ? 16.132  -6.614  -0.322  1.00 15.19 ? 351 SER A OG  1 
ATOM   690  N N   . ASP A 1 112 ? 17.946  -8.337  1.186   1.00 18.15 ? 352 ASP A N   1 
ATOM   691  C CA  . ASP A 1 112 ? 19.181  -8.058  1.921   1.00 19.86 ? 352 ASP A CA  1 
ATOM   692  C C   . ASP A 1 112 ? 19.232  -6.557  2.201   1.00 19.44 ? 352 ASP A C   1 
ATOM   693  O O   . ASP A 1 112 ? 20.064  -6.086  2.977   1.00 20.23 ? 352 ASP A O   1 
ATOM   694  C CB  . ASP A 1 112 ? 20.422  -8.465  1.119   1.00 22.66 ? 352 ASP A CB  1 
ATOM   695  C CG  . ASP A 1 112 ? 20.630  -9.964  1.081   1.00 27.35 ? 352 ASP A CG  1 
ATOM   696  O OD1 . ASP A 1 112 ? 20.215  -10.647 2.040   1.00 26.90 ? 352 ASP A OD1 1 
ATOM   697  O OD2 . ASP A 1 112 ? 21.225  -10.458 0.098   1.00 32.45 ? 352 ASP A OD2 1 
ATOM   698  N N   . SER A 1 113 ? 18.351  -5.808  1.543   1.00 18.34 ? 353 SER A N   1 
ATOM   699  C CA  . SER A 1 113 ? 18.264  -4.369  1.749   1.00 16.69 ? 353 SER A CA  1 
ATOM   700  C C   . SER A 1 113 ? 16.955  -4.113  2.478   1.00 17.04 ? 353 SER A C   1 
ATOM   701  O O   . SER A 1 113 ? 16.023  -4.910  2.391   1.00 15.44 ? 353 SER A O   1 
ATOM   702  C CB  . SER A 1 113 ? 18.286  -3.613  0.414   1.00 18.65 ? 353 SER A CB  1 
ATOM   703  O OG  . SER A 1 113 ? 19.586  -3.628  -0.154  1.00 19.76 ? 353 SER A OG  1 
ATOM   704  N N   . ALA A 1 114 ? 16.878  -3.006  3.202   1.00 15.85 ? 354 ALA A N   1 
ATOM   705  C CA  . ALA A 1 114 ? 15.669  -2.705  3.955   1.00 16.07 ? 354 ALA A CA  1 
ATOM   706  C C   . ALA A 1 114 ? 14.547  -2.213  3.060   1.00 16.65 ? 354 ALA A C   1 
ATOM   707  O O   . ALA A 1 114 ? 14.760  -1.907  1.891   1.00 14.83 ? 354 ALA A O   1 
ATOM   708  C CB  . ALA A 1 114 ? 15.968  -1.654  5.019   1.00 18.30 ? 354 ALA A CB  1 
ATOM   709  N N   . ILE A 1 115 ? 13.343  -2.171  3.622   1.00 14.92 ? 355 ILE A N   1 
ATOM   710  C CA  . ILE A 1 115 ? 12.184  -1.659  2.914   1.00 16.07 ? 355 ILE A CA  1 
ATOM   711  C C   . ILE A 1 115 ? 11.618  -0.602  3.846   1.00 15.84 ? 355 ILE A C   1 
ATOM   712  O O   . ILE A 1 115 ? 11.818  -0.667  5.063   1.00 16.50 ? 355 ILE A O   1 
ATOM   713  C CB  . ILE A 1 115 ? 11.127  -2.753  2.617   1.00 15.31 ? 355 ILE A CB  1 
ATOM   714  C CG1 . ILE A 1 115 ? 10.695  -3.448  3.905   1.00 16.35 ? 355 ILE A CG1 1 
ATOM   715  C CG2 . ILE A 1 115 ? 11.700  -3.750  1.610   1.00 16.85 ? 355 ILE A CG2 1 
ATOM   716  C CD1 . ILE A 1 115 ? 9.621   -4.496  3.695   1.00 22.43 ? 355 ILE A CD1 1 
ATOM   717  N N   . PHE A 1 116 ? 10.946  0.388   3.275   1.00 14.63 ? 356 PHE A N   1 
ATOM   718  C CA  . PHE A 1 116 ? 10.383  1.476   4.063   1.00 15.03 ? 356 PHE A CA  1 
ATOM   719  C C   . PHE A 1 116 ? 8.892   1.537   3.826   1.00 15.79 ? 356 PHE A C   1 
ATOM   720  O O   . PHE A 1 116 ? 8.442   1.650   2.689   1.00 15.19 ? 356 PHE A O   1 
ATOM   721  C CB  . PHE A 1 116 ? 11.062  2.784   3.677   1.00 15.83 ? 356 PHE A CB  1 
ATOM   722  C CG  . PHE A 1 116 ? 12.539  2.778   3.944   1.00 15.88 ? 356 PHE A CG  1 
ATOM   723  C CD1 . PHE A 1 116 ? 13.409  2.072   3.117   1.00 17.85 ? 356 PHE A CD1 1 
ATOM   724  C CD2 . PHE A 1 116 ? 13.054  3.427   5.059   1.00 16.36 ? 356 PHE A CD2 1 
ATOM   725  C CE1 . PHE A 1 116 ? 14.773  2.008   3.404   1.00 18.21 ? 356 PHE A CE1 1 
ATOM   726  C CE2 . PHE A 1 116 ? 14.413  3.371   5.357   1.00 17.23 ? 356 PHE A CE2 1 
ATOM   727  C CZ  . PHE A 1 116 ? 15.273  2.662   4.532   1.00 17.34 ? 356 PHE A CZ  1 
ATOM   728  N N   . VAL A 1 117 ? 8.132   1.459   4.914   1.00 15.75 ? 357 VAL A N   1 
ATOM   729  C CA  . VAL A 1 117 ? 6.678   1.434   4.825   1.00 15.97 ? 357 VAL A CA  1 
ATOM   730  C C   . VAL A 1 117 ? 5.977   2.650   5.392   1.00 16.91 ? 357 VAL A C   1 
ATOM   731  O O   . VAL A 1 117 ? 6.315   3.129   6.472   1.00 18.03 ? 357 VAL A O   1 
ATOM   732  C CB  . VAL A 1 117 ? 6.123   0.183   5.547   1.00 16.91 ? 357 VAL A CB  1 
ATOM   733  C CG1 . VAL A 1 117 ? 4.604   0.106   5.403   1.00 13.99 ? 357 VAL A CG1 1 
ATOM   734  C CG2 . VAL A 1 117 ? 6.780   -1.067  4.983   1.00 18.35 ? 357 VAL A CG2 1 
ATOM   735  N N   . GLN A 1 118 ? 4.990   3.130   4.646   1.00 16.87 ? 358 GLN A N   1 
ATOM   736  C CA  . GLN A 1 118 ? 4.177   4.265   5.050   1.00 16.53 ? 358 GLN A CA  1 
ATOM   737  C C   . GLN A 1 118 ? 2.745   3.751   5.135   1.00 17.00 ? 358 GLN A C   1 
ATOM   738  O O   . GLN A 1 118 ? 2.048   3.651   4.124   1.00 14.63 ? 358 GLN A O   1 
ATOM   739  C CB  . GLN A 1 118 ? 4.263   5.392   4.016   1.00 19.55 ? 358 GLN A CB  1 
ATOM   740  C CG  . GLN A 1 118 ? 3.468   6.637   4.396   1.00 19.21 ? 358 GLN A CG  1 
ATOM   741  C CD  . GLN A 1 118 ? 3.499   7.696   3.311   1.00 19.44 ? 358 GLN A CD  1 
ATOM   742  O OE1 . GLN A 1 118 ? 2.914   7.526   2.240   1.00 22.41 ? 358 GLN A OE1 1 
ATOM   743  N NE2 . GLN A 1 118 ? 4.194   8.797   3.581   1.00 21.39 ? 358 GLN A NE2 1 
ATOM   744  N N   . SER A 1 119 ? 2.328   3.397   6.344   1.00 16.11 ? 359 SER A N   1 
ATOM   745  C CA  . SER A 1 119 ? 0.978   2.891   6.573   1.00 16.77 ? 359 SER A CA  1 
ATOM   746  C C   . SER A 1 119 ? 0.255   3.763   7.586   1.00 16.52 ? 359 SER A C   1 
ATOM   747  O O   . SER A 1 119 ? 0.590   3.756   8.768   1.00 15.86 ? 359 SER A O   1 
ATOM   748  C CB  . SER A 1 119 ? 1.025   1.457   7.099   1.00 15.91 ? 359 SER A CB  1 
ATOM   749  O OG  . SER A 1 119 ? -0.258  1.050   7.546   1.00 16.80 ? 359 SER A OG  1 
ATOM   750  N N   . PRO A 1 120 ? -0.756  4.521   7.136   1.00 16.30 ? 360 PRO A N   1 
ATOM   751  C CA  . PRO A 1 120 ? -1.510  5.389   8.046   1.00 16.55 ? 360 PRO A CA  1 
ATOM   752  C C   . PRO A 1 120 ? -2.091  4.613   9.234   1.00 17.30 ? 360 PRO A C   1 
ATOM   753  O O   . PRO A 1 120 ? -2.136  5.119   10.359  1.00 18.27 ? 360 PRO A O   1 
ATOM   754  C CB  . PRO A 1 120 ? -2.599  5.966   7.144   1.00 15.72 ? 360 PRO A CB  1 
ATOM   755  C CG  . PRO A 1 120 ? -1.922  6.027   5.801   1.00 18.52 ? 360 PRO A CG  1 
ATOM   756  C CD  . PRO A 1 120 ? -1.211  4.688   5.746   1.00 17.30 ? 360 PRO A CD  1 
ATOM   757  N N   . ASN A 1 121 ? -2.537  3.384   8.983   1.00 16.33 ? 361 ASN A N   1 
ATOM   758  C CA  . ASN A 1 121 ? -3.106  2.559   10.043  1.00 17.52 ? 361 ASN A CA  1 
ATOM   759  C C   . ASN A 1 121 ? -2.045  2.239   11.090  1.00 18.87 ? 361 ASN A C   1 
ATOM   760  O O   . ASN A 1 121 ? -2.303  2.312   12.294  1.00 20.17 ? 361 ASN A O   1 
ATOM   761  C CB  . ASN A 1 121 ? -3.700  1.268   9.455   1.00 19.12 ? 361 ASN A CB  1 
ATOM   762  C CG  . ASN A 1 121 ? -4.227  0.321   10.522  1.00 18.80 ? 361 ASN A CG  1 
ATOM   763  O OD1 . ASN A 1 121 ? -3.472  -0.466  11.095  1.00 14.02 ? 361 ASN A OD1 1 
ATOM   764  N ND2 . ASN A 1 121 ? -5.528  0.397   10.796  1.00 17.92 ? 361 ASN A ND2 1 
ATOM   765  N N   . CYS A 1 122 ? -0.846  1.895   10.635  1.00 17.16 ? 362 CYS A N   1 
ATOM   766  C CA  . CYS A 1 122 ? 0.236   1.584   11.559  1.00 18.10 ? 362 CYS A CA  1 
ATOM   767  C C   . CYS A 1 122 ? 0.676   2.847   12.295  1.00 18.36 ? 362 CYS A C   1 
ATOM   768  O O   . CYS A 1 122 ? 0.800   2.855   13.518  1.00 18.18 ? 362 CYS A O   1 
ATOM   769  C CB  . CYS A 1 122 ? 1.428   0.992   10.806  1.00 17.20 ? 362 CYS A CB  1 
ATOM   770  S SG  . CYS A 1 122 ? 2.864   0.641   11.863  1.00 21.67 ? 362 CYS A SG  1 
ATOM   771  N N   . ASN A 1 123 ? 0.902   3.919   11.545  1.00 17.68 ? 363 ASN A N   1 
ATOM   772  C CA  . ASN A 1 123 ? 1.345   5.172   12.144  1.00 19.62 ? 363 ASN A CA  1 
ATOM   773  C C   . ASN A 1 123 ? 0.431   5.662   13.264  1.00 21.74 ? 363 ASN A C   1 
ATOM   774  O O   . ASN A 1 123 ? 0.900   6.050   14.335  1.00 23.50 ? 363 ASN A O   1 
ATOM   775  C CB  . ASN A 1 123 ? 1.479   6.254   11.069  1.00 21.20 ? 363 ASN A CB  1 
ATOM   776  C CG  . ASN A 1 123 ? 2.583   5.948   10.076  1.00 16.28 ? 363 ASN A CG  1 
ATOM   777  O OD1 . ASN A 1 123 ? 3.513   5.198   10.380  1.00 20.69 ? 363 ASN A OD1 1 
ATOM   778  N ND2 . ASN A 1 123 ? 2.499   6.542   8.893   1.00 19.36 ? 363 ASN A ND2 1 
ATOM   779  N N   . GLN A 1 124 ? -0.873  5.632   13.023  1.00 20.95 ? 364 GLN A N   1 
ATOM   780  C CA  . GLN A 1 124 ? -1.824  6.085   14.029  1.00 23.42 ? 364 GLN A CA  1 
ATOM   781  C C   . GLN A 1 124 ? -1.767  5.213   15.282  1.00 23.41 ? 364 GLN A C   1 
ATOM   782  O O   . GLN A 1 124 ? -1.887  5.710   16.402  1.00 23.22 ? 364 GLN A O   1 
ATOM   783  C CB  . GLN A 1 124 ? -3.235  6.079   13.449  1.00 23.48 ? 364 GLN A CB  1 
ATOM   784  C CG  . GLN A 1 124 ? -4.308  6.548   14.407  1.00 27.50 ? 364 GLN A CG  1 
ATOM   785  C CD  . GLN A 1 124 ? -5.590  6.900   13.686  1.00 25.47 ? 364 GLN A CD  1 
ATOM   786  O OE1 . GLN A 1 124 ? -5.627  7.849   12.902  1.00 31.52 ? 364 GLN A OE1 1 
ATOM   787  N NE2 . GLN A 1 124 ? -6.644  6.135   13.935  1.00 22.97 ? 364 GLN A NE2 1 
ATOM   788  N N   . ARG A 1 125 ? -1.572  3.915   15.085  1.00 23.84 ? 365 ARG A N   1 
ATOM   789  C CA  . ARG A 1 125 ? -1.498  2.975   16.200  1.00 24.93 ? 365 ARG A CA  1 
ATOM   790  C C   . ARG A 1 125 ? -0.425  3.386   17.205  1.00 26.81 ? 365 ARG A C   1 
ATOM   791  O O   . ARG A 1 125 ? -0.599  3.229   18.413  1.00 25.63 ? 365 ARG A O   1 
ATOM   792  C CB  . ARG A 1 125 ? -1.189  1.573   15.677  1.00 24.74 ? 365 ARG A CB  1 
ATOM   793  C CG  . ARG A 1 125 ? -1.198  0.481   16.736  1.00 26.65 ? 365 ARG A CG  1 
ATOM   794  C CD  . ARG A 1 125 ? -0.671  -0.814  16.140  1.00 23.51 ? 365 ARG A CD  1 
ATOM   795  N NE  . ARG A 1 125 ? -1.301  -1.066  14.848  1.00 23.68 ? 365 ARG A NE  1 
ATOM   796  C CZ  . ARG A 1 125 ? -0.697  -1.644  13.819  1.00 22.65 ? 365 ARG A CZ  1 
ATOM   797  N NH1 . ARG A 1 125 ? 0.563   -2.043  13.922  1.00 20.71 ? 365 ARG A NH1 1 
ATOM   798  N NH2 . ARG A 1 125 ? -1.349  -1.801  12.675  1.00 18.88 ? 365 ARG A NH2 1 
ATOM   799  N N   . TYR A 1 126 ? 0.684   3.917   16.700  1.00 28.51 ? 366 TYR A N   1 
ATOM   800  C CA  . TYR A 1 126 ? 1.788   4.327   17.560  1.00 32.30 ? 366 TYR A CA  1 
ATOM   801  C C   . TYR A 1 126 ? 1.823   5.830   17.815  1.00 33.62 ? 366 TYR A C   1 
ATOM   802  O O   . TYR A 1 126 ? 2.750   6.339   18.446  1.00 34.78 ? 366 TYR A O   1 
ATOM   803  C CB  . TYR A 1 126 ? 3.109   3.859   16.948  1.00 33.74 ? 366 TYR A CB  1 
ATOM   804  C CG  . TYR A 1 126 ? 3.156   2.364   16.733  1.00 37.53 ? 366 TYR A CG  1 
ATOM   805  C CD1 . TYR A 1 126 ? 3.464   1.827   15.484  1.00 36.93 ? 366 TYR A CD1 1 
ATOM   806  C CD2 . TYR A 1 126 ? 2.858   1.482   17.773  1.00 38.57 ? 366 TYR A CD2 1 
ATOM   807  C CE1 . TYR A 1 126 ? 3.472   0.451   15.275  1.00 38.44 ? 366 TYR A CE1 1 
ATOM   808  C CE2 . TYR A 1 126 ? 2.863   0.104   17.572  1.00 41.13 ? 366 TYR A CE2 1 
ATOM   809  C CZ  . TYR A 1 126 ? 3.169   -0.404  16.321  1.00 38.82 ? 366 TYR A CZ  1 
ATOM   810  O OH  . TYR A 1 126 ? 3.161   -1.764  16.114  1.00 46.17 ? 366 TYR A OH  1 
ATOM   811  N N   . GLY A 1 127 ? 0.806   6.533   17.327  1.00 34.08 ? 367 GLY A N   1 
ATOM   812  C CA  . GLY A 1 127 ? 0.738   7.969   17.525  1.00 35.56 ? 367 GLY A CA  1 
ATOM   813  C C   . GLY A 1 127 ? 1.717   8.765   16.680  1.00 36.31 ? 367 GLY A C   1 
ATOM   814  O O   . GLY A 1 127 ? 1.899   9.962   16.905  1.00 37.00 ? 367 GLY A O   1 
ATOM   815  N N   . TRP A 1 128 ? 2.350   8.109   15.711  1.00 35.60 ? 368 TRP A N   1 
ATOM   816  C CA  . TRP A 1 128 ? 3.303   8.790   14.842  1.00 35.41 ? 368 TRP A CA  1 
ATOM   817  C C   . TRP A 1 128 ? 2.561   9.657   13.835  1.00 35.44 ? 368 TRP A C   1 
ATOM   818  O O   . TRP A 1 128 ? 1.351   9.525   13.658  1.00 34.69 ? 368 TRP A O   1 
ATOM   819  C CB  . TRP A 1 128 ? 4.167   7.786   14.072  1.00 33.46 ? 368 TRP A CB  1 
ATOM   820  C CG  . TRP A 1 128 ? 4.946   6.834   14.926  1.00 33.91 ? 368 TRP A CG  1 
ATOM   821  C CD1 . TRP A 1 128 ? 5.431   7.061   16.184  1.00 34.70 ? 368 TRP A CD1 1 
ATOM   822  C CD2 . TRP A 1 128 ? 5.386   5.521   14.558  1.00 34.56 ? 368 TRP A CD2 1 
ATOM   823  N NE1 . TRP A 1 128 ? 6.145   5.971   16.620  1.00 35.95 ? 368 TRP A NE1 1 
ATOM   824  C CE2 . TRP A 1 128 ? 6.134   5.012   15.642  1.00 34.98 ? 368 TRP A CE2 1 
ATOM   825  C CE3 . TRP A 1 128 ? 5.222   4.727   13.416  1.00 34.66 ? 368 TRP A CE3 1 
ATOM   826  C CZ2 . TRP A 1 128 ? 6.718   3.740   15.619  1.00 36.39 ? 368 TRP A CZ2 1 
ATOM   827  C CZ3 . TRP A 1 128 ? 5.804   3.461   13.391  1.00 36.98 ? 368 TRP A CZ3 1 
ATOM   828  C CH2 . TRP A 1 128 ? 6.542   2.982   14.487  1.00 37.43 ? 368 TRP A CH2 1 
ATOM   829  N N   . HIS A 1 129 ? 3.291   10.549  13.177  1.00 36.11 ? 369 HIS A N   1 
ATOM   830  C CA  . HIS A 1 129 ? 2.690   11.408  12.169  1.00 36.62 ? 369 HIS A CA  1 
ATOM   831  C C   . HIS A 1 129 ? 2.144   10.491  11.074  1.00 36.20 ? 369 HIS A C   1 
ATOM   832  O O   . HIS A 1 129 ? 2.760   9.477   10.745  1.00 35.88 ? 369 HIS A O   1 
ATOM   833  C CB  . HIS A 1 129 ? 3.745   12.354  11.587  1.00 38.44 ? 369 HIS A CB  1 
ATOM   834  C CG  . HIS A 1 129 ? 3.197   13.338  10.601  1.00 39.96 ? 369 HIS A CG  1 
ATOM   835  N ND1 . HIS A 1 129 ? 2.584   12.954  9.428   1.00 40.71 ? 369 HIS A ND1 1 
ATOM   836  C CD2 . HIS A 1 129 ? 3.167   14.691  10.615  1.00 40.42 ? 369 HIS A CD2 1 
ATOM   837  C CE1 . HIS A 1 129 ? 2.200   14.027  8.762   1.00 41.35 ? 369 HIS A CE1 1 
ATOM   838  N NE2 . HIS A 1 129 ? 2.542   15.095  9.461   1.00 41.18 ? 369 HIS A NE2 1 
ATOM   839  N N   . PRO A 1 130 ? 0.975   10.827  10.507  1.00 35.00 ? 370 PRO A N   1 
ATOM   840  C CA  . PRO A 1 130 ? 0.341   10.032  9.451   1.00 33.97 ? 370 PRO A CA  1 
ATOM   841  C C   . PRO A 1 130 ? 1.237   9.695   8.257   1.00 32.57 ? 370 PRO A C   1 
ATOM   842  O O   . PRO A 1 130 ? 1.101   8.632   7.652   1.00 31.65 ? 370 PRO A O   1 
ATOM   843  C CB  . PRO A 1 130 ? -0.853  10.893  9.052   1.00 34.05 ? 370 PRO A CB  1 
ATOM   844  C CG  . PRO A 1 130 ? -1.241  11.517  10.346  1.00 35.52 ? 370 PRO A CG  1 
ATOM   845  C CD  . PRO A 1 130 ? 0.100   11.942  10.910  1.00 36.93 ? 370 PRO A CD  1 
ATOM   846  N N   . ALA A 1 131 ? 2.152   10.599  7.925   1.00 31.51 ? 371 ALA A N   1 
ATOM   847  C CA  . ALA A 1 131 ? 3.046   10.389  6.792   1.00 28.91 ? 371 ALA A CA  1 
ATOM   848  C C   . ALA A 1 131 ? 4.361   9.734   7.197   1.00 27.38 ? 371 ALA A C   1 
ATOM   849  O O   . ALA A 1 131 ? 5.275   9.617   6.382   1.00 25.76 ? 371 ALA A O   1 
ATOM   850  C CB  . ALA A 1 131 ? 3.318   11.719  6.097   1.00 30.11 ? 371 ALA A CB  1 
ATOM   851  N N   . THR A 1 132 ? 4.454   9.311   8.454   1.00 24.71 ? 372 THR A N   1 
ATOM   852  C CA  . THR A 1 132 ? 5.664   8.669   8.950   1.00 23.26 ? 372 THR A CA  1 
ATOM   853  C C   . THR A 1 132 ? 6.005   7.463   8.084   1.00 22.59 ? 372 THR A C   1 
ATOM   854  O O   . THR A 1 132 ? 5.121   6.743   7.621   1.00 21.13 ? 372 THR A O   1 
ATOM   855  C CB  . THR A 1 132 ? 5.495   8.184   10.417  1.00 24.20 ? 372 THR A CB  1 
ATOM   856  O OG1 . THR A 1 132 ? 5.326   9.311   11.287  1.00 25.64 ? 372 THR A OG1 1 
ATOM   857  C CG2 . THR A 1 132 ? 6.712   7.389   10.862  1.00 22.14 ? 372 THR A CG2 1 
ATOM   858  N N   . VAL A 1 133 ? 7.296   7.263   7.860   1.00 21.41 ? 373 VAL A N   1 
ATOM   859  C CA  . VAL A 1 133 ? 7.772   6.136   7.077   1.00 20.21 ? 373 VAL A CA  1 
ATOM   860  C C   . VAL A 1 133 ? 8.599   5.281   8.029   1.00 20.98 ? 373 VAL A C   1 
ATOM   861  O O   . VAL A 1 133 ? 9.573   5.753   8.631   1.00 20.64 ? 373 VAL A O   1 
ATOM   862  C CB  . VAL A 1 133 ? 8.637   6.607   5.892   1.00 19.35 ? 373 VAL A CB  1 
ATOM   863  C CG1 . VAL A 1 133 ? 7.798   7.421   4.927   1.00 20.42 ? 373 VAL A CG1 1 
ATOM   864  C CG2 . VAL A 1 133 ? 9.777   7.440   6.394   1.00 26.76 ? 373 VAL A CG2 1 
ATOM   865  N N   . CYS A 1 134 ? 8.201   4.023   8.182   1.00 19.81 ? 374 CYS A N   1 
ATOM   866  C CA  . CYS A 1 134 ? 8.896   3.121   9.089   1.00 19.82 ? 374 CYS A CA  1 
ATOM   867  C C   . CYS A 1 134 ? 9.841   2.178   8.364   1.00 19.34 ? 374 CYS A C   1 
ATOM   868  O O   . CYS A 1 134 ? 9.454   1.505   7.410   1.00 17.70 ? 374 CYS A O   1 
ATOM   869  C CB  . CYS A 1 134 ? 7.884   2.308   9.896   1.00 20.74 ? 374 CYS A CB  1 
ATOM   870  S SG  . CYS A 1 134 ? 8.613   1.345   11.244  1.00 28.52 ? 374 CYS A SG  1 
ATOM   871  N N   . LYS A 1 135 ? 11.083  2.131   8.829   1.00 18.52 ? 375 LYS A N   1 
ATOM   872  C CA  . LYS A 1 135 ? 12.089  1.266   8.236   1.00 18.88 ? 375 LYS A CA  1 
ATOM   873  C C   . LYS A 1 135 ? 11.973  -0.158  8.764   1.00 19.55 ? 375 LYS A C   1 
ATOM   874  O O   . LYS A 1 135 ? 11.868  -0.378  9.972   1.00 19.10 ? 375 LYS A O   1 
ATOM   875  C CB  . LYS A 1 135 ? 13.487  1.809   8.544   1.00 17.14 ? 375 LYS A CB  1 
ATOM   876  C CG  . LYS A 1 135 ? 14.626  0.969   8.003   1.00 23.76 ? 375 LYS A CG  1 
ATOM   877  C CD  . LYS A 1 135 ? 15.968  1.606   8.350   1.00 21.77 ? 375 LYS A CD  1 
ATOM   878  C CE  . LYS A 1 135 ? 17.132  0.776   7.840   1.00 28.35 ? 375 LYS A CE  1 
ATOM   879  N NZ  . LYS A 1 135 ? 18.444  1.369   8.227   1.00 23.03 ? 375 LYS A NZ  1 
ATOM   880  N N   . ILE A 1 136 ? 11.982  -1.123  7.851   1.00 18.18 ? 376 ILE A N   1 
ATOM   881  C CA  . ILE A 1 136 ? 11.923  -2.531  8.224   1.00 18.34 ? 376 ILE A CA  1 
ATOM   882  C C   . ILE A 1 136 ? 13.229  -3.143  7.741   1.00 18.06 ? 376 ILE A C   1 
ATOM   883  O O   . ILE A 1 136 ? 13.377  -3.447  6.555   1.00 16.71 ? 376 ILE A O   1 
ATOM   884  C CB  . ILE A 1 136 ? 10.752  -3.264  7.533   1.00 18.87 ? 376 ILE A CB  1 
ATOM   885  C CG1 . ILE A 1 136 ? 9.440   -2.519  7.791   1.00 18.04 ? 376 ILE A CG1 1 
ATOM   886  C CG2 . ILE A 1 136 ? 10.664  -4.698  8.047   1.00 16.71 ? 376 ILE A CG2 1 
ATOM   887  C CD1 . ILE A 1 136 ? 9.134   -2.308  9.251   1.00 30.32 ? 376 ILE A CD1 1 
ATOM   888  N N   . PRO A 1 137 ? 14.207  -3.306  8.649   1.00 18.45 ? 377 PRO A N   1 
ATOM   889  C CA  . PRO A 1 137 ? 15.499  -3.885  8.271   1.00 18.98 ? 377 PRO A CA  1 
ATOM   890  C C   . PRO A 1 137 ? 15.380  -5.336  7.832   1.00 16.97 ? 377 PRO A C   1 
ATOM   891  O O   . PRO A 1 137 ? 14.401  -6.011  8.141   1.00 17.74 ? 377 PRO A O   1 
ATOM   892  C CB  . PRO A 1 137 ? 16.328  -3.751  9.554   1.00 20.92 ? 377 PRO A CB  1 
ATOM   893  C CG  . PRO A 1 137 ? 15.715  -2.572  10.245  1.00 20.01 ? 377 PRO A CG  1 
ATOM   894  C CD  . PRO A 1 137 ? 14.241  -2.835  10.045  1.00 20.33 ? 377 PRO A CD  1 
ATOM   895  N N   . PRO A 1 138 ? 16.384  -5.837  7.099   1.00 17.69 ? 378 PRO A N   1 
ATOM   896  C CA  . PRO A 1 138 ? 16.360  -7.224  6.637   1.00 17.55 ? 378 PRO A CA  1 
ATOM   897  C C   . PRO A 1 138 ? 16.068  -8.193  7.783   1.00 19.16 ? 378 PRO A C   1 
ATOM   898  O O   . PRO A 1 138 ? 16.658  -8.088  8.861   1.00 19.66 ? 378 PRO A O   1 
ATOM   899  C CB  . PRO A 1 138 ? 17.758  -7.412  6.063   1.00 18.26 ? 378 PRO A CB  1 
ATOM   900  C CG  . PRO A 1 138 ? 18.031  -6.076  5.461   1.00 17.93 ? 378 PRO A CG  1 
ATOM   901  C CD  . PRO A 1 138 ? 17.543  -5.117  6.537   1.00 17.55 ? 378 PRO A CD  1 
ATOM   902  N N   . GLY A 1 139 ? 15.145  -9.120  7.547   1.00 18.45 ? 379 GLY A N   1 
ATOM   903  C CA  . GLY A 1 139 ? 14.799  -10.108 8.551   1.00 20.66 ? 379 GLY A CA  1 
ATOM   904  C C   . GLY A 1 139 ? 13.730  -9.690  9.542   1.00 21.85 ? 379 GLY A C   1 
ATOM   905  O O   . GLY A 1 139 ? 13.235  -10.519 10.309  1.00 23.90 ? 379 GLY A O   1 
ATOM   906  N N   . CYS A 1 140 ? 13.368  -8.413  9.531   1.00 20.28 ? 380 CYS A N   1 
ATOM   907  C CA  . CYS A 1 140 ? 12.355  -7.907  10.450  1.00 19.95 ? 380 CYS A CA  1 
ATOM   908  C C   . CYS A 1 140 ? 10.983  -7.841  9.805   1.00 19.71 ? 380 CYS A C   1 
ATOM   909  O O   . CYS A 1 140 ? 10.856  -7.927  8.585   1.00 18.55 ? 380 CYS A O   1 
ATOM   910  C CB  . CYS A 1 140 ? 12.746  -6.517  10.941  1.00 20.07 ? 380 CYS A CB  1 
ATOM   911  S SG  . CYS A 1 140 ? 14.322  -6.493  11.810  1.00 25.02 ? 380 CYS A SG  1 
ATOM   912  N N   . ASN A 1 141 ? 9.955   -7.689  10.632  1.00 19.37 ? 381 ASN A N   1 
ATOM   913  C CA  . ASN A 1 141 ? 8.594   -7.592  10.126  1.00 19.45 ? 381 ASN A CA  1 
ATOM   914  C C   . ASN A 1 141 ? 7.819   -6.541  10.916  1.00 18.93 ? 381 ASN A C   1 
ATOM   915  O O   . ASN A 1 141 ? 8.184   -6.198  12.045  1.00 19.41 ? 381 ASN A O   1 
ATOM   916  C CB  . ASN A 1 141 ? 7.895   -8.957  10.191  1.00 21.51 ? 381 ASN A CB  1 
ATOM   917  C CG  . ASN A 1 141 ? 7.672   -9.437  11.609  1.00 25.22 ? 381 ASN A CG  1 
ATOM   918  O OD1 . ASN A 1 141 ? 6.826   -8.910  12.328  1.00 26.56 ? 381 ASN A OD1 1 
ATOM   919  N ND2 . ASN A 1 141 ? 8.433   -10.445 12.019  1.00 27.02 ? 381 ASN A ND2 1 
ATOM   920  N N   . LEU A 1 142 ? 6.750   -6.033  10.312  1.00 16.85 ? 382 LEU A N   1 
ATOM   921  C CA  . LEU A 1 142 ? 5.933   -4.995  10.921  1.00 16.26 ? 382 LEU A CA  1 
ATOM   922  C C   . LEU A 1 142 ? 4.452   -5.227  10.653  1.00 16.64 ? 382 LEU A C   1 
ATOM   923  O O   . LEU A 1 142 ? 4.076   -5.671  9.569   1.00 16.29 ? 382 LEU A O   1 
ATOM   924  C CB  . LEU A 1 142 ? 6.332   -3.633  10.344  1.00 16.18 ? 382 LEU A CB  1 
ATOM   925  C CG  . LEU A 1 142 ? 5.562   -2.391  10.802  1.00 14.95 ? 382 LEU A CG  1 
ATOM   926  C CD1 . LEU A 1 142 ? 5.887   -2.095  12.258  1.00 16.91 ? 382 LEU A CD1 1 
ATOM   927  C CD2 . LEU A 1 142 ? 5.943   -1.208  9.927   1.00 19.25 ? 382 LEU A CD2 1 
ATOM   928  N N   . LYS A 1 143 ? 3.620   -4.927  11.645  1.00 16.42 ? 383 LYS A N   1 
ATOM   929  C CA  . LYS A 1 143 ? 2.177   -5.073  11.492  1.00 15.43 ? 383 LYS A CA  1 
ATOM   930  C C   . LYS A 1 143 ? 1.725   -3.793  10.797  1.00 16.76 ? 383 LYS A C   1 
ATOM   931  O O   . LYS A 1 143 ? 1.556   -2.751  11.434  1.00 16.79 ? 383 LYS A O   1 
ATOM   932  C CB  . LYS A 1 143 ? 1.495   -5.188  12.856  1.00 16.91 ? 383 LYS A CB  1 
ATOM   933  C CG  . LYS A 1 143 ? -0.008  -5.443  12.775  1.00 16.85 ? 383 LYS A CG  1 
ATOM   934  C CD  . LYS A 1 143 ? -0.666  -5.454  14.155  1.00 20.82 ? 383 LYS A CD  1 
ATOM   935  C CE  . LYS A 1 143 ? -0.148  -6.587  15.036  1.00 25.91 ? 383 LYS A CE  1 
ATOM   936  N NZ  . LYS A 1 143 ? 1.292   -6.445  15.388  1.00 34.36 ? 383 LYS A NZ  1 
ATOM   937  N N   . ILE A 1 144 ? 1.535   -3.873  9.485   1.00 14.91 ? 384 ILE A N   1 
ATOM   938  C CA  . ILE A 1 144 ? 1.141   -2.701  8.718   1.00 16.00 ? 384 ILE A CA  1 
ATOM   939  C C   . ILE A 1 144 ? -0.346  -2.376  8.749   1.00 14.15 ? 384 ILE A C   1 
ATOM   940  O O   . ILE A 1 144 ? -0.752  -1.291  8.336   1.00 15.75 ? 384 ILE A O   1 
ATOM   941  C CB  . ILE A 1 144 ? 1.615   -2.827  7.252   1.00 12.80 ? 384 ILE A CB  1 
ATOM   942  C CG1 . ILE A 1 144 ? 0.932   -4.016  6.570   1.00 14.18 ? 384 ILE A CG1 1 
ATOM   943  C CG2 . ILE A 1 144 ? 3.123   -2.991  7.225   1.00 15.66 ? 384 ILE A CG2 1 
ATOM   944  C CD1 . ILE A 1 144 ? 1.282   -4.157  5.097   1.00 15.59 ? 384 ILE A CD1 1 
ATOM   945  N N   . PHE A 1 145 ? -1.164  -3.298  9.246   1.00 14.71 ? 385 PHE A N   1 
ATOM   946  C CA  . PHE A 1 145 ? -2.595  -3.049  9.308   1.00 13.04 ? 385 PHE A CA  1 
ATOM   947  C C   . PHE A 1 145 ? -3.324  -3.914  10.323  1.00 14.64 ? 385 PHE A C   1 
ATOM   948  O O   . PHE A 1 145 ? -3.031  -5.097  10.474  1.00 13.57 ? 385 PHE A O   1 
ATOM   949  C CB  . PHE A 1 145 ? -3.234  -3.279  7.933   1.00 16.45 ? 385 PHE A CB  1 
ATOM   950  C CG  . PHE A 1 145 ? -4.651  -2.776  7.822   1.00 18.08 ? 385 PHE A CG  1 
ATOM   951  C CD1 . PHE A 1 145 ? -4.908  -1.432  7.552   1.00 17.83 ? 385 PHE A CD1 1 
ATOM   952  C CD2 . PHE A 1 145 ? -5.727  -3.642  7.975   1.00 14.00 ? 385 PHE A CD2 1 
ATOM   953  C CE1 . PHE A 1 145 ? -6.215  -0.964  7.432   1.00 16.86 ? 385 PHE A CE1 1 
ATOM   954  C CE2 . PHE A 1 145 ? -7.042  -3.184  7.859   1.00 15.65 ? 385 PHE A CE2 1 
ATOM   955  C CZ  . PHE A 1 145 ? -7.286  -1.842  7.586   1.00 15.60 ? 385 PHE A CZ  1 
ATOM   956  N N   . ASN A 1 146 ? -4.288  -3.308  11.007  1.00 14.27 ? 386 ASN A N   1 
ATOM   957  C CA  . ASN A 1 146 ? -5.119  -4.022  11.972  1.00 14.78 ? 386 ASN A CA  1 
ATOM   958  C C   . ASN A 1 146 ? -6.564  -3.628  11.686  1.00 15.37 ? 386 ASN A C   1 
ATOM   959  O O   . ASN A 1 146 ? -6.919  -2.454  11.788  1.00 14.61 ? 386 ASN A O   1 
ATOM   960  C CB  . ASN A 1 146 ? -4.747  -3.652  13.405  1.00 16.94 ? 386 ASN A CB  1 
ATOM   961  C CG  . ASN A 1 146 ? -5.687  -4.267  14.419  1.00 17.79 ? 386 ASN A CG  1 
ATOM   962  O OD1 . ASN A 1 146 ? -6.852  -3.878  14.515  1.00 19.65 ? 386 ASN A OD1 1 
ATOM   963  N ND2 . ASN A 1 146 ? -5.192  -5.245  15.170  1.00 21.78 ? 386 ASN A ND2 1 
ATOM   964  N N   . ASN A 1 147 ? -7.385  -4.611  11.321  1.00 15.54 ? 387 ASN A N   1 
ATOM   965  C CA  . ASN A 1 147 ? -8.789  -4.375  10.983  1.00 18.42 ? 387 ASN A CA  1 
ATOM   966  C C   . ASN A 1 147 ? -9.660  -3.802  12.097  1.00 18.67 ? 387 ASN A C   1 
ATOM   967  O O   . ASN A 1 147 ? -10.537 -2.978  11.837  1.00 18.30 ? 387 ASN A O   1 
ATOM   968  C CB  . ASN A 1 147 ? -9.435  -5.667  10.481  1.00 21.13 ? 387 ASN A CB  1 
ATOM   969  C CG  . ASN A 1 147 ? -9.878  -5.571  9.038   1.00 31.25 ? 387 ASN A CG  1 
ATOM   970  O OD1 . ASN A 1 147 ? -10.531 -4.603  8.637   1.00 27.01 ? 387 ASN A OD1 1 
ATOM   971  N ND2 . ASN A 1 147 ? -9.534  -6.583  8.246   1.00 34.46 ? 387 ASN A ND2 1 
ATOM   972  N N   . GLN A 1 148 ? -9.439  -4.257  13.326  1.00 18.60 ? 388 GLN A N   1 
ATOM   973  C CA  . GLN A 1 148 ? -10.217 -3.784  14.471  1.00 20.02 ? 388 GLN A CA  1 
ATOM   974  C C   . GLN A 1 148 ? -10.071 -2.275  14.581  1.00 19.56 ? 388 GLN A C   1 
ATOM   975  O O   . GLN A 1 148 ? -11.056 -1.550  14.717  1.00 19.34 ? 388 GLN A O   1 
ATOM   976  C CB  . GLN A 1 148 ? -9.704  -4.416  15.765  1.00 24.38 ? 388 GLN A CB  1 
ATOM   977  C CG  . GLN A 1 148 ? -9.563  -5.922  15.726  1.00 33.91 ? 388 GLN A CG  1 
ATOM   978  C CD  . GLN A 1 148 ? -8.635  -6.431  16.813  1.00 37.90 ? 388 GLN A CD  1 
ATOM   979  O OE1 . GLN A 1 148 ? -8.854  -6.180  18.000  1.00 41.40 ? 388 GLN A OE1 1 
ATOM   980  N NE2 . GLN A 1 148 ? -7.587  -7.145  16.411  1.00 39.22 ? 388 GLN A NE2 1 
ATOM   981  N N   . GLU A 1 149 ? -8.825  -1.816  14.533  1.00 17.44 ? 389 GLU A N   1 
ATOM   982  C CA  . GLU A 1 149 ? -8.519  -0.399  14.620  1.00 18.83 ? 389 GLU A CA  1 
ATOM   983  C C   . GLU A 1 149 ? -9.196  0.376   13.494  1.00 18.57 ? 389 GLU A C   1 
ATOM   984  O O   . GLU A 1 149 ? -9.775  1.436   13.725  1.00 19.38 ? 389 GLU A O   1 
ATOM   985  C CB  . GLU A 1 149 ? -7.002  -0.200  14.572  1.00 21.94 ? 389 GLU A CB  1 
ATOM   986  C CG  . GLU A 1 149 ? -6.307  -0.526  15.895  1.00 22.26 ? 389 GLU A CG  1 
ATOM   987  C CD  . GLU A 1 149 ? -4.851  -0.918  15.726  1.00 23.70 ? 389 GLU A CD  1 
ATOM   988  O OE1 . GLU A 1 149 ? -4.191  -0.408  14.794  1.00 20.92 ? 389 GLU A OE1 1 
ATOM   989  O OE2 . GLU A 1 149 ? -4.357  -1.731  16.539  1.00 22.05 ? 389 GLU A OE2 1 
ATOM   990  N N   . PHE A 1 150 ? -9.128  -0.158  12.278  1.00 16.96 ? 390 PHE A N   1 
ATOM   991  C CA  . PHE A 1 150 ? -9.750  0.495   11.131  1.00 16.38 ? 390 PHE A CA  1 
ATOM   992  C C   . PHE A 1 150 ? -11.267 0.558   11.298  1.00 16.48 ? 390 PHE A C   1 
ATOM   993  O O   . PHE A 1 150 ? -11.885 1.606   11.096  1.00 15.30 ? 390 PHE A O   1 
ATOM   994  C CB  . PHE A 1 150 ? -9.414  -0.256  9.842   1.00 17.68 ? 390 PHE A CB  1 
ATOM   995  C CG  . PHE A 1 150 ? -10.111 0.284   8.625   1.00 16.30 ? 390 PHE A CG  1 
ATOM   996  C CD1 . PHE A 1 150 ? -9.775  1.531   8.110   1.00 19.13 ? 390 PHE A CD1 1 
ATOM   997  C CD2 . PHE A 1 150 ? -11.114 -0.450  8.000   1.00 19.49 ? 390 PHE A CD2 1 
ATOM   998  C CE1 . PHE A 1 150 ? -10.424 2.037   6.986   1.00 15.50 ? 390 PHE A CE1 1 
ATOM   999  C CE2 . PHE A 1 150 ? -11.771 0.049   6.874   1.00 14.73 ? 390 PHE A CE2 1 
ATOM   1000 C CZ  . PHE A 1 150 ? -11.427 1.291   6.368   1.00 17.05 ? 390 PHE A CZ  1 
ATOM   1001 N N   . ALA A 1 151 ? -11.867 -0.573  11.660  1.00 16.21 ? 391 ALA A N   1 
ATOM   1002 C CA  . ALA A 1 151 ? -13.312 -0.631  11.850  1.00 18.27 ? 391 ALA A CA  1 
ATOM   1003 C C   . ALA A 1 151 ? -13.750 0.413   12.877  1.00 19.53 ? 391 ALA A C   1 
ATOM   1004 O O   . ALA A 1 151 ? -14.760 1.098   12.696  1.00 19.86 ? 391 ALA A O   1 
ATOM   1005 C CB  . ALA A 1 151 ? -13.720 -2.032  12.311  1.00 20.24 ? 391 ALA A CB  1 
ATOM   1006 N N   . ALA A 1 152 ? -12.977 0.541   13.948  1.00 20.57 ? 392 ALA A N   1 
ATOM   1007 C CA  . ALA A 1 152 ? -13.297 1.502   15.003  1.00 21.81 ? 392 ALA A CA  1 
ATOM   1008 C C   . ALA A 1 152 ? -13.199 2.935   14.497  1.00 21.80 ? 392 ALA A C   1 
ATOM   1009 O O   . ALA A 1 152 ? -14.028 3.780   14.838  1.00 22.33 ? 392 ALA A O   1 
ATOM   1010 C CB  . ALA A 1 152 ? -12.366 1.302   16.191  1.00 20.56 ? 392 ALA A CB  1 
ATOM   1011 N N   . LEU A 1 153 ? -12.181 3.205   13.688  1.00 19.28 ? 393 LEU A N   1 
ATOM   1012 C CA  . LEU A 1 153 ? -11.980 4.536   13.131  1.00 20.11 ? 393 LEU A CA  1 
ATOM   1013 C C   . LEU A 1 153 ? -13.129 4.853   12.181  1.00 20.07 ? 393 LEU A C   1 
ATOM   1014 O O   . LEU A 1 153 ? -13.647 5.971   12.162  1.00 19.89 ? 393 LEU A O   1 
ATOM   1015 C CB  . LEU A 1 153 ? -10.648 4.598   12.375  1.00 20.35 ? 393 LEU A CB  1 
ATOM   1016 C CG  . LEU A 1 153 ? -10.239 5.970   11.828  1.00 22.29 ? 393 LEU A CG  1 
ATOM   1017 C CD1 . LEU A 1 153 ? -10.033 6.926   12.992  1.00 25.59 ? 393 LEU A CD1 1 
ATOM   1018 C CD2 . LEU A 1 153 ? -8.960  5.853   11.008  1.00 23.31 ? 393 LEU A CD2 1 
ATOM   1019 N N   . LEU A 1 154 ? -13.519 3.857   11.392  1.00 19.79 ? 394 LEU A N   1 
ATOM   1020 C CA  . LEU A 1 154 ? -14.612 4.007   10.436  1.00 20.98 ? 394 LEU A CA  1 
ATOM   1021 C C   . LEU A 1 154 ? -15.908 4.334   11.166  1.00 23.19 ? 394 LEU A C   1 
ATOM   1022 O O   . LEU A 1 154 ? -16.673 5.202   10.743  1.00 22.53 ? 394 LEU A O   1 
ATOM   1023 C CB  . LEU A 1 154 ? -14.792 2.713   9.637   1.00 21.82 ? 394 LEU A CB  1 
ATOM   1024 C CG  . LEU A 1 154 ? -15.954 2.662   8.639   1.00 19.75 ? 394 LEU A CG  1 
ATOM   1025 C CD1 . LEU A 1 154 ? -15.766 3.737   7.576   1.00 23.46 ? 394 LEU A CD1 1 
ATOM   1026 C CD2 . LEU A 1 154 ? -16.009 1.281   7.999   1.00 25.96 ? 394 LEU A CD2 1 
ATOM   1027 N N   . ALA A 1 155 ? -16.147 3.631   12.266  1.00 23.33 ? 395 ALA A N   1 
ATOM   1028 C CA  . ALA A 1 155 ? -17.349 3.841   13.053  1.00 25.91 ? 395 ALA A CA  1 
ATOM   1029 C C   . ALA A 1 155 ? -17.435 5.279   13.560  1.00 27.02 ? 395 ALA A C   1 
ATOM   1030 O O   . ALA A 1 155 ? -18.498 5.896   13.508  1.00 27.61 ? 395 ALA A O   1 
ATOM   1031 C CB  . ALA A 1 155 ? -17.379 2.868   14.221  1.00 24.42 ? 395 ALA A CB  1 
ATOM   1032 N N   . GLN A 1 156 ? -16.320 5.819   14.040  1.00 28.00 ? 396 GLN A N   1 
ATOM   1033 C CA  . GLN A 1 156 ? -16.332 7.185   14.552  1.00 30.96 ? 396 GLN A CA  1 
ATOM   1034 C C   . GLN A 1 156 ? -16.235 8.228   13.441  1.00 31.19 ? 396 GLN A C   1 
ATOM   1035 O O   . GLN A 1 156 ? -16.549 9.397   13.651  1.00 30.27 ? 396 GLN A O   1 
ATOM   1036 C CB  . GLN A 1 156 ? -15.199 7.396   15.561  1.00 33.37 ? 396 GLN A CB  1 
ATOM   1037 C CG  . GLN A 1 156 ? -13.801 7.355   14.977  1.00 41.77 ? 396 GLN A CG  1 
ATOM   1038 C CD  . GLN A 1 156 ? -12.740 7.667   16.015  1.00 43.93 ? 396 GLN A CD  1 
ATOM   1039 O OE1 . GLN A 1 156 ? -12.640 6.988   17.039  1.00 47.74 ? 396 GLN A OE1 1 
ATOM   1040 N NE2 . GLN A 1 156 ? -11.942 8.700   15.756  1.00 47.04 ? 396 GLN A NE2 1 
ATOM   1041 N N   . SER A 1 157 ? -15.806 7.803   12.259  1.00 31.42 ? 397 SER A N   1 
ATOM   1042 C CA  . SER A 1 157 ? -15.683 8.722   11.131  1.00 33.17 ? 397 SER A CA  1 
ATOM   1043 C C   . SER A 1 157 ? -17.026 9.296   10.682  1.00 34.04 ? 397 SER A C   1 
ATOM   1044 O O   . SER A 1 157 ? -17.092 10.426  10.195  1.00 33.27 ? 397 SER A O   1 
ATOM   1045 C CB  . SER A 1 157 ? -15.007 8.020   9.950   1.00 33.32 ? 397 SER A CB  1 
ATOM   1046 O OG  . SER A 1 157 ? -13.646 7.748   10.239  1.00 39.55 ? 397 SER A OG  1 
ATOM   1047 N N   . VAL A 1 158 ? -18.096 8.525   10.846  1.00 34.49 ? 398 VAL A N   1 
ATOM   1048 C CA  . VAL A 1 158 ? -19.421 8.979   10.441  1.00 37.81 ? 398 VAL A CA  1 
ATOM   1049 C C   . VAL A 1 158 ? -19.783 10.326  11.057  1.00 39.02 ? 398 VAL A C   1 
ATOM   1050 O O   . VAL A 1 158 ? -20.303 11.211  10.376  1.00 39.60 ? 398 VAL A O   1 
ATOM   1051 C CB  . VAL A 1 158 ? -20.511 7.948   10.820  1.00 38.27 ? 398 VAL A CB  1 
ATOM   1052 C CG1 . VAL A 1 158 ? -20.239 6.630   10.118  1.00 40.06 ? 398 VAL A CG1 1 
ATOM   1053 C CG2 . VAL A 1 158 ? -20.548 7.749   12.325  1.00 41.33 ? 398 VAL A CG2 1 
ATOM   1054 N N   . ASN A 1 159 ? -19.501 10.485  12.347  1.00 39.75 ? 399 ASN A N   1 
ATOM   1055 C CA  . ASN A 1 159 ? -19.801 11.731  13.040  1.00 41.62 ? 399 ASN A CA  1 
ATOM   1056 C C   . ASN A 1 159 ? -18.972 12.884  12.491  1.00 42.20 ? 399 ASN A C   1 
ATOM   1057 O O   . ASN A 1 159 ? -19.150 14.035  12.890  1.00 40.82 ? 399 ASN A O   1 
ATOM   1058 C CB  . ASN A 1 159 ? -19.543 11.576  14.541  1.00 43.01 ? 399 ASN A CB  1 
ATOM   1059 C CG  . ASN A 1 159 ? -20.569 10.689  15.220  1.00 45.00 ? 399 ASN A CG  1 
ATOM   1060 O OD1 . ASN A 1 159 ? -20.448 10.373  16.404  1.00 48.58 ? 399 ASN A OD1 1 
ATOM   1061 N ND2 . ASN A 1 159 ? -21.594 10.289  14.474  1.00 44.91 ? 399 ASN A ND2 1 
ATOM   1062 N N   . GLN A 1 160 ? -18.064 12.571  11.572  1.00 43.29 ? 400 GLN A N   1 
ATOM   1063 C CA  . GLN A 1 160 ? -17.212 13.588  10.974  1.00 45.27 ? 400 GLN A CA  1 
ATOM   1064 C C   . GLN A 1 160 ? -17.753 14.025  9.617   1.00 44.95 ? 400 GLN A C   1 
ATOM   1065 O O   . GLN A 1 160 ? -17.356 15.063  9.091   1.00 46.76 ? 400 GLN A O   1 
ATOM   1066 C CB  . GLN A 1 160 ? -15.786 13.058  10.808  1.00 46.86 ? 400 GLN A CB  1 
ATOM   1067 C CG  . GLN A 1 160 ? -15.173 12.477  12.072  1.00 49.16 ? 400 GLN A CG  1 
ATOM   1068 C CD  . GLN A 1 160 ? -15.172 13.454  13.228  1.00 51.40 ? 400 GLN A CD  1 
ATOM   1069 O OE1 . GLN A 1 160 ? -14.623 14.553  13.132  1.00 52.80 ? 400 GLN A OE1 1 
ATOM   1070 N NE2 . GLN A 1 160 ? -15.786 13.055  14.335  1.00 55.26 ? 400 GLN A NE2 1 
ATOM   1071 N N   . GLY A 1 161 ? -18.656 13.229  9.052   1.00 44.41 ? 401 GLY A N   1 
ATOM   1072 C CA  . GLY A 1 161 ? -19.235 13.569  7.763   1.00 43.50 ? 401 GLY A CA  1 
ATOM   1073 C C   . GLY A 1 161 ? -18.524 12.972  6.560   1.00 42.84 ? 401 GLY A C   1 
ATOM   1074 O O   . GLY A 1 161 ? -17.410 12.461  6.672   1.00 42.30 ? 401 GLY A O   1 
ATOM   1075 N N   . PHE A 1 162 ? -19.186 13.043  5.406   1.00 42.06 ? 402 PHE A N   1 
ATOM   1076 C CA  . PHE A 1 162 ? -18.659 12.530  4.142   1.00 41.26 ? 402 PHE A CA  1 
ATOM   1077 C C   . PHE A 1 162 ? -17.173 12.841  4.000   1.00 40.42 ? 402 PHE A C   1 
ATOM   1078 O O   . PHE A 1 162 ? -16.385 12.012  3.546   1.00 38.99 ? 402 PHE A O   1 
ATOM   1079 C CB  . PHE A 1 162 ? -19.446 13.151  2.980   1.00 42.91 ? 402 PHE A CB  1 
ATOM   1080 C CG  . PHE A 1 162 ? -18.922 12.788  1.619   1.00 43.22 ? 402 PHE A CG  1 
ATOM   1081 C CD1 . PHE A 1 162 ? -17.825 13.454  1.077   1.00 45.27 ? 402 PHE A CD1 1 
ATOM   1082 C CD2 . PHE A 1 162 ? -19.524 11.777  0.877   1.00 43.44 ? 402 PHE A CD2 1 
ATOM   1083 C CE1 . PHE A 1 162 ? -17.337 13.117  -0.183  1.00 42.09 ? 402 PHE A CE1 1 
ATOM   1084 C CE2 . PHE A 1 162 ? -19.043 11.432  -0.383  1.00 44.46 ? 402 PHE A CE2 1 
ATOM   1085 C CZ  . PHE A 1 162 ? -17.946 12.105  -0.914  1.00 44.01 ? 402 PHE A CZ  1 
ATOM   1086 N N   . GLU A 1 163 ? -16.815 14.054  4.392   1.00 39.39 ? 403 GLU A N   1 
ATOM   1087 C CA  . GLU A 1 163 ? -15.450 14.558  4.354   1.00 38.63 ? 403 GLU A CA  1 
ATOM   1088 C C   . GLU A 1 163 ? -14.421 13.571  4.908   1.00 36.19 ? 403 GLU A C   1 
ATOM   1089 O O   . GLU A 1 163 ? -13.528 13.111  4.192   1.00 37.15 ? 403 GLU A O   1 
ATOM   1090 C CB  . GLU A 1 163 ? -15.404 15.841  5.172   1.00 43.64 ? 403 GLU A CB  1 
ATOM   1091 C CG  . GLU A 1 163 ? -16.084 15.650  6.521   1.00 49.35 ? 403 GLU A CG  1 
ATOM   1092 C CD  . GLU A 1 163 ? -16.291 16.935  7.280   1.00 53.16 ? 403 GLU A CD  1 
ATOM   1093 O OE1 . GLU A 1 163 ? -16.976 17.837  6.747   1.00 56.24 ? 403 GLU A OE1 1 
ATOM   1094 O OE2 . GLU A 1 163 ? -15.773 17.038  8.414   1.00 57.34 ? 403 GLU A OE2 1 
ATOM   1095 N N   . ALA A 1 164 ? -14.556 13.258  6.191   1.00 32.70 ? 404 ALA A N   1 
ATOM   1096 C CA  . ALA A 1 164 ? -13.644 12.354  6.873   1.00 29.37 ? 404 ALA A CA  1 
ATOM   1097 C C   . ALA A 1 164 ? -13.755 10.911  6.398   1.00 27.98 ? 404 ALA A C   1 
ATOM   1098 O O   . ALA A 1 164 ? -12.757 10.200  6.341   1.00 26.50 ? 404 ALA A O   1 
ATOM   1099 C CB  . ALA A 1 164 ? -13.881 12.419  8.368   1.00 28.57 ? 404 ALA A CB  1 
ATOM   1100 N N   . VAL A 1 165 ? -14.968 10.480  6.066   1.00 25.37 ? 405 VAL A N   1 
ATOM   1101 C CA  . VAL A 1 165 ? -15.177 9.113   5.606   1.00 24.18 ? 405 VAL A CA  1 
ATOM   1102 C C   . VAL A 1 165 ? -14.532 8.875   4.246   1.00 23.58 ? 405 VAL A C   1 
ATOM   1103 O O   . VAL A 1 165 ? -13.945 7.823   4.007   1.00 22.49 ? 405 VAL A O   1 
ATOM   1104 C CB  . VAL A 1 165 ? -16.677 8.783   5.511   1.00 21.52 ? 405 VAL A CB  1 
ATOM   1105 C CG1 . VAL A 1 165 ? -16.866 7.349   5.034   1.00 23.20 ? 405 VAL A CG1 1 
ATOM   1106 C CG2 . VAL A 1 165 ? -17.327 8.983   6.866   1.00 23.08 ? 405 VAL A CG2 1 
ATOM   1107 N N   . TYR A 1 166 ? -14.639 9.860   3.361   1.00 22.74 ? 406 TYR A N   1 
ATOM   1108 C CA  . TYR A 1 166 ? -14.065 9.752   2.026   1.00 23.71 ? 406 TYR A CA  1 
ATOM   1109 C C   . TYR A 1 166 ? -12.542 9.629   2.078   1.00 23.64 ? 406 TYR A C   1 
ATOM   1110 O O   . TYR A 1 166 ? -11.942 8.895   1.291   1.00 21.78 ? 406 TYR A O   1 
ATOM   1111 C CB  . TYR A 1 166 ? -14.466 10.972  1.193   1.00 26.19 ? 406 TYR A CB  1 
ATOM   1112 C CG  . TYR A 1 166 ? -14.011 10.920  -0.247  1.00 30.04 ? 406 TYR A CG  1 
ATOM   1113 C CD1 . TYR A 1 166 ? -12.695 11.223  -0.599  1.00 32.07 ? 406 TYR A CD1 1 
ATOM   1114 C CD2 . TYR A 1 166 ? -14.895 10.558  -1.260  1.00 30.56 ? 406 TYR A CD2 1 
ATOM   1115 C CE1 . TYR A 1 166 ? -12.273 11.168  -1.926  1.00 30.40 ? 406 TYR A CE1 1 
ATOM   1116 C CE2 . TYR A 1 166 ? -14.482 10.498  -2.588  1.00 31.44 ? 406 TYR A CE2 1 
ATOM   1117 C CZ  . TYR A 1 166 ? -13.172 10.804  -2.913  1.00 29.42 ? 406 TYR A CZ  1 
ATOM   1118 O OH  . TYR A 1 166 ? -12.760 10.735  -4.222  1.00 28.06 ? 406 TYR A OH  1 
ATOM   1119 N N   . GLN A 1 167 ? -11.923 10.337  3.016   1.00 21.89 ? 407 GLN A N   1 
ATOM   1120 C CA  . GLN A 1 167 ? -10.469 10.315  3.157   1.00 22.67 ? 407 GLN A CA  1 
ATOM   1121 C C   . GLN A 1 167 ? -9.916  9.013   3.740   1.00 20.90 ? 407 GLN A C   1 
ATOM   1122 O O   . GLN A 1 167 ? -8.700  8.807   3.753   1.00 20.81 ? 407 GLN A O   1 
ATOM   1123 C CB  . GLN A 1 167 ? -10.017 11.476  4.037   1.00 26.49 ? 407 GLN A CB  1 
ATOM   1124 C CG  . GLN A 1 167 ? -10.206 12.863  3.437   1.00 33.95 ? 407 GLN A CG  1 
ATOM   1125 C CD  . GLN A 1 167 ? -9.037  13.294  2.568   1.00 40.02 ? 407 GLN A CD  1 
ATOM   1126 O OE1 . GLN A 1 167 ? -8.899  14.474  2.242   1.00 43.68 ? 407 GLN A OE1 1 
ATOM   1127 N NE2 . GLN A 1 167 ? -8.195  12.341  2.186   1.00 38.96 ? 407 GLN A NE2 1 
ATOM   1128 N N   . LEU A 1 168 ? -10.795 8.144   4.229   1.00 19.61 ? 408 LEU A N   1 
ATOM   1129 C CA  . LEU A 1 168 ? -10.353 6.878   4.814   1.00 18.56 ? 408 LEU A CA  1 
ATOM   1130 C C   . LEU A 1 168 ? -9.779  5.892   3.798   1.00 19.25 ? 408 LEU A C   1 
ATOM   1131 O O   . LEU A 1 168 ? -9.234  4.856   4.174   1.00 16.61 ? 408 LEU A O   1 
ATOM   1132 C CB  . LEU A 1 168 ? -11.498 6.216   5.590   1.00 19.49 ? 408 LEU A CB  1 
ATOM   1133 C CG  . LEU A 1 168 ? -11.859 6.864   6.934   1.00 20.05 ? 408 LEU A CG  1 
ATOM   1134 C CD1 . LEU A 1 168 ? -13.010 6.109   7.589   1.00 20.59 ? 408 LEU A CD1 1 
ATOM   1135 C CD2 . LEU A 1 168 ? -10.640 6.850   7.848   1.00 20.44 ? 408 LEU A CD2 1 
ATOM   1136 N N   . THR A 1 169 ? -9.895  6.201   2.510   1.00 19.48 ? 409 THR A N   1 
ATOM   1137 C CA  . THR A 1 169 ? -9.336  5.309   1.500   1.00 19.13 ? 409 THR A CA  1 
ATOM   1138 C C   . THR A 1 169 ? -7.834  5.226   1.757   1.00 18.25 ? 409 THR A C   1 
ATOM   1139 O O   . THR A 1 169 ? -7.197  4.207   1.500   1.00 19.00 ? 409 THR A O   1 
ATOM   1140 C CB  . THR A 1 169 ? -9.567  5.845   0.072   1.00 19.19 ? 409 THR A CB  1 
ATOM   1141 O OG1 . THR A 1 169 ? -8.941  7.127   -0.063  1.00 23.24 ? 409 THR A OG1 1 
ATOM   1142 C CG2 . THR A 1 169 ? -11.052 5.973   -0.213  1.00 21.66 ? 409 THR A CG2 1 
ATOM   1143 N N   . ARG A 1 170 ? -7.276  6.311   2.279   1.00 19.09 ? 410 ARG A N   1 
ATOM   1144 C CA  . ARG A 1 170 ? -5.849  6.376   2.582   1.00 19.43 ? 410 ARG A CA  1 
ATOM   1145 C C   . ARG A 1 170 ? -5.441  5.331   3.614   1.00 18.78 ? 410 ARG A C   1 
ATOM   1146 O O   . ARG A 1 170 ? -4.309  4.836   3.609   1.00 18.37 ? 410 ARG A O   1 
ATOM   1147 C CB  . ARG A 1 170 ? -5.504  7.776   3.086   1.00 21.85 ? 410 ARG A CB  1 
ATOM   1148 C CG  . ARG A 1 170 ? -5.744  8.856   2.044   1.00 28.69 ? 410 ARG A CG  1 
ATOM   1149 C CD  . ARG A 1 170 ? -5.658  10.246  2.646   1.00 34.20 ? 410 ARG A CD  1 
ATOM   1150 N NE  . ARG A 1 170 ? -4.418  10.459  3.385   1.00 41.04 ? 410 ARG A NE  1 
ATOM   1151 C CZ  . ARG A 1 170 ? -4.072  11.621  3.929   1.00 43.48 ? 410 ARG A CZ  1 
ATOM   1152 N NH1 . ARG A 1 170 ? -4.876  12.670  3.814   1.00 46.08 ? 410 ARG A NH1 1 
ATOM   1153 N NH2 . ARG A 1 170 ? -2.928  11.736  4.592   1.00 46.54 ? 410 ARG A NH2 1 
ATOM   1154 N N   . MET A 1 171 ? -6.370  4.992   4.503   1.00 16.66 ? 411 MET A N   1 
ATOM   1155 C CA  . MET A 1 171 ? -6.108  3.997   5.537   1.00 16.71 ? 411 MET A CA  1 
ATOM   1156 C C   . MET A 1 171 ? -6.063  2.596   4.943   1.00 16.92 ? 411 MET A C   1 
ATOM   1157 O O   . MET A 1 171 ? -5.495  1.677   5.532   1.00 18.85 ? 411 MET A O   1 
ATOM   1158 C CB  . MET A 1 171 ? -7.194  4.067   6.611   1.00 19.09 ? 411 MET A CB  1 
ATOM   1159 C CG  . MET A 1 171 ? -6.999  5.204   7.593   1.00 20.92 ? 411 MET A CG  1 
ATOM   1160 S SD  . MET A 1 171 ? -5.601  4.875   8.678   1.00 18.39 ? 411 MET A SD  1 
ATOM   1161 C CE  . MET A 1 171 ? -6.350  3.638   9.782   1.00 32.80 ? 411 MET A CE  1 
ATOM   1162 N N   . CYS A 1 172 ? -6.665  2.442   3.770   1.00 15.15 ? 412 CYS A N   1 
ATOM   1163 C CA  . CYS A 1 172 ? -6.701  1.149   3.095   1.00 16.59 ? 412 CYS A CA  1 
ATOM   1164 C C   . CYS A 1 172 ? -5.536  1.026   2.127   1.00 16.56 ? 412 CYS A C   1 
ATOM   1165 O O   . CYS A 1 172 ? -5.401  0.017   1.433   1.00 16.17 ? 412 CYS A O   1 
ATOM   1166 C CB  . CYS A 1 172 ? -8.011  0.994   2.321   1.00 15.08 ? 412 CYS A CB  1 
ATOM   1167 S SG  . CYS A 1 172 ? -9.487  1.101   3.353   1.00 18.90 ? 412 CYS A SG  1 
ATOM   1168 N N   . THR A 1 173 ? -4.702  2.060   2.086   1.00 16.27 ? 413 THR A N   1 
ATOM   1169 C CA  . THR A 1 173 ? -3.550  2.089   1.189   1.00 17.95 ? 413 THR A CA  1 
ATOM   1170 C C   . THR A 1 173 ? -2.238  2.108   1.965   1.00 18.42 ? 413 THR A C   1 
ATOM   1171 O O   . THR A 1 173 ? -2.100  2.821   2.957   1.00 19.66 ? 413 THR A O   1 
ATOM   1172 C CB  . THR A 1 173 ? -3.597  3.330   0.275   1.00 19.46 ? 413 THR A CB  1 
ATOM   1173 O OG1 . THR A 1 173 ? -4.809  3.318   -0.488  1.00 24.65 ? 413 THR A OG1 1 
ATOM   1174 C CG2 . THR A 1 173 ? -2.399  3.342   -0.681  1.00 22.87 ? 413 THR A CG2 1 
ATOM   1175 N N   . ILE A 1 174 ? -1.276  1.315   1.509   1.00 16.42 ? 414 ILE A N   1 
ATOM   1176 C CA  . ILE A 1 174 ? 0.027   1.257   2.155   1.00 15.64 ? 414 ILE A CA  1 
ATOM   1177 C C   . ILE A 1 174 ? 1.086   1.311   1.072   1.00 15.41 ? 414 ILE A C   1 
ATOM   1178 O O   . ILE A 1 174 ? 1.037   0.547   0.111   1.00 14.57 ? 414 ILE A O   1 
ATOM   1179 C CB  . ILE A 1 174 ? 0.189   -0.036  2.962   1.00 14.28 ? 414 ILE A CB  1 
ATOM   1180 C CG1 . ILE A 1 174 ? -0.841  -0.055  4.098   1.00 17.90 ? 414 ILE A CG1 1 
ATOM   1181 C CG2 . ILE A 1 174 ? 1.612   -0.133  3.520   1.00 15.59 ? 414 ILE A CG2 1 
ATOM   1182 C CD1 . ILE A 1 174 ? -1.101  -1.415  4.671   1.00 20.51 ? 414 ILE A CD1 1 
ATOM   1183 N N   . ARG A 1 175 ? 2.038   2.225   1.226   1.00 16.13 ? 415 ARG A N   1 
ATOM   1184 C CA  . ARG A 1 175 ? 3.104   2.373   0.244   1.00 15.70 ? 415 ARG A CA  1 
ATOM   1185 C C   . ARG A 1 175 ? 4.432   1.927   0.838   1.00 15.28 ? 415 ARG A C   1 
ATOM   1186 O O   . ARG A 1 175 ? 4.730   2.208   1.996   1.00 16.43 ? 415 ARG A O   1 
ATOM   1187 C CB  . ARG A 1 175 ? 3.173   3.828   -0.225  1.00 18.37 ? 415 ARG A CB  1 
ATOM   1188 C CG  . ARG A 1 175 ? 1.956   4.221   -1.045  1.00 20.22 ? 415 ARG A CG  1 
ATOM   1189 C CD  . ARG A 1 175 ? 1.864   5.719   -1.278  1.00 26.82 ? 415 ARG A CD  1 
ATOM   1190 N NE  . ARG A 1 175 ? 0.681   6.045   -2.067  1.00 28.71 ? 415 ARG A NE  1 
ATOM   1191 C CZ  . ARG A 1 175 ? 0.200   7.273   -2.225  1.00 33.62 ? 415 ARG A CZ  1 
ATOM   1192 N NH1 . ARG A 1 175 ? 0.801   8.302   -1.644  1.00 33.57 ? 415 ARG A NH1 1 
ATOM   1193 N NH2 . ARG A 1 175 ? -0.884  7.469   -2.964  1.00 35.92 ? 415 ARG A NH2 1 
ATOM   1194 N N   . MET A 1 176 ? 5.221   1.214   0.040   1.00 13.50 ? 416 MET A N   1 
ATOM   1195 C CA  . MET A 1 176 ? 6.508   0.710   0.504   1.00 14.38 ? 416 MET A CA  1 
ATOM   1196 C C   . MET A 1 176 ? 7.585   0.903   -0.549  1.00 13.42 ? 416 MET A C   1 
ATOM   1197 O O   . MET A 1 176 ? 7.351   0.671   -1.731  1.00 13.69 ? 416 MET A O   1 
ATOM   1198 C CB  . MET A 1 176 ? 6.401   -0.781  0.818   1.00 14.88 ? 416 MET A CB  1 
ATOM   1199 C CG  . MET A 1 176 ? 5.298   -1.159  1.788   1.00 22.14 ? 416 MET A CG  1 
ATOM   1200 S SD  . MET A 1 176 ? 5.137   -2.959  1.873   1.00 22.19 ? 416 MET A SD  1 
ATOM   1201 C CE  . MET A 1 176 ? 3.589   -3.213  0.972   1.00 27.09 ? 416 MET A CE  1 
ATOM   1202 N N   . SER A 1 177 ? 8.768   1.308   -0.107  1.00 12.72 ? 417 SER A N   1 
ATOM   1203 C CA  . SER A 1 177 ? 9.900   1.515   -0.993  1.00 13.34 ? 417 SER A CA  1 
ATOM   1204 C C   . SER A 1 177 ? 10.971  0.470   -0.718  1.00 12.42 ? 417 SER A C   1 
ATOM   1205 O O   . SER A 1 177 ? 11.228  0.125   0.430   1.00 15.17 ? 417 SER A O   1 
ATOM   1206 C CB  . SER A 1 177 ? 10.497  2.904   -0.773  1.00 14.25 ? 417 SER A CB  1 
ATOM   1207 O OG  . SER A 1 177 ? 11.701  3.052   -1.506  1.00 17.94 ? 417 SER A OG  1 
ATOM   1208 N N   . PHE A 1 178 ? 11.587  -0.037  -1.779  1.00 13.25 ? 418 PHE A N   1 
ATOM   1209 C CA  . PHE A 1 178 ? 12.653  -1.023  -1.643  1.00 13.09 ? 418 PHE A CA  1 
ATOM   1210 C C   . PHE A 1 178 ? 13.998  -0.300  -1.607  1.00 11.75 ? 418 PHE A C   1 
ATOM   1211 O O   . PHE A 1 178 ? 14.238  0.616   -2.397  1.00 12.55 ? 418 PHE A O   1 
ATOM   1212 C CB  . PHE A 1 178 ? 12.659  -1.984  -2.836  1.00 11.48 ? 418 PHE A CB  1 
ATOM   1213 C CG  . PHE A 1 178 ? 11.461  -2.875  -2.908  1.00 12.26 ? 418 PHE A CG  1 
ATOM   1214 C CD1 . PHE A 1 178 ? 11.356  -3.987  -2.079  1.00 13.03 ? 418 PHE A CD1 1 
ATOM   1215 C CD2 . PHE A 1 178 ? 10.436  -2.603  -3.803  1.00 14.29 ? 418 PHE A CD2 1 
ATOM   1216 C CE1 . PHE A 1 178 ? 10.242  -4.821  -2.143  1.00 14.47 ? 418 PHE A CE1 1 
ATOM   1217 C CE2 . PHE A 1 178 ? 9.317   -3.429  -3.876  1.00 11.57 ? 418 PHE A CE2 1 
ATOM   1218 C CZ  . PHE A 1 178 ? 9.221   -4.542  -3.042  1.00 13.86 ? 418 PHE A CZ  1 
ATOM   1219 N N   . VAL A 1 179 ? 14.859  -0.704  -0.676  1.00 12.86 ? 419 VAL A N   1 
ATOM   1220 C CA  . VAL A 1 179 ? 16.203  -0.146  -0.560  1.00 14.14 ? 419 VAL A CA  1 
ATOM   1221 C C   . VAL A 1 179 ? 16.328  1.305   -0.094  1.00 15.47 ? 419 VAL A C   1 
ATOM   1222 O O   . VAL A 1 179 ? 17.024  1.588   0.883   1.00 15.66 ? 419 VAL A O   1 
ATOM   1223 C CB  . VAL A 1 179 ? 16.964  -0.263  -1.912  1.00 14.70 ? 419 VAL A CB  1 
ATOM   1224 C CG1 . VAL A 1 179 ? 18.431  0.104   -1.722  1.00 15.90 ? 419 VAL A CG1 1 
ATOM   1225 C CG2 . VAL A 1 179 ? 16.830  -1.673  -2.477  1.00 15.68 ? 419 VAL A CG2 1 
ATOM   1226 N N   . LYS A 1 180 ? 15.664  2.221   -0.793  1.00 15.23 ? 420 LYS A N   1 
ATOM   1227 C CA  . LYS A 1 180 ? 15.755  3.645   -0.470  1.00 14.90 ? 420 LYS A CA  1 
ATOM   1228 C C   . LYS A 1 180 ? 14.683  4.195   0.458   1.00 15.98 ? 420 LYS A C   1 
ATOM   1229 O O   . LYS A 1 180 ? 13.490  3.972   0.260   1.00 14.63 ? 420 LYS A O   1 
ATOM   1230 C CB  . LYS A 1 180 ? 15.760  4.468   -1.758  1.00 14.42 ? 420 LYS A CB  1 
ATOM   1231 C CG  . LYS A 1 180 ? 16.817  4.043   -2.767  1.00 17.74 ? 420 LYS A CG  1 
ATOM   1232 C CD  . LYS A 1 180 ? 18.222  4.207   -2.195  1.00 16.55 ? 420 LYS A CD  1 
ATOM   1233 C CE  . LYS A 1 180 ? 19.285  3.919   -3.244  1.00 20.78 ? 420 LYS A CE  1 
ATOM   1234 N NZ  . LYS A 1 180 ? 20.663  4.185   -2.729  1.00 13.71 ? 420 LYS A NZ  1 
ATOM   1235 N N   . GLY A 1 181 ? 15.116  4.941   1.467   1.00 16.14 ? 421 GLY A N   1 
ATOM   1236 C CA  . GLY A 1 181 ? 14.159  5.516   2.390   1.00 16.93 ? 421 GLY A CA  1 
ATOM   1237 C C   . GLY A 1 181 ? 13.717  6.884   1.921   1.00 17.84 ? 421 GLY A C   1 
ATOM   1238 O O   . GLY A 1 181 ? 14.299  7.453   0.993   1.00 17.92 ? 421 GLY A O   1 
ATOM   1239 N N   . TRP A 1 182 ? 12.667  7.413   2.535   1.00 18.20 ? 422 TRP A N   1 
ATOM   1240 C CA  . TRP A 1 182 ? 12.200  8.741   2.179   1.00 19.11 ? 422 TRP A CA  1 
ATOM   1241 C C   . TRP A 1 182 ? 11.527  9.339   3.398   1.00 20.95 ? 422 TRP A C   1 
ATOM   1242 O O   . TRP A 1 182 ? 11.238  8.625   4.358   1.00 18.90 ? 422 TRP A O   1 
ATOM   1243 C CB  . TRP A 1 182 ? 11.246  8.684   0.974   1.00 20.90 ? 422 TRP A CB  1 
ATOM   1244 C CG  . TRP A 1 182 ? 9.797   8.439   1.282   1.00 22.22 ? 422 TRP A CG  1 
ATOM   1245 C CD1 . TRP A 1 182 ? 8.827   9.384   1.469   1.00 21.51 ? 422 TRP A CD1 1 
ATOM   1246 C CD2 . TRP A 1 182 ? 9.144   7.170   1.378   1.00 20.14 ? 422 TRP A CD2 1 
ATOM   1247 N NE1 . TRP A 1 182 ? 7.607   8.781   1.668   1.00 19.46 ? 422 TRP A NE1 1 
ATOM   1248 C CE2 . TRP A 1 182 ? 7.775   7.421   1.619   1.00 22.25 ? 422 TRP A CE2 1 
ATOM   1249 C CE3 . TRP A 1 182 ? 9.582   5.842   1.281   1.00 17.42 ? 422 TRP A CE3 1 
ATOM   1250 C CZ2 . TRP A 1 182 ? 6.837   6.391   1.767   1.00 20.34 ? 422 TRP A CZ2 1 
ATOM   1251 C CZ3 . TRP A 1 182 ? 8.654   4.821   1.426   1.00 16.95 ? 422 TRP A CZ3 1 
ATOM   1252 C CH2 . TRP A 1 182 ? 7.293   5.102   1.666   1.00 19.59 ? 422 TRP A CH2 1 
ATOM   1253 N N   . GLY A 1 183 ? 11.306  10.648  3.368   1.00 22.80 ? 423 GLY A N   1 
ATOM   1254 C CA  . GLY A 1 183 ? 10.677  11.316  4.494   1.00 27.25 ? 423 GLY A CA  1 
ATOM   1255 C C   . GLY A 1 183 ? 11.706  11.917  5.433   1.00 29.97 ? 423 GLY A C   1 
ATOM   1256 O O   . GLY A 1 183 ? 12.864  12.114  5.055   1.00 30.98 ? 423 GLY A O   1 
ATOM   1257 N N   . ALA A 1 184 ? 11.282  12.206  6.658   1.00 31.86 ? 424 ALA A N   1 
ATOM   1258 C CA  . ALA A 1 184 ? 12.158  12.789  7.671   1.00 34.89 ? 424 ALA A CA  1 
ATOM   1259 C C   . ALA A 1 184 ? 13.493  12.055  7.764   1.00 36.48 ? 424 ALA A C   1 
ATOM   1260 O O   . ALA A 1 184 ? 13.533  10.825  7.806   1.00 38.24 ? 424 ALA A O   1 
ATOM   1261 C CB  . ALA A 1 184 ? 11.462  12.775  9.029   1.00 34.57 ? 424 ALA A CB  1 
ATOM   1262 N N   . GLU A 1 185 ? 14.574  12.832  7.803   1.00 36.96 ? 425 GLU A N   1 
ATOM   1263 C CA  . GLU A 1 185 ? 15.944  12.319  7.889   1.00 38.49 ? 425 GLU A CA  1 
ATOM   1264 C C   . GLU A 1 185 ? 16.571  12.112  6.511   1.00 37.11 ? 425 GLU A C   1 
ATOM   1265 O O   . GLU A 1 185 ? 17.622  12.681  6.211   1.00 38.93 ? 425 GLU A O   1 
ATOM   1266 C CB  . GLU A 1 185 ? 16.003  10.997  8.667   1.00 42.20 ? 425 GLU A CB  1 
ATOM   1267 C CG  . GLU A 1 185 ? 17.423  10.464  8.847   1.00 48.57 ? 425 GLU A CG  1 
ATOM   1268 C CD  . GLU A 1 185 ? 17.464  9.014   9.296   1.00 49.82 ? 425 GLU A CD  1 
ATOM   1269 O OE1 . GLU A 1 185 ? 16.858  8.691   10.339  1.00 52.63 ? 425 GLU A OE1 1 
ATOM   1270 O OE2 . GLU A 1 185 ? 18.109  8.197   8.604   1.00 52.20 ? 425 GLU A OE2 1 
ATOM   1271 N N   . TYR A 1 186 ? 15.931  11.298  5.677   1.00 33.65 ? 426 TYR A N   1 
ATOM   1272 C CA  . TYR A 1 186 ? 16.443  11.026  4.337   1.00 29.57 ? 426 TYR A CA  1 
ATOM   1273 C C   . TYR A 1 186 ? 16.344  12.243  3.430   1.00 28.96 ? 426 TYR A C   1 
ATOM   1274 O O   . TYR A 1 186 ? 15.519  13.131  3.649   1.00 28.10 ? 426 TYR A O   1 
ATOM   1275 C CB  . TYR A 1 186 ? 15.680  9.855   3.711   1.00 26.97 ? 426 TYR A CB  1 
ATOM   1276 C CG  . TYR A 1 186 ? 15.877  8.566   4.462   1.00 23.48 ? 426 TYR A CG  1 
ATOM   1277 C CD1 . TYR A 1 186 ? 17.049  7.822   4.315   1.00 25.07 ? 426 TYR A CD1 1 
ATOM   1278 C CD2 . TYR A 1 186 ? 14.926  8.124   5.379   1.00 23.62 ? 426 TYR A CD2 1 
ATOM   1279 C CE1 . TYR A 1 186 ? 17.271  6.671   5.069   1.00 18.91 ? 426 TYR A CE1 1 
ATOM   1280 C CE2 . TYR A 1 186 ? 15.139  6.980   6.139   1.00 23.72 ? 426 TYR A CE2 1 
ATOM   1281 C CZ  . TYR A 1 186 ? 16.312  6.261   5.983   1.00 21.91 ? 426 TYR A CZ  1 
ATOM   1282 O OH  . TYR A 1 186 ? 16.531  5.154   6.765   1.00 20.56 ? 426 TYR A OH  1 
ATOM   1283 N N   . ARG A 1 187 ? 17.203  12.283  2.415   1.00 25.75 ? 427 ARG A N   1 
ATOM   1284 C CA  . ARG A 1 187 ? 17.202  13.382  1.460   1.00 25.68 ? 427 ARG A CA  1 
ATOM   1285 C C   . ARG A 1 187 ? 15.898  13.319  0.672   1.00 24.02 ? 427 ARG A C   1 
ATOM   1286 O O   . ARG A 1 187 ? 15.209  14.328  0.508   1.00 22.78 ? 427 ARG A O   1 
ATOM   1287 C CB  . ARG A 1 187 ? 18.406  13.263  0.522   1.00 27.65 ? 427 ARG A CB  1 
ATOM   1288 C CG  . ARG A 1 187 ? 18.527  14.376  -0.511  1.00 33.22 ? 427 ARG A CG  1 
ATOM   1289 C CD  . ARG A 1 187 ? 18.104  13.898  -1.891  1.00 42.03 ? 427 ARG A CD  1 
ATOM   1290 N NE  . ARG A 1 187 ? 18.875  12.732  -2.317  1.00 44.63 ? 427 ARG A NE  1 
ATOM   1291 C CZ  . ARG A 1 187 ? 18.759  12.148  -3.506  1.00 46.04 ? 427 ARG A CZ  1 
ATOM   1292 N NH1 . ARG A 1 187 ? 17.902  12.621  -4.400  1.00 49.29 ? 427 ARG A NH1 1 
ATOM   1293 N NH2 . ARG A 1 187 ? 19.498  11.086  -3.796  1.00 45.47 ? 427 ARG A NH2 1 
ATOM   1294 N N   . ARG A 1 188 ? 15.562  12.126  0.188   1.00 20.65 ? 428 ARG A N   1 
ATOM   1295 C CA  . ARG A 1 188 ? 14.325  11.931  -0.557  1.00 21.47 ? 428 ARG A CA  1 
ATOM   1296 C C   . ARG A 1 188 ? 13.184  12.303  0.376   1.00 20.84 ? 428 ARG A C   1 
ATOM   1297 O O   . ARG A 1 188 ? 13.123  11.824  1.504   1.00 21.27 ? 428 ARG A O   1 
ATOM   1298 C CB  . ARG A 1 188 ? 14.186  10.469  -0.995  1.00 18.11 ? 428 ARG A CB  1 
ATOM   1299 C CG  . ARG A 1 188 ? 15.131  10.057  -2.120  1.00 16.12 ? 428 ARG A CG  1 
ATOM   1300 C CD  . ARG A 1 188 ? 14.846  8.630   -2.576  1.00 13.96 ? 428 ARG A CD  1 
ATOM   1301 N NE  . ARG A 1 188 ? 15.605  8.277   -3.777  1.00 17.04 ? 428 ARG A NE  1 
ATOM   1302 C CZ  . ARG A 1 188 ? 16.885  7.915   -3.787  1.00 17.39 ? 428 ARG A CZ  1 
ATOM   1303 N NH1 . ARG A 1 188 ? 17.569  7.839   -2.653  1.00 17.50 ? 428 ARG A NH1 1 
ATOM   1304 N NH2 . ARG A 1 188 ? 17.489  7.652   -4.941  1.00 16.45 ? 428 ARG A NH2 1 
ATOM   1305 N N   . GLN A 1 189 ? 12.278  13.153  -0.091  1.00 22.44 ? 429 GLN A N   1 
ATOM   1306 C CA  . GLN A 1 189 ? 11.172  13.587  0.748   1.00 23.44 ? 429 GLN A CA  1 
ATOM   1307 C C   . GLN A 1 189 ? 9.808   12.987  0.432   1.00 22.27 ? 429 GLN A C   1 
ATOM   1308 O O   . GLN A 1 189 ? 8.918   13.002  1.281   1.00 21.53 ? 429 GLN A O   1 
ATOM   1309 C CB  . GLN A 1 189 ? 11.081  15.114  0.732   1.00 24.94 ? 429 GLN A CB  1 
ATOM   1310 C CG  . GLN A 1 189 ? 12.175  15.787  1.549   1.00 28.99 ? 429 GLN A CG  1 
ATOM   1311 C CD  . GLN A 1 189 ? 12.212  15.286  2.982   1.00 32.12 ? 429 GLN A CD  1 
ATOM   1312 O OE1 . GLN A 1 189 ? 11.226  15.386  3.714   1.00 35.74 ? 429 GLN A OE1 1 
ATOM   1313 N NE2 . GLN A 1 189 ? 13.353  14.738  3.390   1.00 29.49 ? 429 GLN A NE2 1 
ATOM   1314 N N   . THR A 1 190 ? 9.644   12.459  -0.778  1.00 20.56 ? 430 THR A N   1 
ATOM   1315 C CA  . THR A 1 190 ? 8.372   11.858  -1.170  1.00 19.84 ? 430 THR A CA  1 
ATOM   1316 C C   . THR A 1 190 ? 8.594   10.474  -1.767  1.00 18.01 ? 430 THR A C   1 
ATOM   1317 O O   . THR A 1 190 ? 9.694   10.148  -2.211  1.00 16.84 ? 430 THR A O   1 
ATOM   1318 C CB  . THR A 1 190 ? 7.640   12.723  -2.207  1.00 18.59 ? 430 THR A CB  1 
ATOM   1319 O OG1 . THR A 1 190 ? 8.439   12.828  -3.390  1.00 26.24 ? 430 THR A OG1 1 
ATOM   1320 C CG2 . THR A 1 190 ? 7.385   14.118  -1.650  1.00 25.71 ? 430 THR A CG2 1 
ATOM   1321 N N   . VAL A 1 191 ? 7.541   9.662   -1.776  1.00 17.44 ? 431 VAL A N   1 
ATOM   1322 C CA  . VAL A 1 191 ? 7.633   8.307   -2.306  1.00 18.19 ? 431 VAL A CA  1 
ATOM   1323 C C   . VAL A 1 191 ? 7.979   8.321   -3.795  1.00 16.46 ? 431 VAL A C   1 
ATOM   1324 O O   . VAL A 1 191 ? 8.701   7.445   -4.281  1.00 15.01 ? 431 VAL A O   1 
ATOM   1325 C CB  . VAL A 1 191 ? 6.302   7.536   -2.089  1.00 19.27 ? 431 VAL A CB  1 
ATOM   1326 C CG1 . VAL A 1 191 ? 5.684   7.952   -0.767  1.00 23.32 ? 431 VAL A CG1 1 
ATOM   1327 C CG2 . VAL A 1 191 ? 5.330   7.814   -3.212  1.00 19.67 ? 431 VAL A CG2 1 
ATOM   1328 N N   . THR A 1 192 ? 7.472   9.322   -4.511  1.00 17.16 ? 432 THR A N   1 
ATOM   1329 C CA  . THR A 1 192 ? 7.722   9.440   -5.946  1.00 15.60 ? 432 THR A CA  1 
ATOM   1330 C C   . THR A 1 192 ? 9.178   9.758   -6.254  1.00 15.21 ? 432 THR A C   1 
ATOM   1331 O O   . THR A 1 192 ? 9.585   9.768   -7.420  1.00 14.27 ? 432 THR A O   1 
ATOM   1332 C CB  . THR A 1 192 ? 6.835   10.525  -6.590  1.00 19.22 ? 432 THR A CB  1 
ATOM   1333 O OG1 . THR A 1 192 ? 6.946   11.741  -5.840  1.00 18.89 ? 432 THR A OG1 1 
ATOM   1334 C CG2 . THR A 1 192 ? 5.383   10.073  -6.627  1.00 17.24 ? 432 THR A CG2 1 
ATOM   1335 N N   . SER A 1 193 ? 9.954   10.036  -5.212  1.00 16.45 ? 433 SER A N   1 
ATOM   1336 C CA  . SER A 1 193 ? 11.373  10.327  -5.380  1.00 17.17 ? 433 SER A CA  1 
ATOM   1337 C C   . SER A 1 193 ? 12.185  9.044   -5.208  1.00 16.17 ? 433 SER A C   1 
ATOM   1338 O O   . SER A 1 193 ? 13.400  9.038   -5.430  1.00 16.04 ? 433 SER A O   1 
ATOM   1339 C CB  . SER A 1 193 ? 11.836  11.366  -4.359  1.00 19.13 ? 433 SER A CB  1 
ATOM   1340 O OG  . SER A 1 193 ? 11.153  12.594  -4.549  1.00 31.47 ? 433 SER A OG  1 
ATOM   1341 N N   . THR A 1 194 ? 11.520  7.962   -4.800  1.00 14.09 ? 434 THR A N   1 
ATOM   1342 C CA  . THR A 1 194 ? 12.210  6.686   -4.624  1.00 12.88 ? 434 THR A CA  1 
ATOM   1343 C C   . THR A 1 194 ? 12.174  5.895   -5.934  1.00 12.94 ? 434 THR A C   1 
ATOM   1344 O O   . THR A 1 194 ? 11.189  5.920   -6.669  1.00 12.93 ? 434 THR A O   1 
ATOM   1345 C CB  . THR A 1 194 ? 11.603  5.830   -3.472  1.00 11.27 ? 434 THR A CB  1 
ATOM   1346 O OG1 . THR A 1 194 ? 10.336  5.285   -3.869  1.00 12.34 ? 434 THR A OG1 1 
ATOM   1347 C CG2 . THR A 1 194 ? 11.417  6.680   -2.226  1.00 11.10 ? 434 THR A CG2 1 
ATOM   1348 N N   . PRO A 1 195 ? 13.264  5.184   -6.243  1.00 12.59 ? 435 PRO A N   1 
ATOM   1349 C CA  . PRO A 1 195 ? 13.400  4.381   -7.465  1.00 12.89 ? 435 PRO A CA  1 
ATOM   1350 C C   . PRO A 1 195 ? 12.392  3.252   -7.654  1.00 12.46 ? 435 PRO A C   1 
ATOM   1351 O O   . PRO A 1 195 ? 11.860  3.067   -8.747  1.00 12.71 ? 435 PRO A O   1 
ATOM   1352 C CB  . PRO A 1 195 ? 14.824  3.828   -7.368  1.00 15.15 ? 435 PRO A CB  1 
ATOM   1353 C CG  . PRO A 1 195 ? 15.517  4.758   -6.429  1.00 19.19 ? 435 PRO A CG  1 
ATOM   1354 C CD  . PRO A 1 195 ? 14.477  5.090   -5.412  1.00 12.91 ? 435 PRO A CD  1 
ATOM   1355 N N   . CYS A 1 196 ? 12.146  2.482   -6.598  1.00 12.94 ? 436 CYS A N   1 
ATOM   1356 C CA  . CYS A 1 196 ? 11.233  1.347   -6.694  1.00 14.42 ? 436 CYS A CA  1 
ATOM   1357 C C   . CYS A 1 196 ? 10.311  1.237   -5.495  1.00 15.26 ? 436 CYS A C   1 
ATOM   1358 O O   . CYS A 1 196 ? 10.766  0.989   -4.378  1.00 15.24 ? 436 CYS A O   1 
ATOM   1359 C CB  . CYS A 1 196 ? 12.020  0.044   -6.793  1.00 16.78 ? 436 CYS A CB  1 
ATOM   1360 S SG  . CYS A 1 196 ? 13.329  0.044   -8.018  1.00 19.18 ? 436 CYS A SG  1 
ATOM   1361 N N   . TRP A 1 197 ? 9.017   1.410   -5.731  1.00 13.95 ? 437 TRP A N   1 
ATOM   1362 C CA  . TRP A 1 197 ? 8.052   1.303   -4.650  1.00 13.05 ? 437 TRP A CA  1 
ATOM   1363 C C   . TRP A 1 197 ? 6.750   0.679   -5.120  1.00 12.63 ? 437 TRP A C   1 
ATOM   1364 O O   . TRP A 1 197 ? 6.467   0.615   -6.322  1.00 11.49 ? 437 TRP A O   1 
ATOM   1365 C CB  . TRP A 1 197 ? 7.780   2.673   -4.007  1.00 15.84 ? 437 TRP A CB  1 
ATOM   1366 C CG  . TRP A 1 197 ? 7.245   3.746   -4.923  1.00 15.72 ? 437 TRP A CG  1 
ATOM   1367 C CD1 . TRP A 1 197 ? 7.956   4.500   -5.817  1.00 14.09 ? 437 TRP A CD1 1 
ATOM   1368 C CD2 . TRP A 1 197 ? 5.890   4.207   -4.999  1.00 12.71 ? 437 TRP A CD2 1 
ATOM   1369 N NE1 . TRP A 1 197 ? 7.126   5.405   -6.442  1.00 12.14 ? 437 TRP A NE1 1 
ATOM   1370 C CE2 . TRP A 1 197 ? 5.853   5.246   -5.959  1.00 15.18 ? 437 TRP A CE2 1 
ATOM   1371 C CE3 . TRP A 1 197 ? 4.703   3.843   -4.351  1.00 14.76 ? 437 TRP A CE3 1 
ATOM   1372 C CZ2 . TRP A 1 197 ? 4.673   5.924   -6.286  1.00 13.92 ? 437 TRP A CZ2 1 
ATOM   1373 C CZ3 . TRP A 1 197 ? 3.530   4.515   -4.677  1.00 15.33 ? 437 TRP A CZ3 1 
ATOM   1374 C CH2 . TRP A 1 197 ? 3.525   5.543   -5.636  1.00 13.71 ? 437 TRP A CH2 1 
ATOM   1375 N N   . ILE A 1 198 ? 5.983   0.180   -4.161  1.00 11.40 ? 438 ILE A N   1 
ATOM   1376 C CA  . ILE A 1 198 ? 4.698   -0.425  -4.460  1.00 11.50 ? 438 ILE A CA  1 
ATOM   1377 C C   . ILE A 1 198 ? 3.595   0.220   -3.635  1.00 11.69 ? 438 ILE A C   1 
ATOM   1378 O O   . ILE A 1 198 ? 3.840   0.795   -2.571  1.00 11.68 ? 438 ILE A O   1 
ATOM   1379 C CB  . ILE A 1 198 ? 4.690   -1.947  -4.185  1.00 11.46 ? 438 ILE A CB  1 
ATOM   1380 C CG1 . ILE A 1 198 ? 5.052   -2.231  -2.723  1.00 15.57 ? 438 ILE A CG1 1 
ATOM   1381 C CG2 . ILE A 1 198 ? 5.635   -2.646  -5.151  1.00 10.39 ? 438 ILE A CG2 1 
ATOM   1382 C CD1 . ILE A 1 198 ? 6.492   -1.981  -2.370  1.00 27.38 ? 438 ILE A CD1 1 
ATOM   1383 N N   . GLU A 1 199 ? 2.379   0.102   -4.147  1.00 12.13 ? 439 GLU A N   1 
ATOM   1384 C CA  . GLU A 1 199 ? 1.196   0.657   -3.518  1.00 14.38 ? 439 GLU A CA  1 
ATOM   1385 C C   . GLU A 1 199 ? 0.219   -0.493  -3.307  1.00 13.08 ? 439 GLU A C   1 
ATOM   1386 O O   . GLU A 1 199 ? -0.270  -1.095  -4.264  1.00 14.16 ? 439 GLU A O   1 
ATOM   1387 C CB  . GLU A 1 199 ? 0.600   1.710   -4.448  1.00 18.10 ? 439 GLU A CB  1 
ATOM   1388 C CG  . GLU A 1 199 ? -0.580  2.460   -3.906  1.00 24.81 ? 439 GLU A CG  1 
ATOM   1389 C CD  . GLU A 1 199 ? -1.077  3.476   -4.906  1.00 29.80 ? 439 GLU A CD  1 
ATOM   1390 O OE1 . GLU A 1 199 ? -1.599  3.063   -5.969  1.00 30.14 ? 439 GLU A OE1 1 
ATOM   1391 O OE2 . GLU A 1 199 ? -0.928  4.682   -4.636  1.00 30.99 ? 439 GLU A OE2 1 
ATOM   1392 N N   . LEU A 1 200 ? -0.055  -0.802  -2.046  1.00 13.53 ? 440 LEU A N   1 
ATOM   1393 C CA  . LEU A 1 200 ? -0.947  -1.899  -1.704  1.00 14.56 ? 440 LEU A CA  1 
ATOM   1394 C C   . LEU A 1 200 ? -2.338  -1.394  -1.337  1.00 13.84 ? 440 LEU A C   1 
ATOM   1395 O O   . LEU A 1 200 ? -2.473  -0.416  -0.606  1.00 13.31 ? 440 LEU A O   1 
ATOM   1396 C CB  . LEU A 1 200 ? -0.350  -2.677  -0.525  1.00 16.84 ? 440 LEU A CB  1 
ATOM   1397 C CG  . LEU A 1 200 ? -0.927  -4.021  -0.077  1.00 23.80 ? 440 LEU A CG  1 
ATOM   1398 C CD1 . LEU A 1 200 ? -0.054  -4.580  1.042   1.00 25.95 ? 440 LEU A CD1 1 
ATOM   1399 C CD2 . LEU A 1 200 ? -2.355  -3.855  0.395   1.00 27.93 ? 440 LEU A CD2 1 
ATOM   1400 N N   . HIS A 1 201 ? -3.364  -2.056  -1.864  1.00 12.46 ? 441 HIS A N   1 
ATOM   1401 C CA  . HIS A 1 201 ? -4.749  -1.713  -1.545  1.00 13.56 ? 441 HIS A CA  1 
ATOM   1402 C C   . HIS A 1 201 ? -5.377  -2.911  -0.848  1.00 12.54 ? 441 HIS A C   1 
ATOM   1403 O O   . HIS A 1 201 ? -5.342  -4.016  -1.380  1.00 12.27 ? 441 HIS A O   1 
ATOM   1404 C CB  . HIS A 1 201 ? -5.558  -1.420  -2.807  1.00 16.34 ? 441 HIS A CB  1 
ATOM   1405 C CG  . HIS A 1 201 ? -5.291  -0.076  -3.399  1.00 19.21 ? 441 HIS A CG  1 
ATOM   1406 N ND1 . HIS A 1 201 ? -5.941  0.378   -4.526  1.00 24.70 ? 441 HIS A ND1 1 
ATOM   1407 C CD2 . HIS A 1 201 ? -4.453  0.918   -3.022  1.00 26.79 ? 441 HIS A CD2 1 
ATOM   1408 C CE1 . HIS A 1 201 ? -5.515  1.593   -4.818  1.00 26.64 ? 441 HIS A CE1 1 
ATOM   1409 N NE2 . HIS A 1 201 ? -4.611  1.946   -3.920  1.00 28.27 ? 441 HIS A NE2 1 
ATOM   1410 N N   . LEU A 1 202 ? -5.943  -2.692  0.337   1.00 12.98 ? 442 LEU A N   1 
ATOM   1411 C CA  . LEU A 1 202 ? -6.592  -3.769  1.085   1.00 12.51 ? 442 LEU A CA  1 
ATOM   1412 C C   . LEU A 1 202 ? -8.064  -3.747  0.700   1.00 12.51 ? 442 LEU A C   1 
ATOM   1413 O O   . LEU A 1 202 ? -8.819  -2.859  1.100   1.00 11.36 ? 442 LEU A O   1 
ATOM   1414 C CB  . LEU A 1 202 ? -6.409  -3.554  2.589   1.00 13.05 ? 442 LEU A CB  1 
ATOM   1415 C CG  . LEU A 1 202 ? -4.939  -3.580  3.020   1.00 12.04 ? 442 LEU A CG  1 
ATOM   1416 C CD1 . LEU A 1 202 ? -4.815  -3.272  4.504   1.00 15.55 ? 442 LEU A CD1 1 
ATOM   1417 C CD2 . LEU A 1 202 ? -4.345  -4.953  2.708   1.00 18.38 ? 442 LEU A CD2 1 
ATOM   1418 N N   . ASN A 1 203 ? -8.469  -4.738  -0.081  1.00 13.18 ? 443 ASN A N   1 
ATOM   1419 C CA  . ASN A 1 203 ? -9.834  -4.792  -0.584  1.00 13.11 ? 443 ASN A CA  1 
ATOM   1420 C C   . ASN A 1 203 ? -10.965 -5.006  0.415   1.00 14.24 ? 443 ASN A C   1 
ATOM   1421 O O   . ASN A 1 203 ? -12.055 -4.466  0.229   1.00 13.97 ? 443 ASN A O   1 
ATOM   1422 C CB  . ASN A 1 203 ? -9.910  -5.817  -1.714  1.00 14.45 ? 443 ASN A CB  1 
ATOM   1423 C CG  . ASN A 1 203 ? -9.070  -5.402  -2.916  1.00 15.47 ? 443 ASN A CG  1 
ATOM   1424 O OD1 . ASN A 1 203 ? -8.934  -4.210  -3.202  1.00 14.67 ? 443 ASN A OD1 1 
ATOM   1425 N ND2 . ASN A 1 203 ? -8.515  -6.378  -3.627  1.00 16.84 ? 443 ASN A ND2 1 
ATOM   1426 N N   . GLY A 1 204 ? -10.719 -5.780  1.466   1.00 13.62 ? 444 GLY A N   1 
ATOM   1427 C CA  . GLY A 1 204 ? -11.759 -5.997  2.460   1.00 14.89 ? 444 GLY A CA  1 
ATOM   1428 C C   . GLY A 1 204 ? -12.119 -4.664  3.087   1.00 14.20 ? 444 GLY A C   1 
ATOM   1429 O O   . GLY A 1 204 ? -13.295 -4.286  3.134   1.00 14.10 ? 444 GLY A O   1 
ATOM   1430 N N   . PRO A 1 205 ? -11.116 -3.932  3.601   1.00 13.08 ? 445 PRO A N   1 
ATOM   1431 C CA  . PRO A 1 205 ? -11.350 -2.629  4.219   1.00 13.13 ? 445 PRO A CA  1 
ATOM   1432 C C   . PRO A 1 205 ? -12.037 -1.673  3.242   1.00 13.06 ? 445 PRO A C   1 
ATOM   1433 O O   . PRO A 1 205 ? -12.942 -0.939  3.628   1.00 14.16 ? 445 PRO A O   1 
ATOM   1434 C CB  . PRO A 1 205 ? -9.944  -2.170  4.590   1.00 13.08 ? 445 PRO A CB  1 
ATOM   1435 C CG  . PRO A 1 205 ? -9.279  -3.458  4.963   1.00 14.40 ? 445 PRO A CG  1 
ATOM   1436 C CD  . PRO A 1 205 ? -9.734  -4.384  3.846   1.00 12.72 ? 445 PRO A CD  1 
ATOM   1437 N N   . LEU A 1 206 ? -11.615 -1.683  1.979   1.00 12.63 ? 446 LEU A N   1 
ATOM   1438 C CA  . LEU A 1 206 ? -12.234 -0.800  0.994   1.00 12.07 ? 446 LEU A CA  1 
ATOM   1439 C C   . LEU A 1 206 ? -13.725 -1.100  0.832   1.00 12.18 ? 446 LEU A C   1 
ATOM   1440 O O   . LEU A 1 206 ? -14.532 -0.188  0.676   1.00 13.21 ? 446 LEU A O   1 
ATOM   1441 C CB  . LEU A 1 206 ? -11.525 -0.914  -0.361  1.00 14.07 ? 446 LEU A CB  1 
ATOM   1442 C CG  . LEU A 1 206 ? -10.160 -0.221  -0.472  1.00 12.82 ? 446 LEU A CG  1 
ATOM   1443 C CD1 . LEU A 1 206 ? -9.486  -0.635  -1.775  1.00 15.91 ? 446 LEU A CD1 1 
ATOM   1444 C CD2 . LEU A 1 206 ? -10.341 1.296   -0.423  1.00 14.78 ? 446 LEU A CD2 1 
ATOM   1445 N N   . GLN A 1 207 ? -14.100 -2.376  0.874   1.00 14.14 ? 447 GLN A N   1 
ATOM   1446 C CA  . GLN A 1 207 ? -15.509 -2.728  0.735   1.00 14.45 ? 447 GLN A CA  1 
ATOM   1447 C C   . GLN A 1 207 ? -16.271 -2.267  1.977   1.00 16.09 ? 447 GLN A C   1 
ATOM   1448 O O   . GLN A 1 207 ? -17.402 -1.796  1.888   1.00 15.38 ? 447 GLN A O   1 
ATOM   1449 C CB  . GLN A 1 207 ? -15.677 -4.236  0.552   1.00 14.73 ? 447 GLN A CB  1 
ATOM   1450 C CG  . GLN A 1 207 ? -17.066 -4.626  0.062   1.00 21.35 ? 447 GLN A CG  1 
ATOM   1451 C CD  . GLN A 1 207 ? -17.196 -6.108  -0.197  1.00 23.40 ? 447 GLN A CD  1 
ATOM   1452 O OE1 . GLN A 1 207 ? -17.256 -6.908  0.734   1.00 26.41 ? 447 GLN A OE1 1 
ATOM   1453 N NE2 . GLN A 1 207 ? -17.230 -6.485  -1.473  1.00 23.20 ? 447 GLN A NE2 1 
ATOM   1454 N N   . TRP A 1 208 ? -15.643 -2.414  3.137   1.00 16.23 ? 448 TRP A N   1 
ATOM   1455 C CA  . TRP A 1 208 ? -16.251 -1.985  4.391   1.00 18.61 ? 448 TRP A CA  1 
ATOM   1456 C C   . TRP A 1 208 ? -16.522 -0.489  4.320   1.00 18.13 ? 448 TRP A C   1 
ATOM   1457 O O   . TRP A 1 208 ? -17.598 -0.021  4.690   1.00 17.92 ? 448 TRP A O   1 
ATOM   1458 C CB  . TRP A 1 208 ? -15.314 -2.297  5.559   1.00 24.02 ? 448 TRP A CB  1 
ATOM   1459 C CG  . TRP A 1 208 ? -15.861 -3.335  6.475   1.00 36.18 ? 448 TRP A CG  1 
ATOM   1460 C CD1 . TRP A 1 208 ? -16.825 -3.161  7.426   1.00 38.05 ? 448 TRP A CD1 1 
ATOM   1461 C CD2 . TRP A 1 208 ? -15.521 -4.726  6.499   1.00 40.47 ? 448 TRP A CD2 1 
ATOM   1462 N NE1 . TRP A 1 208 ? -17.109 -4.357  8.038   1.00 44.50 ? 448 TRP A NE1 1 
ATOM   1463 C CE2 . TRP A 1 208 ? -16.324 -5.337  7.486   1.00 42.67 ? 448 TRP A CE2 1 
ATOM   1464 C CE3 . TRP A 1 208 ? -14.619 -5.519  5.776   1.00 43.46 ? 448 TRP A CE3 1 
ATOM   1465 C CZ2 . TRP A 1 208 ? -16.250 -6.705  7.776   1.00 45.65 ? 448 TRP A CZ2 1 
ATOM   1466 C CZ3 . TRP A 1 208 ? -14.545 -6.882  6.062   1.00 45.78 ? 448 TRP A CZ3 1 
ATOM   1467 C CH2 . TRP A 1 208 ? -15.359 -7.459  7.054   1.00 46.33 ? 448 TRP A CH2 1 
ATOM   1468 N N   . LEU A 1 209 ? -15.539 0.256   3.822   1.00 17.34 ? 449 LEU A N   1 
ATOM   1469 C CA  . LEU A 1 209 ? -15.653 1.704   3.683   1.00 16.82 ? 449 LEU A CA  1 
ATOM   1470 C C   . LEU A 1 209 ? -16.791 2.041   2.714   1.00 16.28 ? 449 LEU A C   1 
ATOM   1471 O O   . LEU A 1 209 ? -17.541 2.996   2.928   1.00 16.53 ? 449 LEU A O   1 
ATOM   1472 C CB  . LEU A 1 209 ? -14.342 2.282   3.139   1.00 16.59 ? 449 LEU A CB  1 
ATOM   1473 C CG  . LEU A 1 209 ? -13.903 3.717   3.476   1.00 25.02 ? 449 LEU A CG  1 
ATOM   1474 C CD1 . LEU A 1 209 ? -12.845 4.149   2.460   1.00 20.08 ? 449 LEU A CD1 1 
ATOM   1475 C CD2 . LEU A 1 209 ? -15.072 4.679   3.455   1.00 24.57 ? 449 LEU A CD2 1 
ATOM   1476 N N   . ASP A 1 210 ? -16.914 1.256   1.649   1.00 15.78 ? 450 ASP A N   1 
ATOM   1477 C CA  . ASP A 1 210 ? -17.952 1.494   0.652   1.00 15.64 ? 450 ASP A CA  1 
ATOM   1478 C C   . ASP A 1 210 ? -19.349 1.443   1.269   1.00 16.63 ? 450 ASP A C   1 
ATOM   1479 O O   . ASP A 1 210 ? -20.200 2.281   0.975   1.00 17.26 ? 450 ASP A O   1 
ATOM   1480 C CB  . ASP A 1 210 ? -17.863 0.461   -0.473  1.00 14.45 ? 450 ASP A CB  1 
ATOM   1481 C CG  . ASP A 1 210 ? -18.849 0.740   -1.596  1.00 16.81 ? 450 ASP A CG  1 
ATOM   1482 O OD1 . ASP A 1 210 ? -18.590 1.651   -2.411  1.00 14.34 ? 450 ASP A OD1 1 
ATOM   1483 O OD2 . ASP A 1 210 ? -19.892 0.056   -1.660  1.00 14.57 ? 450 ASP A OD2 1 
ATOM   1484 N N   . LYS A 1 211 ? -19.576 0.459   2.132   1.00 16.12 ? 451 LYS A N   1 
ATOM   1485 C CA  . LYS A 1 211 ? -20.872 0.302   2.779   1.00 19.16 ? 451 LYS A CA  1 
ATOM   1486 C C   . LYS A 1 211 ? -21.275 1.549   3.568   1.00 18.25 ? 451 LYS A C   1 
ATOM   1487 O O   . LYS A 1 211 ? -22.464 1.830   3.734   1.00 20.77 ? 451 LYS A O   1 
ATOM   1488 C CB  . LYS A 1 211 ? -20.852 -0.933  3.693   1.00 16.97 ? 451 LYS A CB  1 
ATOM   1489 C CG  . LYS A 1 211 ? -20.677 -2.248  2.938   1.00 21.86 ? 451 LYS A CG  1 
ATOM   1490 C CD  . LYS A 1 211 ? -20.634 -3.457  3.872   1.00 27.29 ? 451 LYS A CD  1 
ATOM   1491 C CE  . LYS A 1 211 ? -20.495 -4.757  3.083   1.00 30.56 ? 451 LYS A CE  1 
ATOM   1492 N NZ  . LYS A 1 211 ? -20.422 -5.965  3.960   1.00 30.75 ? 451 LYS A NZ  1 
ATOM   1493 N N   . VAL A 1 212 ? -20.288 2.299   4.045   1.00 18.62 ? 452 VAL A N   1 
ATOM   1494 C CA  . VAL A 1 212 ? -20.550 3.520   4.802   1.00 19.33 ? 452 VAL A CA  1 
ATOM   1495 C C   . VAL A 1 212 ? -20.613 4.735   3.882   1.00 20.86 ? 452 VAL A C   1 
ATOM   1496 O O   . VAL A 1 212 ? -21.524 5.560   3.982   1.00 22.12 ? 452 VAL A O   1 
ATOM   1497 C CB  . VAL A 1 212 ? -19.451 3.787   5.859   1.00 18.72 ? 452 VAL A CB  1 
ATOM   1498 C CG1 . VAL A 1 212 ? -19.752 5.081   6.603   1.00 21.31 ? 452 VAL A CG1 1 
ATOM   1499 C CG2 . VAL A 1 212 ? -19.366 2.623   6.836   1.00 22.39 ? 452 VAL A CG2 1 
ATOM   1500 N N   . LEU A 1 213 ? -19.634 4.842   2.990   1.00 20.90 ? 453 LEU A N   1 
ATOM   1501 C CA  . LEU A 1 213 ? -19.557 5.962   2.060   1.00 22.75 ? 453 LEU A CA  1 
ATOM   1502 C C   . LEU A 1 213 ? -20.824 6.168   1.246   1.00 23.54 ? 453 LEU A C   1 
ATOM   1503 O O   . LEU A 1 213 ? -21.243 7.304   1.016   1.00 25.49 ? 453 LEU A O   1 
ATOM   1504 C CB  . LEU A 1 213 ? -18.387 5.768   1.095   1.00 24.69 ? 453 LEU A CB  1 
ATOM   1505 C CG  . LEU A 1 213 ? -17.163 6.668   1.245   1.00 30.49 ? 453 LEU A CG  1 
ATOM   1506 C CD1 . LEU A 1 213 ? -16.207 6.372   0.096   1.00 28.72 ? 453 LEU A CD1 1 
ATOM   1507 C CD2 . LEU A 1 213 ? -17.572 8.139   1.235   1.00 24.96 ? 453 LEU A CD2 1 
ATOM   1508 N N   . THR A 1 214 ? -21.428 5.073   0.804   1.00 22.47 ? 454 THR A N   1 
ATOM   1509 C CA  . THR A 1 214 ? -22.639 5.148   -0.002  1.00 24.01 ? 454 THR A CA  1 
ATOM   1510 C C   . THR A 1 214 ? -23.832 5.700   0.771   1.00 25.21 ? 454 THR A C   1 
ATOM   1511 O O   . THR A 1 214 ? -24.872 5.996   0.182   1.00 23.31 ? 454 THR A O   1 
ATOM   1512 C CB  . THR A 1 214 ? -23.011 3.766   -0.565  1.00 23.39 ? 454 THR A CB  1 
ATOM   1513 O OG1 . THR A 1 214 ? -23.162 2.838   0.515   1.00 23.56 ? 454 THR A OG1 1 
ATOM   1514 C CG2 . THR A 1 214 ? -21.921 3.264   -1.511  1.00 23.73 ? 454 THR A CG2 1 
ATOM   1515 N N   . GLN A 1 215 ? -23.677 5.849   2.082   1.00 26.63 ? 455 GLN A N   1 
ATOM   1516 C CA  . GLN A 1 215 ? -24.760 6.359   2.921   1.00 28.96 ? 455 GLN A CA  1 
ATOM   1517 C C   . GLN A 1 215 ? -24.427 7.710   3.549   1.00 30.16 ? 455 GLN A C   1 
ATOM   1518 O O   . GLN A 1 215 ? -25.176 8.206   4.392   1.00 30.10 ? 455 GLN A O   1 
ATOM   1519 C CB  . GLN A 1 215 ? -25.077 5.353   4.034   1.00 29.13 ? 455 GLN A CB  1 
ATOM   1520 C CG  . GLN A 1 215 ? -25.238 3.917   3.553   1.00 34.86 ? 455 GLN A CG  1 
ATOM   1521 C CD  . GLN A 1 215 ? -26.418 3.731   2.619   1.00 39.89 ? 455 GLN A CD  1 
ATOM   1522 O OE1 . GLN A 1 215 ? -26.522 2.716   1.929   1.00 44.19 ? 455 GLN A OE1 1 
ATOM   1523 N NE2 . GLN A 1 215 ? -27.323 4.704   2.602   1.00 43.37 ? 455 GLN A NE2 1 
ATOM   1524 N N   . MET A 1 216 ? -23.314 8.311   3.133   1.00 29.99 ? 456 MET A N   1 
ATOM   1525 C CA  . MET A 1 216 ? -22.892 9.594   3.690   1.00 31.72 ? 456 MET A CA  1 
ATOM   1526 C C   . MET A 1 216 ? -23.317 10.834  2.900   1.00 33.57 ? 456 MET A C   1 
ATOM   1527 O O   . MET A 1 216 ? -22.873 11.944  3.199   1.00 32.11 ? 456 MET A O   1 
ATOM   1528 C CB  . MET A 1 216 ? -21.369 9.608   3.873   1.00 31.92 ? 456 MET A CB  1 
ATOM   1529 C CG  . MET A 1 216 ? -20.848 8.601   4.891   1.00 29.79 ? 456 MET A CG  1 
ATOM   1530 S SD  . MET A 1 216 ? -21.548 8.839   6.549   1.00 29.54 ? 456 MET A SD  1 
ATOM   1531 C CE  . MET A 1 216 ? -20.410 10.015  7.241   1.00 31.24 ? 456 MET A CE  1 
ATOM   1532 N N   . GLY A 1 217 ? -24.170 10.656  1.897   1.00 35.58 ? 457 GLY A N   1 
ATOM   1533 C CA  . GLY A 1 217 ? -24.616 11.795  1.114   1.00 38.28 ? 457 GLY A CA  1 
ATOM   1534 C C   . GLY A 1 217 ? -23.526 12.434  0.269   1.00 40.71 ? 457 GLY A C   1 
ATOM   1535 O O   . GLY A 1 217 ? -22.496 11.818  -0.011  1.00 40.12 ? 457 GLY A O   1 
ATOM   1536 N N   . SER A 1 218 ? -23.750 13.684  -0.128  1.00 42.94 ? 458 SER A N   1 
ATOM   1537 C CA  . SER A 1 218 ? -22.800 14.411  -0.964  1.00 45.33 ? 458 SER A CA  1 
ATOM   1538 C C   . SER A 1 218 ? -22.091 15.532  -0.203  1.00 46.06 ? 458 SER A C   1 
ATOM   1539 O O   . SER A 1 218 ? -22.453 15.854  0.933   1.00 46.52 ? 458 SER A O   1 
ATOM   1540 C CB  . SER A 1 218 ? -23.532 15.024  -2.161  1.00 46.91 ? 458 SER A CB  1 
ATOM   1541 O OG  . SER A 1 218 ? -24.354 16.103  -1.743  1.00 51.17 ? 458 SER A OG  1 
ATOM   1542 N N   . PRO A 1 219 ? -21.033 16.105  -0.808  1.00 46.61 ? 459 PRO A N   1 
ATOM   1543 C CA  . PRO A 1 219 ? -20.259 17.204  -0.218  1.00 46.31 ? 459 PRO A CA  1 
ATOM   1544 C C   . PRO A 1 219 ? -21.114 18.425  0.135   1.00 45.24 ? 459 PRO A C   1 
ATOM   1545 O O   . PRO A 1 219 ? -22.250 18.551  -0.324  1.00 45.40 ? 459 PRO A O   1 
ATOM   1546 C CB  . PRO A 1 219 ? -19.251 17.522  -1.312  1.00 47.46 ? 459 PRO A CB  1 
ATOM   1547 C CG  . PRO A 1 219 ? -18.896 16.166  -1.815  1.00 48.43 ? 459 PRO A CG  1 
ATOM   1548 C CD  . PRO A 1 219 ? -20.203 15.365  -1.783  1.00 47.88 ? 459 PRO A CD  1 
ATOM   1549 N N   . SER A 1 220 ? -20.558 19.329  0.940   1.00 43.95 ? 460 SER A N   1 
ATOM   1550 C CA  . SER A 1 220 ? -21.282 20.536  1.323   1.00 43.82 ? 460 SER A CA  1 
ATOM   1551 C C   . SER A 1 220 ? -21.028 21.616  0.300   1.00 42.35 ? 460 SER A C   1 
ATOM   1552 O O   . SER A 1 220 ? -21.962 22.075  -0.354  1.00 43.32 ? 460 SER A O   1 
ATOM   1553 C CB  . SER A 1 220 ? -20.847 21.062  2.692   1.00 44.43 ? 460 SER A CB  1 
ATOM   1554 O OG  . SER A 1 220 ? -20.048 20.127  3.381   1.00 51.19 ? 460 SER A OG  1 
ATOM   1555 N N   . VAL A 1 221 ? -19.775 22.035  0.145   1.00 41.45 ? 461 VAL A N   1 
ATOM   1556 C CA  . VAL A 1 221 ? -19.539 23.080  -0.832  1.00 38.97 ? 461 VAL A CA  1 
ATOM   1557 C C   . VAL A 1 221 ? -19.777 22.568  -2.243  1.00 37.81 ? 461 VAL A C   1 
ATOM   1558 O O   . VAL A 1 221 ? -19.331 21.490  -2.657  1.00 36.50 ? 461 VAL A O   1 
ATOM   1559 C CB  . VAL A 1 221 ? -18.131 23.729  -0.756  1.00 39.09 ? 461 VAL A CB  1 
ATOM   1560 C CG1 . VAL A 1 221 ? -18.246 25.180  -1.214  1.00 39.82 ? 461 VAL A CG1 1 
ATOM   1561 C CG2 . VAL A 1 221 ? -17.574 23.671  0.660   1.00 41.95 ? 461 VAL A CG2 1 
ATOM   1562 N N   . ARG A 1 222 ? -20.499 23.409  -2.959  1.00 35.73 ? 462 ARG A N   1 
ATOM   1563 C CA  . ARG A 1 222 ? -20.937 23.240  -4.332  1.00 34.78 ? 462 ARG A CA  1 
ATOM   1564 C C   . ARG A 1 222 ? -19.816 23.196  -5.378  1.00 32.45 ? 462 ARG A C   1 
ATOM   1565 O O   . ARG A 1 222 ? -18.910 24.022  -5.349  1.00 31.88 ? 462 ARG A O   1 
ATOM   1566 C CB  . ARG A 1 222 ? -21.865 24.414  -4.625  1.00 37.28 ? 462 ARG A CB  1 
ATOM   1567 C CG  . ARG A 1 222 ? -22.514 24.987  -3.350  1.00 41.28 ? 462 ARG A CG  1 
ATOM   1568 C CD  . ARG A 1 222 ? -22.879 26.474  -3.499  1.00 43.70 ? 462 ARG A CD  1 
ATOM   1569 N NE  . ARG A 1 222 ? -24.000 26.905  -2.655  1.00 46.17 ? 462 ARG A NE  1 
ATOM   1570 C CZ  . ARG A 1 222 ? -24.514 28.137  -2.660  1.00 47.21 ? 462 ARG A CZ  1 
ATOM   1571 N NH1 . ARG A 1 222 ? -24.008 29.072  -3.457  1.00 48.16 ? 462 ARG A NH1 1 
ATOM   1572 N NH2 . ARG A 1 222 ? -25.554 28.432  -1.886  1.00 47.88 ? 462 ARG A NH2 1 
ATOM   1573 N N   . CYS A 1 223 ? -19.899 22.251  -6.313  1.00 31.09 ? 463 CYS A N   1 
ATOM   1574 C CA  . CYS A 1 223 ? -18.899 22.118  -7.373  1.00 27.80 ? 463 CYS A CA  1 
ATOM   1575 C C   . CYS A 1 223 ? -19.602 22.347  -8.711  1.00 27.51 ? 463 CYS A C   1 
ATOM   1576 O O   . CYS A 1 223 ? -20.301 21.455  -9.204  1.00 28.87 ? 463 CYS A O   1 
ATOM   1577 C CB  . CYS A 1 223 ? -18.294 20.713  -7.341  1.00 31.30 ? 463 CYS A CB  1 
ATOM   1578 S SG  . CYS A 1 223 ? -16.557 20.595  -7.832  1.00 31.31 ? 463 CYS A SG  1 
ATOM   1579 N N   . SER A 1 224 ? -19.411 23.534  -9.289  1.00 23.23 ? 464 SER A N   1 
ATOM   1580 C CA  . SER A 1 224 ? -20.050 23.904  -10.551 1.00 22.08 ? 464 SER A CA  1 
ATOM   1581 C C   . SER A 1 224 ? -19.479 23.209  -11.768 1.00 21.69 ? 464 SER A C   1 
ATOM   1582 O O   . SER A 1 224 ? -18.393 22.636  -11.740 1.00 19.13 ? 464 SER A O   1 
ATOM   1583 C CB  . SER A 1 224 ? -19.982 25.413  -10.771 1.00 21.73 ? 464 SER A CB  1 
ATOM   1584 O OG  . SER A 1 224 ? -18.691 25.810  -11.174 1.00 20.25 ? 464 SER A OG  1 
HETATM 1585 N N   . SEP A 1 225 ? -20.206 23.328  -12.865 1.00 20.81 ? 465 SEP A N   1 
HETATM 1586 C CA  . SEP A 1 225 ? -19.846 22.673  -14.112 1.00 20.05 ? 465 SEP A CA  1 
HETATM 1587 C CB  . SEP A 1 225 ? -21.113 22.531  -14.960 1.00 21.80 ? 465 SEP A CB  1 
HETATM 1588 O OG  . SEP A 1 225 ? -21.576 23.870  -15.341 1.00 24.26 ? 465 SEP A OG  1 
HETATM 1589 C C   . SEP A 1 225 ? -18.805 23.512  -14.868 1.00 19.94 ? 465 SEP A C   1 
HETATM 1590 O O   . SEP A 1 225 ? -18.110 23.043  -15.777 1.00 20.36 ? 465 SEP A O   1 
HETATM 1591 P P   . SEP A 1 225 ? -23.137 24.209  -15.657 1.00 24.56 ? 465 SEP A P   1 
HETATM 1592 O O1P . SEP A 1 225 ? -23.935 23.680  -14.481 1.00 23.85 ? 465 SEP A O1P 1 
HETATM 1593 O O2P . SEP A 1 225 ? -23.158 25.708  -15.783 1.00 27.74 ? 465 SEP A O2P 1 
HETATM 1594 O O3P . SEP A 1 225 ? -23.402 23.478  -16.955 1.00 26.92 ? 465 SEP A O3P 1 
ATOM   1595 N N   . MET A 1 226 ? -18.676 24.769  -14.474 1.00 20.26 ? 466 MET A N   1 
ATOM   1596 C CA  . MET A 1 226 ? -17.737 25.680  -15.160 1.00 20.90 ? 466 MET A CA  1 
ATOM   1597 C C   . MET A 1 226 ? -16.381 25.993  -14.556 1.00 20.89 ? 466 MET A C   1 
ATOM   1598 O O   . MET A 1 226 ? -15.409 26.168  -15.283 1.00 18.64 ? 466 MET A O   1 
ATOM   1599 C CB  . MET A 1 226 ? -18.405 27.034  -15.469 1.00 24.23 ? 466 MET A CB  1 
ATOM   1600 C CG  . MET A 1 226 ? -19.867 26.924  -15.748 1.00 31.94 ? 466 MET A CG  1 
ATOM   1601 S SD  . MET A 1 226 ? -20.888 26.921  -14.244 1.00 45.69 ? 466 MET A SD  1 
ATOM   1602 C CE  . MET A 1 226 ? -21.280 28.681  -14.052 1.00 40.74 ? 466 MET A CE  1 
HETATM 1603 N N   . SEP A 1 227 ? -16.300 26.077  -13.238 1.00 21.04 ? 467 SEP A N   1 
HETATM 1604 C CA  . SEP A 1 227 ? -15.021 26.438  -12.629 1.00 26.66 ? 467 SEP A CA  1 
HETATM 1605 C CB  . SEP A 1 227 ? -15.177 26.699  -11.128 1.00 23.56 ? 467 SEP A CB  1 
HETATM 1606 O OG  . SEP A 1 227 ? -15.610 25.472  -10.475 1.00 24.72 ? 467 SEP A OG  1 
HETATM 1607 C C   . SEP A 1 227 ? -13.980 25.356  -12.849 1.00 29.28 ? 467 SEP A C   1 
HETATM 1608 O O   . SEP A 1 227 ? -13.663 24.652  -11.879 1.00 36.53 ? 467 SEP A O   1 
HETATM 1609 O OXT . SEP A 1 227 ? -13.518 25.202  -13.993 1.00 40.64 ? 467 SEP A OXT 1 
HETATM 1610 P P   . SEP A 1 227 ? -16.234 25.459  -8.971  1.00 25.45 ? 467 SEP A P   1 
HETATM 1611 O O1P . SEP A 1 227 ? -17.508 26.281  -9.044  1.00 27.49 ? 467 SEP A O1P 1 
HETATM 1612 O O2P . SEP A 1 227 ? -16.482 24.000  -8.635  1.00 27.88 ? 467 SEP A O2P 1 
HETATM 1613 O O3P . SEP A 1 227 ? -15.179 26.106  -8.092  1.00 27.29 ? 467 SEP A O3P 1 
HETATM 1614 O O   . HOH B 2 .   ? 13.060  2.752   -3.791  1.00 10.74 ? 501 HOH A O   1 
HETATM 1615 O O   . HOH B 2 .   ? -2.462  -10.617 -10.728 1.00 19.11 ? 502 HOH A O   1 
HETATM 1616 O O   . HOH B 2 .   ? 2.530   -2.578  -11.389 1.00 13.51 ? 503 HOH A O   1 
HETATM 1617 O O   . HOH B 2 .   ? -2.989  2.044   6.413   1.00 16.81 ? 504 HOH A O   1 
HETATM 1618 O O   . HOH B 2 .   ? 4.158   3.369   8.507   1.00 16.39 ? 505 HOH A O   1 
HETATM 1619 O O   . HOH B 2 .   ? 16.735  7.624   0.152   1.00 18.76 ? 506 HOH A O   1 
HETATM 1620 O O   . HOH B 2 .   ? 14.698  -3.947  -0.437  1.00 14.39 ? 507 HOH A O   1 
HETATM 1621 O O   . HOH B 2 .   ? 18.468  -0.414  2.422   1.00 20.77 ? 508 HOH A O   1 
HETATM 1622 O O   . HOH B 2 .   ? -8.441  -7.207  2.498   1.00 17.99 ? 509 HOH A O   1 
HETATM 1623 O O   . HOH B 2 .   ? 7.861   -19.736 -8.447  1.00 20.75 ? 510 HOH A O   1 
HETATM 1624 O O   . HOH B 2 .   ? 11.974  8.854   6.988   1.00 24.46 ? 511 HOH A O   1 
HETATM 1625 O O   . HOH B 2 .   ? -4.460  -16.171 6.707   1.00 21.16 ? 512 HOH A O   1 
HETATM 1626 O O   . HOH B 2 .   ? -4.517  1.967   13.792  1.00 18.45 ? 513 HOH A O   1 
HETATM 1627 O O   . HOH B 2 .   ? 20.122  7.936   -5.938  1.00 21.97 ? 514 HOH A O   1 
HETATM 1628 O O   . HOH B 2 .   ? -7.850  -13.375 -1.319  1.00 20.38 ? 515 HOH A O   1 
HETATM 1629 O O   . HOH B 2 .   ? 17.703  10.098  0.530   1.00 23.08 ? 516 HOH A O   1 
HETATM 1630 O O   . HOH B 2 .   ? 16.468  -7.991  -7.361  1.00 17.76 ? 517 HOH A O   1 
HETATM 1631 O O   . HOH B 2 .   ? -6.548  3.487   12.948  1.00 21.45 ? 518 HOH A O   1 
HETATM 1632 O O   . HOH B 2 .   ? -16.925 0.022   11.480  1.00 20.40 ? 519 HOH A O   1 
HETATM 1633 O O   . HOH B 2 .   ? -14.368 9.409   -5.777  1.00 21.81 ? 520 HOH A O   1 
HETATM 1634 O O   . HOH B 2 .   ? -2.072  8.000   10.319  1.00 22.81 ? 521 HOH A O   1 
HETATM 1635 O O   . HOH B 2 .   ? 12.335  4.355   -14.270 1.00 24.85 ? 522 HOH A O   1 
HETATM 1636 O O   . HOH B 2 .   ? 9.511   -0.987  -21.806 1.00 25.68 ? 523 HOH A O   1 
HETATM 1637 O O   . HOH B 2 .   ? -7.987  -2.826  -5.185  1.00 20.26 ? 524 HOH A O   1 
HETATM 1638 O O   . HOH B 2 .   ? 4.755   -12.767 11.667  1.00 24.37 ? 525 HOH A O   1 
HETATM 1639 O O   . HOH B 2 .   ? 10.198  6.280   -13.905 1.00 21.02 ? 526 HOH A O   1 
HETATM 1640 O O   . HOH B 2 .   ? 4.796   -15.039 -10.603 1.00 24.94 ? 527 HOH A O   1 
HETATM 1641 O O   . HOH B 2 .   ? 11.900  3.753   11.084  1.00 23.13 ? 528 HOH A O   1 
HETATM 1642 O O   . HOH B 2 .   ? -23.038 24.099  -12.089 1.00 22.63 ? 529 HOH A O   1 
HETATM 1643 O O   . HOH B 2 .   ? 4.426   -4.417  14.406  1.00 31.66 ? 530 HOH A O   1 
HETATM 1644 O O   . HOH B 2 .   ? 5.323   -16.307 -2.147  1.00 25.46 ? 531 HOH A O   1 
HETATM 1645 O O   . HOH B 2 .   ? -6.925  -10.948 14.054  1.00 26.04 ? 532 HOH A O   1 
HETATM 1646 O O   . HOH B 2 .   ? 16.850  8.617   -11.682 1.00 25.89 ? 533 HOH A O   1 
HETATM 1647 O O   . HOH B 2 .   ? -3.694  -7.202  -13.668 1.00 27.58 ? 534 HOH A O   1 
HETATM 1648 O O   . HOH B 2 .   ? 0.006   -18.031 -0.070  1.00 26.45 ? 535 HOH A O   1 
HETATM 1649 O O   . HOH B 2 .   ? 13.154  -2.567  -19.735 1.00 23.05 ? 536 HOH A O   1 
HETATM 1650 O O   . HOH B 2 .   ? 4.832   -15.912 0.805   1.00 25.99 ? 537 HOH A O   1 
HETATM 1651 O O   . HOH B 2 .   ? 0.666   -20.311 -9.157  1.00 30.36 ? 538 HOH A O   1 
HETATM 1652 O O   . HOH B 2 .   ? 15.472  8.227   -7.073  1.00 25.42 ? 539 HOH A O   1 
HETATM 1653 O O   . HOH B 2 .   ? 5.178   -20.612 -11.199 1.00 24.93 ? 540 HOH A O   1 
HETATM 1654 O O   . HOH B 2 .   ? -9.025  2.981   15.870  1.00 27.27 ? 541 HOH A O   1 
HETATM 1655 O O   . HOH B 2 .   ? -7.293  4.962   16.395  1.00 27.66 ? 542 HOH A O   1 
HETATM 1656 O O   . HOH B 2 .   ? 9.286   9.388   8.533   1.00 22.83 ? 543 HOH A O   1 
HETATM 1657 O O   . HOH B 2 .   ? 17.466  -10.951 -1.319  1.00 22.92 ? 544 HOH A O   1 
HETATM 1658 O O   . HOH B 2 .   ? 20.764  -1.587  1.349   1.00 27.21 ? 545 HOH A O   1 
HETATM 1659 O O   . HOH B 2 .   ? 3.503   -17.263 4.505   1.00 27.88 ? 546 HOH A O   1 
HETATM 1660 O O   . HOH B 2 .   ? 17.844  -11.915 1.289   1.00 29.46 ? 547 HOH A O   1 
HETATM 1661 O O   . HOH B 2 .   ? 5.632   -16.323 6.830   1.00 36.31 ? 548 HOH A O   1 
HETATM 1662 O O   . HOH B 2 .   ? -21.585 11.090  -2.625  1.00 30.09 ? 549 HOH A O   1 
HETATM 1663 O O   . HOH B 2 .   ? 10.260  11.662  -9.161  1.00 29.76 ? 550 HOH A O   1 
HETATM 1664 O O   . HOH B 2 .   ? 10.300  -11.471 10.270  1.00 34.94 ? 551 HOH A O   1 
HETATM 1665 O O   . HOH B 2 .   ? 11.416  -13.866 -1.599  1.00 25.87 ? 552 HOH A O   1 
HETATM 1666 O O   . HOH B 2 .   ? 10.821  -8.284  13.288  1.00 29.98 ? 553 HOH A O   1 
HETATM 1667 O O   . HOH B 2 .   ? 21.690  1.161   7.850   1.00 32.70 ? 554 HOH A O   1 
HETATM 1668 O O   . HOH B 2 .   ? -2.673  -11.707 13.755  1.00 23.85 ? 555 HOH A O   1 
HETATM 1669 O O   . HOH B 2 .   ? 7.636   1.754   -20.308 1.00 25.21 ? 556 HOH A O   1 
HETATM 1670 O O   . HOH B 2 .   ? -8.041  -7.109  13.439  1.00 29.97 ? 557 HOH A O   1 
HETATM 1671 O O   . HOH B 2 .   ? 13.662  -5.196  -17.112 1.00 25.55 ? 558 HOH A O   1 
HETATM 1672 O O   . HOH B 2 .   ? -18.768 -0.853  6.929   1.00 32.56 ? 559 HOH A O   1 
HETATM 1673 O O   . HOH B 2 .   ? 0.668   5.486   2.152   1.00 31.81 ? 560 HOH A O   1 
HETATM 1674 O O   . HOH B 2 .   ? -2.692  -0.824  -5.362  1.00 36.38 ? 561 HOH A O   1 
HETATM 1675 O O   . HOH B 2 .   ? 13.307  0.582   12.111  1.00 41.79 ? 562 HOH A O   1 
HETATM 1676 O O   . HOH B 2 .   ? 24.165  -2.834  -13.208 1.00 41.42 ? 563 HOH A O   1 
HETATM 1677 O O   . HOH B 2 .   ? 12.264  5.959   8.057   1.00 32.39 ? 564 HOH A O   1 
HETATM 1678 O O   . HOH B 2 .   ? 21.587  -7.635  4.622   1.00 30.36 ? 565 HOH A O   1 
HETATM 1679 O O   . HOH B 2 .   ? -4.341  15.653  4.488   1.00 43.54 ? 566 HOH A O   1 
HETATM 1680 O O   . HOH B 2 .   ? 19.111  0.192   5.152   1.00 29.78 ? 567 HOH A O   1 
HETATM 1681 O O   . HOH B 2 .   ? 16.083  -2.061  -17.632 1.00 34.99 ? 568 HOH A O   1 
HETATM 1682 O O   . HOH B 2 .   ? 5.268   -20.255 -4.338  1.00 32.65 ? 569 HOH A O   1 
HETATM 1683 O O   . HOH B 2 .   ? 13.079  -12.792 7.466   1.00 30.22 ? 570 HOH A O   1 
HETATM 1684 O O   . HOH B 2 .   ? -10.115 9.239   -0.949  1.00 27.58 ? 571 HOH A O   1 
HETATM 1685 O O   . HOH B 2 .   ? -2.987  1.140   -7.079  1.00 37.94 ? 572 HOH A O   1 
HETATM 1686 O O   . HOH B 2 .   ? -2.761  -3.894  16.885  1.00 25.64 ? 573 HOH A O   1 
HETATM 1687 O O   . HOH B 2 .   ? -2.483  -13.966 -7.508  1.00 33.55 ? 574 HOH A O   1 
HETATM 1688 O O   . HOH B 2 .   ? -3.012  -3.353  -14.515 1.00 33.34 ? 575 HOH A O   1 
HETATM 1689 O O   . HOH B 2 .   ? -24.155 2.086   5.919   1.00 34.95 ? 576 HOH A O   1 
HETATM 1690 O O   . HOH B 2 .   ? -15.391 3.305   17.081  1.00 28.68 ? 577 HOH A O   1 
HETATM 1691 O O   . HOH B 2 .   ? -8.228  17.642  2.737   1.00 43.00 ? 578 HOH A O   1 
HETATM 1692 O O   . HOH B 2 .   ? -1.916  6.108   2.209   1.00 30.60 ? 579 HOH A O   1 
HETATM 1693 O O   . HOH B 2 .   ? 19.429  -8.548  -4.745  1.00 34.73 ? 580 HOH A O   1 
HETATM 1694 O O   . HOH B 2 .   ? 2.877   -6.607  -15.822 1.00 30.96 ? 581 HOH A O   1 
HETATM 1695 O O   . HOH B 2 .   ? -0.901  -9.805  -15.122 1.00 38.18 ? 582 HOH A O   1 
HETATM 1696 O O   . HOH B 2 .   ? 15.596  0.448   -20.209 1.00 42.00 ? 583 HOH A O   1 
HETATM 1697 O O   . HOH B 2 .   ? -11.912 -9.075  -5.354  1.00 41.84 ? 584 HOH A O   1 
HETATM 1698 O O   . HOH B 2 .   ? 18.702  -7.903  -1.822  1.00 30.23 ? 585 HOH A O   1 
HETATM 1699 O O   . HOH B 2 .   ? 20.690  -6.038  -1.397  1.00 31.20 ? 586 HOH A O   1 
HETATM 1700 O O   . HOH B 2 .   ? -8.735  -13.838 8.091   1.00 36.69 ? 587 HOH A O   1 
HETATM 1701 O O   . HOH B 2 .   ? -3.974  -0.458  -9.887  1.00 31.10 ? 588 HOH A O   1 
HETATM 1702 O O   . HOH B 2 .   ? 16.876  -10.437 4.899   1.00 34.45 ? 589 HOH A O   1 
HETATM 1703 O O   . HOH B 2 .   ? 7.346   -9.087  15.409  1.00 38.62 ? 590 HOH A O   1 
HETATM 1704 O O   . HOH B 2 .   ? 20.761  11.289  -1.383  1.00 40.52 ? 591 HOH A O   1 
HETATM 1705 O O   . HOH B 2 .   ? -26.020 8.671   0.819   1.00 41.22 ? 592 HOH A O   1 
HETATM 1706 O O   . HOH B 2 .   ? 1.236   -14.168 -11.062 1.00 43.06 ? 593 HOH A O   1 
HETATM 1707 O O   . HOH B 2 .   ? 6.814   -0.280  -19.029 1.00 34.33 ? 594 HOH A O   1 
HETATM 1708 O O   . HOH B 2 .   ? 2.313   6.619   -14.389 1.00 31.11 ? 595 HOH A O   1 
HETATM 1709 O O   . HOH B 2 .   ? -19.057 -9.221  0.899   1.00 43.12 ? 596 HOH A O   1 
HETATM 1710 O O   . HOH B 2 .   ? 18.788  -6.665  9.836   1.00 32.37 ? 597 HOH A O   1 
HETATM 1711 O O   . HOH B 2 .   ? 5.261   -9.809  -12.574 1.00 26.73 ? 598 HOH A O   1 
HETATM 1712 O O   . HOH B 2 .   ? -5.441  2.317   -7.744  1.00 22.18 ? 599 HOH A O   1 
HETATM 1713 O O   . HOH B 2 .   ? 19.150  10.055  -7.680  1.00 21.53 ? 600 HOH A O   1 
HETATM 1714 O O   . HOH B 2 .   ? -8.346  -6.459  -6.525  1.00 26.92 ? 601 HOH A O   1 
HETATM 1715 O O   . HOH B 2 .   ? 6.179   -2.965  -17.857 1.00 23.71 ? 602 HOH A O   1 
HETATM 1716 O O   . HOH B 2 .   ? 12.527  14.581  -2.558  1.00 29.19 ? 603 HOH A O   1 
HETATM 1717 O O   . HOH B 2 .   ? -0.684  -19.000 2.186   1.00 29.91 ? 604 HOH A O   1 
HETATM 1718 O O   . HOH B 2 .   ? 14.784  -6.473  -15.163 1.00 47.42 ? 605 HOH A O   1 
HETATM 1719 O O   . HOH B 2 .   ? 16.832  9.359   -9.210  1.00 21.72 ? 606 HOH A O   1 
HETATM 1720 O O   . HOH B 2 .   ? -10.635 -7.348  -6.995  1.00 32.01 ? 607 HOH A O   1 
HETATM 1721 O O   . HOH B 2 .   ? 3.547   -21.634 -9.155  1.00 30.11 ? 608 HOH A O   1 
HETATM 1722 O O   . HOH B 2 .   ? 1.100   -8.047  -12.263 1.00 36.99 ? 609 HOH A O   1 
HETATM 1723 O O   . HOH B 2 .   ? -4.984  -1.472  19.006  1.00 33.53 ? 610 HOH A O   1 
HETATM 1724 O O   . HOH B 2 .   ? -5.121  3.202   16.337  1.00 29.23 ? 611 HOH A O   1 
HETATM 1725 O O   . HOH B 2 .   ? 12.317  -7.139  -18.962 1.00 49.49 ? 612 HOH A O   1 
HETATM 1726 O O   . HOH B 2 .   ? 8.560   11.728  7.206   1.00 35.25 ? 613 HOH A O   1 
HETATM 1727 O O   . HOH B 2 .   ? 13.002  -10.140 13.644  1.00 41.35 ? 614 HOH A O   1 
HETATM 1728 O O   . HOH B 2 .   ? 9.872   5.751   -16.576 1.00 30.33 ? 615 HOH A O   1 
HETATM 1729 O O   . HOH B 2 .   ? -3.716  9.308   8.951   1.00 32.31 ? 616 HOH A O   1 
HETATM 1730 O O   . HOH B 2 .   ? -8.490  11.260  -1.270  1.00 47.43 ? 617 HOH A O   1 
HETATM 1731 O O   . HOH B 2 .   ? -9.043  1.391   18.105  1.00 30.49 ? 618 HOH A O   1 
HETATM 1732 O O   . HOH B 2 .   ? -10.861 4.874   16.553  1.00 31.18 ? 619 HOH A O   1 
HETATM 1733 O O   . HOH B 2 .   ? 15.477  10.176  -13.201 1.00 36.02 ? 620 HOH A O   1 
HETATM 1734 O O   . HOH B 2 .   ? -10.567 -8.010  13.184  1.00 36.75 ? 621 HOH A O   1 
HETATM 1735 O O   . HOH B 2 .   ? 9.944   9.618   11.176  1.00 37.84 ? 622 HOH A O   1 
HETATM 1736 O O   . HOH B 2 .   ? 15.418  -12.441 5.812   1.00 30.80 ? 623 HOH A O   1 
HETATM 1737 O O   . HOH B 2 .   ? 10.936  11.485  -11.595 1.00 38.96 ? 624 HOH A O   1 
HETATM 1738 O O   . HOH B 2 .   ? 10.423  6.393   11.470  1.00 36.52 ? 625 HOH A O   1 
HETATM 1739 O O   . HOH B 2 .   ? 15.362  -13.960 3.094   1.00 43.34 ? 626 HOH A O   1 
HETATM 1740 O O   . HOH B 2 .   ? -6.590  -14.853 0.754   1.00 28.63 ? 627 HOH A O   1 
HETATM 1741 O O   . HOH B 2 .   ? 6.056   11.075  14.712  1.00 38.63 ? 628 HOH A O   1 
HETATM 1742 O O   . HOH B 2 .   ? 1.847   7.606   -12.071 1.00 39.22 ? 629 HOH A O   1 
HETATM 1743 O O   . HOH B 2 .   ? -2.489  -15.173 -4.820  1.00 40.88 ? 630 HOH A O   1 
HETATM 1744 O O   . HOH B 2 .   ? 13.920  8.588   -15.141 1.00 36.05 ? 631 HOH A O   1 
HETATM 1745 O O   . HOH B 2 .   ? -6.302  -17.500 5.551   1.00 39.21 ? 632 HOH A O   1 
HETATM 1746 O O   . HOH B 2 .   ? -12.728 4.015   18.664  1.00 40.43 ? 633 HOH A O   1 
HETATM 1747 O O   . HOH B 2 .   ? 23.205  -2.369  -8.666  1.00 42.43 ? 634 HOH A O   1 
HETATM 1748 O O   . HOH B 2 .   ? 8.477   -6.732  14.910  1.00 50.90 ? 635 HOH A O   1 
HETATM 1749 O O   . HOH B 2 .   ? -1.508  -9.739  17.461  1.00 43.67 ? 636 HOH A O   1 
HETATM 1750 O O   . HOH B 2 .   ? 2.028   -20.940 -6.006  1.00 34.67 ? 637 HOH A O   1 
HETATM 1751 O O   . HOH B 2 .   ? 15.684  -1.125  -22.708 1.00 48.28 ? 638 HOH A O   1 
HETATM 1752 O O   . HOH B 2 .   ? -26.245 15.061  0.926   1.00 44.40 ? 639 HOH A O   1 
HETATM 1753 O O   . HOH B 2 .   ? 10.522  8.722   -14.605 1.00 32.23 ? 640 HOH A O   1 
HETATM 1754 O O   . HOH B 2 .   ? 8.971   13.166  -6.453  1.00 44.26 ? 641 HOH A O   1 
HETATM 1755 O O   . HOH B 2 .   ? -3.626  1.404   -12.459 1.00 44.77 ? 642 HOH A O   1 
HETATM 1756 O O   . HOH B 2 .   ? -22.845 9.019   -0.351  1.00 38.13 ? 643 HOH A O   1 
HETATM 1757 O O   . HOH B 2 .   ? 8.260   -16.279 -2.937  1.00 36.02 ? 644 HOH A O   1 
# 
